data_7JTQ
#
_entry.id   7JTQ
#
_cell.length_a   87.044
_cell.length_b   145.751
_cell.length_c   87.064
_cell.angle_alpha   90.000
_cell.angle_beta   109.620
_cell.angle_gamma   90.000
#
_symmetry.space_group_name_H-M   'P 1 21 1'
#
loop_
_entity.id
_entity.type
_entity.pdbx_description
1 polymer 'Complement factor B'
2 polymer 'DNA (32-MER)'
#
loop_
_entity_poly.entity_id
_entity_poly.type
_entity_poly.pdbx_seq_one_letter_code
_entity_poly.pdbx_strand_id
1 'polypeptide(L)'
;MGSNLSPQLCLMPFILGLLSGGVTTTPWSLARPQGSCSLEGVEIKGGSFRLLQEGQALEYVCPSGFYPYPVQTRTCRSTG
SWSTLKTQDQKTVRKAECRAIHCPRPHDFENGEYWPRSPYYNVSDEISFHCYDGYTLRGSANRTCQVNGRWSGQTAICDN
GAGYCSNPGIPIGTRKVGSQYRLEDSVTYHCSRGLTLRGSQRRTCQEGGSWSGTEPSCQDSFMYDTPQEVAEAFLSSLTE
TIEGVDAEDGHGPGEQQKRKIVLDPSGSMNIYLVLDGSDSIGASNFTGAKKCLVNLIEKVASYGVKPRYGLVTYATYPKI
WVKVSEADSSNADWVTKQLNEINYEDHKLKSGTNTKKALQAVYSMMSWPDDVPPEGWNRTRHVIILMTDGLHNMGGDPIT
VIDEIRDLLYIGKDRKNPREDYLDVYVFGVGPLVNQVNINALASKKDNEQHVFKVKDMENLEDVFYQMIDESQSLSLCGM
VWEHRKGTDYHKQPWQAKISVIRPSKGHESCMGAVVSEYFVLTAAHCFTVDDKEHSIKVSVGGEKRDLEIEVVLFHPNYN
INGKKEAGIPEFYDYDVALIKLKNKLKYGQTIRPICLPCTEGTTRALRLPPTTTCQQQKEELLPAQDIKALFVSEEEKKL
TRKEVYIKNGDKKGSCERDAQYAPGYDKVKDISEVVTPRFLCTGGVSPYADPNTCRGDSGGPLIVHKRSRFIQVGVISWG
VVDVCKNQKRQKQVPAHARDFHINLFQVLPWLKEKLQDEDLGFL
;
A,C
2 'polydeoxyribonucleotide'
;(OMC)(OMG)(OMC)(85Y)(OMG)(DA)(DG)(DA)(DA)(85Y)(DA)(DG)(DA)(DA)(DG)(85Y)(DA)(OMG)
(OMG)(DA)(DG)(85Y)(DA)(85Y)(DG)(DC)(85Y)(85Y)(OMG)(OMC)(OMG)(T3P)
;
B,D
#
# COMPACT_ATOMS: atom_id res chain seq x y z
N GLN A 34 2.90 -26.66 14.50
CA GLN A 34 4.30 -26.89 14.82
C GLN A 34 5.16 -25.71 14.38
N GLY A 35 6.45 -25.98 14.16
CA GLY A 35 7.36 -24.93 13.74
C GLY A 35 7.05 -24.42 12.35
N SER A 36 7.62 -23.27 12.03
CA SER A 36 7.38 -22.61 10.75
C SER A 36 8.67 -22.58 9.95
N CYS A 37 8.56 -22.07 8.72
CA CYS A 37 9.63 -22.09 7.76
C CYS A 37 9.97 -20.66 7.37
N SER A 38 11.20 -20.44 6.90
CA SER A 38 11.62 -19.13 6.46
C SER A 38 11.18 -18.89 5.02
N LEU A 39 10.65 -17.69 4.77
CA LEU A 39 10.06 -17.37 3.47
C LEU A 39 11.06 -16.77 2.49
N GLU A 40 12.34 -17.12 2.62
CA GLU A 40 13.37 -16.58 1.74
C GLU A 40 13.46 -17.44 0.49
N GLY A 41 13.03 -16.89 -0.64
CA GLY A 41 13.06 -17.61 -1.90
C GLY A 41 11.77 -18.29 -2.28
N VAL A 42 10.69 -18.07 -1.53
CA VAL A 42 9.43 -18.74 -1.86
C VAL A 42 8.68 -17.98 -2.94
N GLU A 43 8.98 -16.71 -3.14
CA GLU A 43 8.26 -15.94 -4.14
C GLU A 43 8.38 -16.59 -5.51
N ILE A 44 7.37 -16.36 -6.33
CA ILE A 44 7.23 -17.02 -7.62
C ILE A 44 7.34 -15.96 -8.70
N LYS A 45 8.06 -16.27 -9.77
CA LYS A 45 8.23 -15.32 -10.87
C LYS A 45 6.87 -14.94 -11.43
N GLY A 46 6.48 -13.68 -11.23
CA GLY A 46 5.23 -13.19 -11.76
C GLY A 46 4.00 -13.71 -11.06
N GLY A 47 4.05 -13.91 -9.76
CA GLY A 47 2.90 -14.37 -9.02
C GLY A 47 2.99 -14.00 -7.57
N SER A 48 2.05 -14.51 -6.79
CA SER A 48 2.03 -14.26 -5.36
C SER A 48 1.72 -15.58 -4.67
N PHE A 49 1.73 -15.55 -3.34
CA PHE A 49 1.45 -16.74 -2.57
C PHE A 49 0.69 -16.37 -1.31
N ARG A 50 0.01 -17.36 -0.74
CA ARG A 50 -0.74 -17.14 0.49
C ARG A 50 -0.58 -18.36 1.38
N LEU A 51 -0.28 -18.12 2.66
CA LEU A 51 -0.03 -19.19 3.61
C LEU A 51 -1.32 -19.68 4.25
N LEU A 52 -1.58 -20.98 4.15
CA LEU A 52 -2.74 -21.58 4.79
C LEU A 52 -2.29 -22.43 5.98
N GLN A 53 -3.26 -22.79 6.82
CA GLN A 53 -3.01 -23.61 8.00
C GLN A 53 -1.84 -23.12 8.85
N GLU A 54 -2.00 -22.02 9.36
CA GLU A 54 -0.99 -21.42 10.21
C GLU A 54 0.42 -21.32 9.63
N GLY A 55 0.57 -21.29 8.38
CA GLY A 55 1.87 -21.18 7.77
C GLY A 55 2.57 -22.48 7.44
N GLN A 56 1.95 -23.62 7.73
CA GLN A 56 2.55 -24.89 7.39
C GLN A 56 2.31 -25.29 5.94
N ALA A 57 1.57 -24.48 5.19
CA ALA A 57 1.30 -24.72 3.79
C ALA A 57 1.26 -23.39 3.07
N LEU A 58 1.40 -23.43 1.75
CA LEU A 58 1.31 -22.20 0.98
C LEU A 58 0.82 -22.54 -0.42
N GLU A 59 -0.04 -21.67 -0.94
CA GLU A 59 -0.53 -21.77 -2.31
C GLU A 59 0.08 -20.66 -3.16
N TYR A 60 0.37 -21.01 -4.41
CA TYR A 60 0.85 -20.08 -5.42
C TYR A 60 -0.32 -19.63 -6.29
N VAL A 61 -0.44 -18.33 -6.51
CA VAL A 61 -1.48 -17.75 -7.32
C VAL A 61 -0.84 -16.93 -8.42
N CYS A 62 -1.14 -17.27 -9.67
CA CYS A 62 -0.62 -16.61 -10.84
C CYS A 62 -1.72 -15.80 -11.52
N PRO A 63 -1.37 -14.83 -12.34
CA PRO A 63 -2.39 -14.07 -13.08
C PRO A 63 -3.25 -14.95 -13.96
N SER A 64 -4.30 -14.38 -14.53
CA SER A 64 -5.22 -15.14 -15.37
C SER A 64 -4.48 -15.68 -16.58
N GLY A 65 -4.95 -16.82 -17.08
CA GLY A 65 -4.33 -17.48 -18.20
C GLY A 65 -3.01 -18.14 -17.89
N PHE A 66 -2.47 -17.95 -16.69
CA PHE A 66 -1.21 -18.53 -16.27
C PHE A 66 -1.44 -19.52 -15.15
N TYR A 67 -0.42 -20.32 -14.89
CA TYR A 67 -0.44 -21.28 -13.80
C TYR A 67 0.94 -21.37 -13.19
N PRO A 68 1.02 -21.70 -11.91
CA PRO A 68 2.33 -21.86 -11.27
C PRO A 68 2.99 -23.16 -11.66
N TYR A 69 4.23 -23.08 -12.13
CA TYR A 69 5.16 -24.09 -12.54
C TYR A 69 6.31 -24.18 -11.55
N PRO A 70 6.67 -25.37 -11.07
CA PRO A 70 6.09 -26.65 -11.47
C PRO A 70 4.90 -27.12 -10.64
N VAL A 71 4.75 -26.59 -9.44
CA VAL A 71 3.70 -27.01 -8.53
C VAL A 71 2.99 -25.79 -7.96
N GLN A 72 1.76 -26.01 -7.50
CA GLN A 72 0.92 -24.93 -6.98
C GLN A 72 1.05 -24.75 -5.48
N THR A 73 1.36 -25.82 -4.73
CA THR A 73 1.34 -25.76 -3.29
C THR A 73 2.65 -26.31 -2.73
N ARG A 74 3.03 -25.80 -1.56
CA ARG A 74 4.22 -26.26 -0.87
C ARG A 74 3.92 -26.41 0.62
N THR A 75 4.66 -27.30 1.27
CA THR A 75 4.49 -27.60 2.68
C THR A 75 5.76 -27.27 3.44
N CYS A 76 5.61 -26.97 4.73
CA CYS A 76 6.72 -26.59 5.60
C CYS A 76 7.34 -27.87 6.15
N ARG A 77 8.58 -28.15 5.74
CA ARG A 77 9.32 -29.31 6.21
C ARG A 77 9.64 -29.19 7.69
N SER A 78 10.01 -30.31 8.29
CA SER A 78 10.52 -30.30 9.65
C SER A 78 11.97 -29.87 9.71
N THR A 79 12.55 -29.49 8.57
CA THR A 79 13.96 -29.12 8.49
C THR A 79 14.11 -27.65 8.17
N GLY A 80 13.16 -26.83 8.57
CA GLY A 80 13.26 -25.42 8.31
C GLY A 80 12.92 -25.04 6.88
N SER A 81 13.48 -25.77 5.91
CA SER A 81 13.29 -25.43 4.52
C SER A 81 11.86 -25.71 4.08
N TRP A 82 11.50 -25.22 2.90
CA TRP A 82 10.22 -25.49 2.31
C TRP A 82 10.32 -26.67 1.35
N SER A 83 9.16 -27.20 0.96
CA SER A 83 9.10 -28.28 -0.01
C SER A 83 9.86 -27.92 -1.27
N THR A 84 10.50 -28.90 -1.88
CA THR A 84 11.26 -28.63 -3.09
C THR A 84 10.33 -28.63 -4.30
N LEU A 85 10.84 -28.07 -5.38
CA LEU A 85 10.10 -27.94 -6.63
C LEU A 85 10.66 -28.93 -7.62
N LYS A 86 9.91 -29.98 -7.92
CA LYS A 86 10.27 -30.96 -8.93
C LYS A 86 9.23 -30.91 -10.04
N THR A 87 9.62 -31.41 -11.21
CA THR A 87 8.74 -31.36 -12.37
C THR A 87 8.18 -32.73 -12.70
N LYS A 91 14.50 -33.73 -10.74
CA LYS A 91 14.28 -32.60 -11.62
C LYS A 91 14.07 -31.31 -10.82
N THR A 92 14.85 -31.17 -9.76
CA THR A 92 14.66 -30.06 -8.82
C THR A 92 14.88 -28.71 -9.50
N VAL A 93 14.00 -27.77 -9.22
CA VAL A 93 14.03 -26.45 -9.83
C VAL A 93 14.45 -25.43 -8.78
N ARG A 94 15.19 -24.42 -9.23
CA ARG A 94 15.65 -23.36 -8.35
C ARG A 94 14.48 -22.67 -7.67
N LYS A 95 13.61 -22.06 -8.45
CA LYS A 95 12.59 -21.14 -7.98
C LYS A 95 11.35 -21.30 -8.83
N ALA A 96 10.21 -20.95 -8.26
CA ALA A 96 8.93 -21.15 -8.95
C ALA A 96 8.74 -20.10 -10.03
N GLU A 97 7.81 -20.38 -10.95
CA GLU A 97 7.52 -19.46 -12.04
C GLU A 97 6.03 -19.51 -12.37
N CYS A 98 5.57 -18.51 -13.11
CA CYS A 98 4.25 -18.52 -13.70
C CYS A 98 4.38 -18.70 -15.19
N ARG A 99 3.68 -19.69 -15.74
CA ARG A 99 3.80 -20.00 -17.16
C ARG A 99 2.41 -20.15 -17.77
N ALA A 100 2.34 -19.96 -19.08
CA ALA A 100 1.05 -19.91 -19.76
C ALA A 100 0.34 -21.26 -19.70
N ILE A 101 -0.99 -21.21 -19.73
CA ILE A 101 -1.83 -22.39 -19.60
C ILE A 101 -2.09 -22.98 -20.97
N HIS A 102 -2.08 -24.30 -21.05
CA HIS A 102 -2.36 -25.03 -22.27
C HIS A 102 -3.63 -25.85 -22.09
N CYS A 103 -4.42 -25.95 -23.15
CA CYS A 103 -5.63 -26.76 -23.19
C CYS A 103 -5.32 -28.13 -23.80
N PRO A 104 -5.87 -29.20 -23.24
CA PRO A 104 -5.43 -30.54 -23.63
C PRO A 104 -5.84 -30.92 -25.05
N ARG A 105 -5.16 -31.94 -25.56
CA ARG A 105 -5.51 -32.48 -26.84
C ARG A 105 -6.60 -33.53 -26.69
N PRO A 106 -7.55 -33.59 -27.61
CA PRO A 106 -8.48 -34.70 -27.63
C PRO A 106 -7.77 -36.03 -27.83
N HIS A 107 -7.82 -36.90 -26.82
CA HIS A 107 -7.15 -38.19 -26.93
C HIS A 107 -7.71 -39.02 -28.07
N ASP A 108 -9.00 -38.90 -28.34
CA ASP A 108 -9.60 -39.47 -29.54
C ASP A 108 -10.99 -38.89 -29.71
N PHE A 109 -11.52 -39.02 -30.92
CA PHE A 109 -12.82 -38.48 -31.27
C PHE A 109 -13.51 -39.47 -32.22
N GLU A 110 -14.43 -40.25 -31.67
CA GLU A 110 -15.05 -41.33 -32.43
C GLU A 110 -15.91 -40.78 -33.56
N ASN A 111 -15.89 -41.47 -34.70
CA ASN A 111 -16.80 -41.23 -35.81
C ASN A 111 -16.62 -39.84 -36.42
N GLY A 112 -15.41 -39.30 -36.41
CA GLY A 112 -15.19 -38.02 -37.03
C GLY A 112 -13.80 -37.51 -36.73
N GLU A 113 -13.54 -36.29 -37.19
CA GLU A 113 -12.24 -35.66 -37.04
C GLU A 113 -12.42 -34.25 -36.48
N TYR A 114 -11.30 -33.69 -36.01
CA TYR A 114 -11.24 -32.34 -35.48
C TYR A 114 -9.98 -31.67 -36.00
N TRP A 115 -10.04 -30.35 -36.14
CA TRP A 115 -8.82 -29.64 -36.52
C TRP A 115 -8.90 -28.16 -36.22
N PRO A 116 -7.77 -27.44 -36.15
CA PRO A 116 -6.38 -27.89 -36.29
C PRO A 116 -5.93 -28.92 -35.26
N ARG A 117 -5.17 -29.92 -35.71
CA ARG A 117 -4.65 -30.94 -34.82
C ARG A 117 -3.28 -30.53 -34.31
N SER A 118 -3.06 -30.72 -33.01
CA SER A 118 -1.83 -30.31 -32.37
C SER A 118 -1.72 -31.03 -31.04
N PRO A 119 -0.53 -31.12 -30.46
CA PRO A 119 -0.41 -31.81 -29.16
C PRO A 119 -1.00 -31.01 -28.01
N TYR A 120 -0.83 -29.70 -28.04
CA TYR A 120 -1.43 -28.80 -27.08
C TYR A 120 -1.87 -27.54 -27.78
N TYR A 121 -2.76 -26.79 -27.13
CA TYR A 121 -3.32 -25.58 -27.71
C TYR A 121 -3.15 -24.42 -26.74
N ASN A 122 -2.71 -23.29 -27.28
CA ASN A 122 -2.62 -22.08 -26.48
C ASN A 122 -4.01 -21.56 -26.16
N VAL A 123 -4.06 -20.51 -25.34
CA VAL A 123 -5.33 -19.89 -25.00
C VAL A 123 -5.88 -19.16 -26.23
N SER A 124 -7.22 -19.17 -26.35
CA SER A 124 -7.92 -18.50 -27.44
C SER A 124 -7.54 -19.09 -28.79
N ASP A 125 -7.59 -20.42 -28.83
CA ASP A 125 -7.27 -21.18 -30.04
C ASP A 125 -8.46 -22.10 -30.30
N GLU A 126 -9.30 -21.74 -31.26
CA GLU A 126 -10.50 -22.53 -31.51
C GLU A 126 -10.14 -23.80 -32.26
N ILE A 127 -11.02 -24.79 -32.14
CA ILE A 127 -10.94 -26.01 -32.92
C ILE A 127 -12.35 -26.38 -33.37
N SER A 128 -12.44 -26.89 -34.59
CA SER A 128 -13.71 -27.26 -35.19
C SER A 128 -13.78 -28.78 -35.35
N PHE A 129 -15.02 -29.28 -35.41
CA PHE A 129 -15.31 -30.69 -35.42
C PHE A 129 -16.17 -31.04 -36.61
N HIS A 130 -15.85 -32.15 -37.27
CA HIS A 130 -16.68 -32.67 -38.35
C HIS A 130 -16.88 -34.15 -38.13
N CYS A 131 -18.05 -34.64 -38.53
CA CYS A 131 -18.41 -36.03 -38.32
C CYS A 131 -18.25 -36.84 -39.61
N TYR A 132 -18.09 -38.15 -39.44
CA TYR A 132 -17.80 -39.03 -40.55
C TYR A 132 -19.02 -39.24 -41.44
N ASP A 133 -18.90 -40.17 -42.38
CA ASP A 133 -19.93 -40.42 -43.38
C ASP A 133 -21.26 -40.79 -42.73
N GLY A 134 -22.25 -39.92 -42.85
CA GLY A 134 -23.59 -40.22 -42.40
C GLY A 134 -23.87 -40.07 -40.93
N TYR A 135 -22.96 -39.46 -40.17
CA TYR A 135 -23.18 -39.29 -38.74
C TYR A 135 -23.77 -37.91 -38.46
N THR A 136 -24.27 -37.73 -37.25
CA THR A 136 -24.97 -36.53 -36.84
C THR A 136 -24.24 -35.89 -35.66
N LEU A 137 -23.98 -34.59 -35.76
CA LEU A 137 -23.20 -33.87 -34.76
C LEU A 137 -24.11 -33.22 -33.73
N ARG A 138 -23.76 -33.38 -32.46
CA ARG A 138 -24.36 -32.67 -31.37
C ARG A 138 -23.26 -32.03 -30.53
N GLY A 139 -23.62 -31.03 -29.75
CA GLY A 139 -22.64 -30.30 -28.98
C GLY A 139 -22.05 -29.17 -29.79
N SER A 140 -21.17 -28.42 -29.13
CA SER A 140 -20.53 -27.27 -29.75
C SER A 140 -19.40 -27.77 -30.67
N ALA A 141 -19.44 -27.36 -31.92
CA ALA A 141 -18.47 -27.81 -32.92
C ALA A 141 -17.44 -26.75 -33.24
N ASN A 142 -17.37 -25.67 -32.47
CA ASN A 142 -16.38 -24.62 -32.69
C ASN A 142 -15.79 -24.21 -31.36
N ARG A 143 -15.28 -25.19 -30.60
CA ARG A 143 -14.87 -24.93 -29.24
C ARG A 143 -13.61 -24.06 -29.22
N THR A 144 -13.28 -23.55 -28.04
CA THR A 144 -12.20 -22.57 -27.91
C THR A 144 -11.55 -22.71 -26.55
N CYS A 145 -10.23 -22.62 -26.52
CA CYS A 145 -9.47 -22.74 -25.27
C CYS A 145 -9.68 -21.48 -24.46
N GLN A 146 -10.45 -21.59 -23.38
CA GLN A 146 -10.71 -20.44 -22.53
C GLN A 146 -9.47 -20.07 -21.74
N VAL A 147 -9.60 -19.06 -20.90
CA VAL A 147 -8.47 -18.48 -20.18
C VAL A 147 -8.27 -19.30 -18.91
N ASN A 148 -9.05 -20.37 -18.74
CA ASN A 148 -9.02 -21.15 -17.51
C ASN A 148 -8.61 -22.59 -17.79
N GLY A 149 -7.90 -22.80 -18.89
CA GLY A 149 -7.43 -24.13 -19.24
C GLY A 149 -8.53 -25.08 -19.62
N ARG A 150 -9.72 -24.54 -19.87
CA ARG A 150 -10.86 -25.34 -20.26
C ARG A 150 -11.33 -24.90 -21.65
N TRP A 151 -12.03 -25.80 -22.33
CA TRP A 151 -12.55 -25.49 -23.65
C TRP A 151 -13.91 -24.86 -23.53
N SER A 152 -14.15 -23.85 -24.36
CA SER A 152 -15.45 -23.21 -24.39
C SER A 152 -16.48 -24.16 -24.99
N GLY A 153 -17.74 -23.89 -24.71
CA GLY A 153 -18.78 -24.72 -25.28
C GLY A 153 -18.91 -26.02 -24.53
N GLN A 154 -19.49 -27.01 -25.19
CA GLN A 154 -19.63 -28.34 -24.61
C GLN A 154 -19.24 -29.41 -25.61
N THR A 155 -19.24 -30.64 -25.12
CA THR A 155 -18.58 -31.76 -25.79
C THR A 155 -19.25 -32.10 -27.10
N ALA A 156 -18.47 -32.11 -28.17
CA ALA A 156 -18.97 -32.52 -29.48
C ALA A 156 -19.05 -34.03 -29.56
N ILE A 157 -20.14 -34.52 -30.15
CA ILE A 157 -20.42 -35.95 -30.24
C ILE A 157 -20.97 -36.25 -31.62
N CYS A 158 -20.48 -37.32 -32.23
CA CYS A 158 -21.01 -37.79 -33.50
C CYS A 158 -21.77 -39.09 -33.23
N ASP A 159 -23.06 -39.10 -33.57
CA ASP A 159 -23.94 -40.21 -33.26
C ASP A 159 -24.86 -40.45 -34.44
N ASN A 160 -25.29 -41.69 -34.62
CA ASN A 160 -26.21 -42.06 -35.68
C ASN A 160 -27.54 -42.56 -35.16
N GLY A 161 -27.52 -43.49 -34.20
CA GLY A 161 -28.73 -44.07 -33.67
C GLY A 161 -28.63 -45.58 -33.62
N ALA A 162 -27.43 -46.10 -33.86
CA ALA A 162 -27.19 -47.53 -33.97
C ALA A 162 -26.98 -48.15 -32.59
N GLY A 163 -27.45 -47.48 -31.56
CA GLY A 163 -27.38 -48.01 -30.21
C GLY A 163 -28.65 -47.69 -29.47
N TYR A 164 -28.92 -48.46 -28.42
CA TYR A 164 -30.08 -48.23 -27.57
C TYR A 164 -29.98 -46.85 -26.94
N CYS A 165 -28.94 -46.65 -26.13
CA CYS A 165 -28.65 -45.32 -25.60
C CYS A 165 -27.94 -44.48 -26.66
N SER A 166 -27.64 -43.24 -26.31
CA SER A 166 -26.95 -42.33 -27.21
C SER A 166 -25.44 -42.49 -27.08
N ASN A 167 -24.72 -41.87 -28.00
CA ASN A 167 -23.27 -41.90 -27.94
C ASN A 167 -22.79 -41.00 -26.81
N PRO A 168 -22.24 -41.58 -25.74
CA PRO A 168 -21.88 -40.76 -24.56
C PRO A 168 -20.79 -39.75 -24.84
N GLY A 169 -19.95 -39.98 -25.84
CA GLY A 169 -18.96 -39.00 -26.24
C GLY A 169 -17.71 -39.04 -25.38
N ILE A 170 -16.70 -38.33 -25.85
CA ILE A 170 -15.39 -38.28 -25.22
C ILE A 170 -15.10 -36.84 -24.84
N PRO A 171 -15.28 -36.48 -23.57
CA PRO A 171 -14.88 -35.14 -23.12
C PRO A 171 -13.40 -34.94 -23.31
N ILE A 172 -13.03 -33.78 -23.86
CA ILE A 172 -11.66 -33.47 -24.22
C ILE A 172 -10.74 -33.67 -23.02
N GLY A 173 -9.69 -34.47 -23.22
CA GLY A 173 -8.74 -34.78 -22.17
C GLY A 173 -8.95 -36.10 -21.49
N THR A 174 -10.03 -36.80 -21.81
CA THR A 174 -10.36 -38.08 -21.19
C THR A 174 -10.09 -39.20 -22.19
N ARG A 175 -10.49 -40.42 -21.82
CA ARG A 175 -10.28 -41.57 -22.69
C ARG A 175 -11.36 -42.59 -22.38
N LYS A 176 -12.22 -42.88 -23.35
CA LYS A 176 -13.32 -43.81 -23.16
C LYS A 176 -12.93 -45.21 -23.59
N VAL A 177 -13.22 -46.18 -22.74
CA VAL A 177 -12.93 -47.58 -22.99
C VAL A 177 -14.26 -48.30 -23.12
N GLY A 178 -14.56 -48.79 -24.31
CA GLY A 178 -15.86 -49.33 -24.62
C GLY A 178 -16.55 -48.48 -25.67
N SER A 179 -17.14 -49.15 -26.66
CA SER A 179 -17.77 -48.43 -27.76
C SER A 179 -19.07 -49.08 -28.17
N GLN A 180 -19.57 -50.00 -27.35
CA GLN A 180 -20.82 -50.68 -27.61
C GLN A 180 -21.90 -50.05 -26.74
N TYR A 181 -22.97 -49.59 -27.38
CA TYR A 181 -24.00 -48.80 -26.73
C TYR A 181 -25.32 -49.57 -26.62
N ARG A 182 -25.25 -50.87 -26.39
CA ARG A 182 -26.45 -51.64 -26.14
C ARG A 182 -26.83 -51.55 -24.67
N LEU A 183 -28.02 -52.04 -24.35
CA LEU A 183 -28.50 -52.02 -22.98
C LEU A 183 -27.53 -52.73 -22.05
N GLU A 184 -27.34 -52.16 -20.86
CA GLU A 184 -26.51 -52.63 -19.77
C GLU A 184 -25.03 -52.61 -20.12
N ASP A 185 -24.64 -52.18 -21.32
CA ASP A 185 -23.23 -52.16 -21.70
C ASP A 185 -22.59 -50.90 -21.14
N SER A 186 -21.35 -51.02 -20.66
CA SER A 186 -20.74 -49.96 -19.89
C SER A 186 -19.74 -49.18 -20.72
N VAL A 187 -19.34 -48.00 -20.23
CA VAL A 187 -18.20 -47.26 -20.75
C VAL A 187 -17.47 -46.62 -19.57
N THR A 188 -16.14 -46.59 -19.65
CA THR A 188 -15.33 -46.06 -18.57
C THR A 188 -14.41 -44.97 -19.10
N TYR A 189 -14.14 -43.99 -18.25
CA TYR A 189 -13.36 -42.82 -18.62
C TYR A 189 -12.11 -42.71 -17.75
N HIS A 190 -11.00 -42.33 -18.37
CA HIS A 190 -9.72 -42.23 -17.69
C HIS A 190 -9.12 -40.86 -17.96
N CYS A 191 -8.40 -40.35 -16.98
CA CYS A 191 -7.74 -39.05 -17.09
C CYS A 191 -6.23 -39.24 -17.28
N SER A 192 -5.61 -38.26 -17.93
CA SER A 192 -4.18 -38.27 -18.15
C SER A 192 -3.42 -38.21 -16.82
N ARG A 193 -2.11 -38.40 -16.86
CA ARG A 193 -1.33 -38.42 -15.64
C ARG A 193 -1.21 -37.01 -15.07
N GLY A 194 -1.40 -36.90 -13.75
CA GLY A 194 -1.35 -35.64 -13.07
C GLY A 194 -2.68 -34.92 -12.98
N LEU A 195 -3.76 -35.53 -13.44
CA LEU A 195 -5.06 -34.90 -13.48
C LEU A 195 -6.04 -35.72 -12.66
N THR A 196 -7.09 -35.05 -12.19
CA THR A 196 -8.07 -35.65 -11.30
C THR A 196 -9.42 -35.67 -12.02
N LEU A 197 -10.10 -36.80 -11.94
CA LEU A 197 -11.36 -37.00 -12.67
C LEU A 197 -12.52 -36.51 -11.82
N ARG A 198 -13.21 -35.49 -12.32
CA ARG A 198 -14.45 -35.05 -11.71
C ARG A 198 -15.63 -35.60 -12.48
N GLY A 199 -16.51 -36.32 -11.80
CA GLY A 199 -17.64 -36.92 -12.45
C GLY A 199 -17.60 -38.43 -12.39
N SER A 200 -18.17 -39.08 -13.38
CA SER A 200 -18.24 -40.53 -13.40
C SER A 200 -17.12 -41.12 -14.25
N GLN A 201 -16.57 -42.24 -13.77
CA GLN A 201 -15.62 -43.03 -14.54
C GLN A 201 -16.25 -44.33 -15.02
N ARG A 202 -17.57 -44.49 -14.87
CA ARG A 202 -18.25 -45.67 -15.38
C ARG A 202 -19.71 -45.29 -15.56
N ARG A 203 -20.18 -45.32 -16.81
CA ARG A 203 -21.56 -45.01 -17.15
C ARG A 203 -22.17 -46.23 -17.81
N THR A 204 -23.32 -46.65 -17.31
CA THR A 204 -24.04 -47.79 -17.82
C THR A 204 -25.31 -47.34 -18.53
N CYS A 205 -25.60 -47.93 -19.68
CA CYS A 205 -26.79 -47.57 -20.44
C CYS A 205 -28.01 -48.12 -19.70
N GLN A 206 -28.72 -47.25 -19.00
CA GLN A 206 -29.86 -47.65 -18.20
C GLN A 206 -31.08 -47.89 -19.09
N GLU A 207 -32.03 -48.68 -18.55
CA GLU A 207 -33.34 -48.81 -19.15
C GLU A 207 -33.90 -47.42 -19.39
N GLY A 208 -34.40 -47.15 -20.58
CA GLY A 208 -34.47 -45.77 -20.99
C GLY A 208 -33.74 -45.52 -22.29
N GLY A 209 -32.55 -44.94 -22.20
CA GLY A 209 -31.86 -44.40 -23.34
C GLY A 209 -30.98 -43.24 -22.93
N SER A 210 -31.06 -42.84 -21.67
CA SER A 210 -30.14 -41.90 -21.08
C SER A 210 -29.07 -42.65 -20.32
N TRP A 211 -27.85 -42.12 -20.32
CA TRP A 211 -26.76 -42.77 -19.63
C TRP A 211 -26.84 -42.51 -18.13
N SER A 212 -26.17 -43.36 -17.36
CA SER A 212 -26.06 -43.15 -15.92
C SER A 212 -24.89 -42.24 -15.64
N GLY A 213 -24.71 -41.89 -14.36
CA GLY A 213 -23.63 -41.04 -13.96
C GLY A 213 -23.65 -39.70 -14.67
N THR A 214 -22.53 -38.98 -14.60
CA THR A 214 -22.42 -37.67 -15.21
C THR A 214 -21.14 -37.61 -16.02
N GLU A 215 -21.16 -36.77 -17.06
CA GLU A 215 -20.03 -36.59 -17.95
C GLU A 215 -18.80 -36.17 -17.17
N PRO A 216 -17.68 -36.88 -17.30
CA PRO A 216 -16.51 -36.54 -16.51
C PRO A 216 -15.64 -35.50 -17.17
N SER A 217 -14.89 -34.79 -16.35
CA SER A 217 -13.86 -33.87 -16.78
C SER A 217 -12.62 -34.10 -15.94
N CYS A 218 -11.47 -33.76 -16.50
CA CYS A 218 -10.19 -33.87 -15.80
C CYS A 218 -9.80 -32.52 -15.25
N GLN A 219 -9.35 -32.52 -13.99
CA GLN A 219 -9.13 -31.29 -13.24
C GLN A 219 -7.66 -31.19 -12.86
N ASP A 220 -7.01 -30.14 -13.33
CA ASP A 220 -5.66 -29.85 -12.85
C ASP A 220 -5.75 -29.13 -11.51
N SER A 221 -4.62 -29.00 -10.83
CA SER A 221 -4.64 -28.53 -9.45
C SER A 221 -5.15 -27.11 -9.35
N PHE A 222 -4.56 -26.19 -10.12
CA PHE A 222 -4.91 -24.78 -10.04
C PHE A 222 -6.28 -24.47 -10.61
N MET A 223 -6.96 -25.44 -11.20
CA MET A 223 -8.21 -25.17 -11.89
C MET A 223 -9.30 -24.84 -10.89
N TYR A 224 -9.83 -23.63 -10.99
CA TYR A 224 -10.93 -23.17 -10.16
C TYR A 224 -12.13 -22.84 -11.02
N ASP A 225 -13.32 -23.01 -10.44
CA ASP A 225 -14.55 -22.65 -11.11
C ASP A 225 -14.91 -21.20 -10.79
N THR A 226 -15.44 -20.52 -11.75
CA THR A 226 -15.79 -19.13 -11.49
C THR A 226 -17.19 -19.04 -10.88
N PRO A 227 -17.41 -18.06 -10.00
CA PRO A 227 -18.71 -17.91 -9.35
C PRO A 227 -19.88 -17.90 -10.32
N GLN A 228 -19.66 -17.38 -11.52
CA GLN A 228 -20.68 -17.38 -12.55
C GLN A 228 -21.04 -18.82 -12.94
N GLU A 229 -20.02 -19.61 -13.27
CA GLU A 229 -20.25 -20.99 -13.66
C GLU A 229 -20.92 -21.78 -12.54
N VAL A 230 -20.45 -21.60 -11.32
CA VAL A 230 -20.99 -22.33 -10.19
C VAL A 230 -22.46 -21.97 -9.99
N ALA A 231 -22.76 -20.68 -10.01
CA ALA A 231 -24.13 -20.22 -9.85
C ALA A 231 -25.05 -20.82 -10.90
N GLU A 232 -24.65 -20.75 -12.16
CA GLU A 232 -25.51 -21.25 -13.23
C GLU A 232 -25.68 -22.76 -13.13
N ALA A 233 -24.58 -23.49 -12.91
CA ALA A 233 -24.64 -24.95 -12.94
C ALA A 233 -25.29 -25.49 -11.68
N PHE A 234 -25.40 -24.68 -10.64
CA PHE A 234 -26.12 -25.10 -9.45
C PHE A 234 -27.61 -24.82 -9.60
N LEU A 235 -27.95 -23.60 -10.03
CA LEU A 235 -29.34 -23.24 -10.26
C LEU A 235 -29.96 -24.23 -11.23
N SER A 236 -29.44 -24.29 -12.46
CA SER A 236 -29.82 -25.41 -13.30
C SER A 236 -29.36 -26.67 -12.58
N SER A 237 -30.17 -27.73 -12.65
CA SER A 237 -29.96 -28.99 -11.93
C SER A 237 -30.32 -28.90 -10.46
N LEU A 238 -30.61 -27.70 -9.94
CA LEU A 238 -31.50 -27.66 -8.78
C LEU A 238 -32.93 -27.50 -9.23
N THR A 239 -33.13 -26.88 -10.38
CA THR A 239 -34.43 -26.53 -10.93
C THR A 239 -34.55 -27.08 -12.34
N GLU A 240 -35.78 -27.07 -12.84
CA GLU A 240 -36.06 -27.34 -14.25
C GLU A 240 -36.74 -26.13 -14.87
N THR A 241 -36.52 -25.95 -16.16
CA THR A 241 -36.91 -24.72 -16.86
C THR A 241 -38.26 -24.92 -17.53
N ILE A 242 -39.19 -24.02 -17.23
CA ILE A 242 -40.53 -24.06 -17.79
C ILE A 242 -40.50 -23.83 -19.29
N LYS A 258 -37.98 -18.87 -17.28
CA LYS A 258 -37.79 -19.01 -15.85
C LYS A 258 -37.72 -20.48 -15.47
N ARG A 259 -37.29 -20.75 -14.23
CA ARG A 259 -37.09 -22.09 -13.72
C ARG A 259 -38.16 -22.43 -12.70
N LYS A 260 -38.11 -23.67 -12.20
CA LYS A 260 -39.03 -24.14 -11.19
C LYS A 260 -38.44 -25.37 -10.52
N ILE A 261 -38.81 -25.58 -9.26
CA ILE A 261 -38.41 -26.76 -8.50
C ILE A 261 -39.54 -27.77 -8.55
N VAL A 262 -39.22 -28.99 -8.98
CA VAL A 262 -40.22 -29.99 -9.29
C VAL A 262 -40.37 -30.92 -8.09
N LEU A 263 -41.31 -30.60 -7.21
CA LEU A 263 -41.70 -31.49 -6.13
C LEU A 263 -42.74 -32.47 -6.64
N ASP A 264 -43.39 -33.19 -5.73
CA ASP A 264 -44.36 -34.19 -6.14
C ASP A 264 -45.76 -33.80 -5.69
N PRO A 265 -46.81 -34.49 -6.17
CA PRO A 265 -48.14 -34.32 -5.57
C PRO A 265 -48.10 -34.70 -4.10
N SER A 266 -48.53 -33.77 -3.25
CA SER A 266 -48.34 -33.86 -1.80
C SER A 266 -46.85 -34.10 -1.49
N GLY A 267 -46.02 -33.40 -2.26
CA GLY A 267 -44.59 -33.54 -2.19
C GLY A 267 -43.93 -32.56 -1.25
N SER A 268 -42.81 -32.96 -0.67
CA SER A 268 -42.05 -32.13 0.24
C SER A 268 -40.58 -32.15 -0.13
N MET A 269 -39.84 -31.15 0.33
CA MET A 269 -38.40 -31.10 0.13
C MET A 269 -37.73 -30.88 1.47
N ASN A 270 -36.68 -31.65 1.74
CA ASN A 270 -35.85 -31.50 2.93
C ASN A 270 -34.46 -31.08 2.46
N ILE A 271 -33.99 -29.94 2.94
CA ILE A 271 -32.68 -29.42 2.59
C ILE A 271 -31.81 -29.42 3.83
N TYR A 272 -30.56 -29.85 3.67
CA TYR A 272 -29.64 -30.00 4.80
C TYR A 272 -28.37 -29.22 4.47
N LEU A 273 -28.05 -28.20 5.26
CA LEU A 273 -26.87 -27.40 5.04
C LEU A 273 -25.78 -27.84 6.02
N VAL A 274 -24.72 -28.45 5.50
CA VAL A 274 -23.62 -28.96 6.30
C VAL A 274 -22.41 -28.08 6.06
N LEU A 275 -21.75 -27.67 7.13
CA LEU A 275 -20.64 -26.72 7.04
C LEU A 275 -19.43 -27.22 7.81
N ASP A 276 -18.30 -27.39 7.11
CA ASP A 276 -17.03 -27.71 7.75
C ASP A 276 -16.43 -26.46 8.36
N GLY A 277 -16.76 -26.18 9.62
CA GLY A 277 -16.30 -24.96 10.26
C GLY A 277 -15.04 -25.14 11.08
N SER A 278 -14.15 -26.02 10.63
CA SER A 278 -12.89 -26.27 11.29
C SER A 278 -11.75 -25.48 10.66
N ASP A 279 -12.04 -24.69 9.64
CA ASP A 279 -11.04 -23.91 8.91
C ASP A 279 -11.70 -22.66 8.35
N SER A 280 -11.14 -22.13 7.27
CA SER A 280 -11.53 -20.85 6.70
C SER A 280 -13.04 -20.66 6.55
N ILE A 281 -13.84 -21.74 6.59
CA ILE A 281 -15.28 -21.58 6.51
C ILE A 281 -15.84 -21.02 7.80
N GLY A 282 -15.46 -21.59 8.93
CA GLY A 282 -16.00 -21.17 10.20
C GLY A 282 -15.24 -20.02 10.82
N ALA A 283 -14.63 -19.19 9.98
CA ALA A 283 -13.90 -18.02 10.45
C ALA A 283 -14.82 -16.83 10.56
N SER A 284 -14.51 -15.94 11.50
CA SER A 284 -15.32 -14.76 11.77
C SER A 284 -16.75 -15.14 12.12
N ASN A 285 -16.89 -16.22 12.87
CA ASN A 285 -18.19 -16.74 13.29
C ASN A 285 -19.09 -17.03 12.08
N PHE A 286 -18.50 -17.72 11.10
CA PHE A 286 -19.23 -18.15 9.91
C PHE A 286 -19.87 -16.96 9.19
N THR A 287 -19.17 -15.83 9.19
CA THR A 287 -19.75 -14.60 8.67
C THR A 287 -20.07 -14.71 7.19
N GLY A 288 -19.14 -15.24 6.39
CA GLY A 288 -19.38 -15.39 4.97
C GLY A 288 -20.38 -16.48 4.65
N ALA A 289 -20.19 -17.63 5.28
CA ALA A 289 -21.12 -18.73 5.10
C ALA A 289 -22.52 -18.39 5.60
N LYS A 290 -22.65 -17.38 6.44
CA LYS A 290 -23.99 -16.92 6.84
C LYS A 290 -24.67 -16.20 5.70
N LYS A 291 -23.99 -15.26 5.06
CA LYS A 291 -24.55 -14.56 3.91
C LYS A 291 -24.90 -15.55 2.81
N CYS A 292 -23.98 -16.47 2.51
CA CYS A 292 -24.20 -17.48 1.49
C CYS A 292 -25.52 -18.20 1.73
N LEU A 293 -25.71 -18.70 2.94
CA LEU A 293 -26.88 -19.52 3.22
C LEU A 293 -28.14 -18.69 3.34
N VAL A 294 -28.04 -17.44 3.79
CA VAL A 294 -29.21 -16.56 3.80
C VAL A 294 -29.72 -16.37 2.38
N ASN A 295 -28.82 -16.04 1.46
CA ASN A 295 -29.23 -15.86 0.07
C ASN A 295 -29.70 -17.16 -0.55
N LEU A 296 -29.15 -18.29 -0.15
CA LEU A 296 -29.64 -19.57 -0.66
C LEU A 296 -31.06 -19.85 -0.19
N ILE A 297 -31.32 -19.64 1.10
CA ILE A 297 -32.68 -19.84 1.63
C ILE A 297 -33.66 -18.91 0.94
N GLU A 298 -33.27 -17.65 0.76
CA GLU A 298 -34.13 -16.69 0.06
C GLU A 298 -34.43 -17.16 -1.35
N LYS A 299 -33.38 -17.43 -2.13
CA LYS A 299 -33.57 -17.82 -3.52
C LYS A 299 -34.41 -19.08 -3.66
N VAL A 300 -34.26 -20.02 -2.74
CA VAL A 300 -35.07 -21.24 -2.83
C VAL A 300 -36.50 -20.98 -2.41
N ALA A 301 -36.71 -20.04 -1.48
CA ALA A 301 -38.08 -19.69 -1.12
C ALA A 301 -38.78 -18.97 -2.26
N SER A 302 -38.03 -18.26 -3.11
CA SER A 302 -38.63 -17.52 -4.21
C SER A 302 -39.37 -18.43 -5.18
N TYR A 303 -39.06 -19.72 -5.19
CA TYR A 303 -39.69 -20.61 -6.15
C TYR A 303 -41.01 -21.18 -5.67
N GLY A 304 -41.61 -20.61 -4.64
CA GLY A 304 -42.93 -21.04 -4.21
C GLY A 304 -42.96 -22.36 -3.49
N VAL A 305 -41.87 -22.73 -2.82
CA VAL A 305 -41.82 -23.98 -2.07
C VAL A 305 -41.49 -23.67 -0.63
N LYS A 306 -42.00 -24.51 0.26
CA LYS A 306 -41.76 -24.39 1.70
C LYS A 306 -41.08 -25.68 2.14
N PRO A 307 -39.75 -25.73 2.13
CA PRO A 307 -39.03 -26.94 2.49
C PRO A 307 -38.64 -26.98 3.96
N ARG A 308 -38.47 -28.18 4.46
CA ARG A 308 -37.98 -28.38 5.81
C ARG A 308 -36.46 -28.26 5.79
N TYR A 309 -35.92 -27.37 6.61
CA TYR A 309 -34.49 -27.11 6.63
C TYR A 309 -33.82 -27.79 7.80
N GLY A 310 -32.57 -28.16 7.59
CA GLY A 310 -31.71 -28.62 8.66
C GLY A 310 -30.37 -27.95 8.51
N LEU A 311 -29.75 -27.68 9.66
CA LEU A 311 -28.52 -26.90 9.67
C LEU A 311 -27.53 -27.58 10.59
N VAL A 312 -26.33 -27.86 10.08
CA VAL A 312 -25.31 -28.59 10.84
C VAL A 312 -23.97 -27.92 10.59
N THR A 313 -23.26 -27.60 11.65
CA THR A 313 -21.85 -27.27 11.55
C THR A 313 -21.03 -28.41 12.10
N TYR A 314 -19.76 -28.46 11.75
CA TYR A 314 -18.93 -29.51 12.32
C TYR A 314 -17.46 -29.12 12.24
N ALA A 315 -16.80 -29.12 13.40
CA ALA A 315 -15.35 -29.11 13.42
C ALA A 315 -14.82 -30.53 13.61
N THR A 316 -15.14 -31.14 14.73
CA THR A 316 -14.74 -32.49 15.10
C THR A 316 -15.89 -33.30 15.53
N TYR A 317 -16.91 -32.55 15.88
CA TYR A 317 -18.20 -33.05 16.31
C TYR A 317 -19.25 -32.32 15.50
N PRO A 318 -20.37 -32.97 15.18
CA PRO A 318 -21.47 -32.26 14.52
C PRO A 318 -22.31 -31.51 15.55
N LYS A 319 -22.46 -30.21 15.34
CA LYS A 319 -23.37 -29.38 16.11
C LYS A 319 -24.61 -29.13 15.27
N ILE A 320 -25.77 -29.42 15.86
CA ILE A 320 -27.05 -29.42 15.17
C ILE A 320 -27.85 -28.23 15.68
N TRP A 321 -28.12 -27.27 14.79
CA TRP A 321 -28.86 -26.07 15.17
C TRP A 321 -30.34 -26.22 14.85
N VAL A 322 -30.65 -26.50 13.59
CA VAL A 322 -32.02 -26.67 13.14
C VAL A 322 -32.20 -28.12 12.72
N LYS A 323 -33.27 -28.74 13.22
CA LYS A 323 -33.63 -30.10 12.89
C LYS A 323 -34.95 -30.08 12.11
N VAL A 324 -35.06 -31.00 11.14
CA VAL A 324 -36.20 -30.97 10.24
C VAL A 324 -37.49 -31.32 10.95
N SER A 325 -37.40 -31.86 12.17
CA SER A 325 -38.61 -32.22 12.91
C SER A 325 -39.20 -31.03 13.66
N GLU A 326 -38.43 -29.99 13.94
CA GLU A 326 -38.98 -28.79 14.53
C GLU A 326 -40.01 -28.18 13.61
N ALA A 327 -41.16 -27.80 14.16
CA ALA A 327 -42.25 -27.29 13.36
C ALA A 327 -41.91 -25.99 12.64
N ASP A 328 -40.88 -25.27 13.10
CA ASP A 328 -40.44 -24.05 12.46
C ASP A 328 -39.35 -24.28 11.43
N SER A 329 -39.10 -25.52 11.05
CA SER A 329 -38.07 -25.87 10.09
C SER A 329 -38.48 -25.54 8.66
N SER A 330 -39.76 -25.30 8.40
CA SER A 330 -40.21 -24.80 7.11
C SER A 330 -40.41 -23.29 7.10
N ASN A 331 -40.39 -22.67 8.27
CA ASN A 331 -40.47 -21.21 8.38
C ASN A 331 -39.12 -20.64 7.97
N ALA A 332 -38.99 -20.27 6.70
CA ALA A 332 -37.73 -19.83 6.15
C ALA A 332 -37.04 -18.76 6.97
N ASP A 333 -37.77 -17.78 7.48
CA ASP A 333 -37.11 -16.74 8.25
C ASP A 333 -36.77 -17.18 9.67
N TRP A 334 -37.50 -18.13 10.24
CA TRP A 334 -37.02 -18.74 11.48
C TRP A 334 -35.67 -19.40 11.26
N VAL A 335 -35.53 -20.14 10.17
CA VAL A 335 -34.27 -20.78 9.83
C VAL A 335 -33.19 -19.73 9.62
N THR A 336 -33.52 -18.63 8.96
CA THR A 336 -32.53 -17.57 8.75
C THR A 336 -32.10 -16.94 10.06
N LYS A 337 -33.05 -16.70 10.96
CA LYS A 337 -32.76 -16.12 12.25
C LYS A 337 -31.87 -17.03 13.06
N GLN A 338 -32.12 -18.35 13.00
CA GLN A 338 -31.30 -19.31 13.73
C GLN A 338 -29.94 -19.49 13.08
N LEU A 339 -29.87 -19.30 11.76
CA LEU A 339 -28.59 -19.41 11.08
C LEU A 339 -27.68 -18.25 11.42
N ASN A 340 -28.23 -17.04 11.47
CA ASN A 340 -27.43 -15.88 11.82
C ASN A 340 -26.99 -15.93 13.29
N GLU A 341 -27.29 -17.04 13.95
CA GLU A 341 -27.07 -17.19 15.39
C GLU A 341 -26.07 -18.30 15.71
N ILE A 342 -25.26 -18.71 14.74
CA ILE A 342 -24.33 -19.82 14.94
C ILE A 342 -22.98 -19.24 15.34
N ASN A 343 -22.21 -20.05 16.05
CA ASN A 343 -20.99 -19.57 16.69
C ASN A 343 -19.94 -20.67 16.72
N TYR A 344 -18.68 -20.25 16.74
CA TYR A 344 -17.54 -21.14 16.90
C TYR A 344 -16.98 -20.93 18.30
N GLU A 345 -16.90 -21.99 19.10
CA GLU A 345 -17.24 -23.34 18.69
C GLU A 345 -18.39 -23.88 19.52
N GLY A 352 -9.77 -31.28 14.83
CA GLY A 352 -9.64 -32.09 13.63
C GLY A 352 -10.97 -32.36 12.96
N THR A 353 -11.00 -32.20 11.64
CA THR A 353 -12.24 -32.31 10.88
C THR A 353 -12.73 -33.75 10.75
N ASN A 354 -13.98 -34.00 11.15
CA ASN A 354 -14.58 -35.32 11.04
C ASN A 354 -15.93 -35.17 10.34
N THR A 355 -16.02 -35.69 9.11
CA THR A 355 -17.17 -35.52 8.27
C THR A 355 -18.22 -36.61 8.45
N LYS A 356 -17.77 -37.85 8.65
CA LYS A 356 -18.68 -38.96 8.87
C LYS A 356 -19.71 -38.66 9.93
N LYS A 357 -19.33 -37.98 11.01
CA LYS A 357 -20.29 -37.66 12.05
C LYS A 357 -21.35 -36.68 11.54
N ALA A 358 -20.95 -35.73 10.71
CA ALA A 358 -21.90 -34.79 10.16
C ALA A 358 -22.90 -35.49 9.24
N LEU A 359 -22.40 -36.32 8.35
CA LEU A 359 -23.29 -37.07 7.48
C LEU A 359 -24.16 -38.05 8.24
N GLN A 360 -23.69 -38.57 9.37
CA GLN A 360 -24.53 -39.42 10.20
C GLN A 360 -25.57 -38.63 10.96
N ALA A 361 -25.29 -37.38 11.32
CA ALA A 361 -26.32 -36.52 11.87
C ALA A 361 -27.40 -36.25 10.85
N VAL A 362 -27.00 -36.02 9.60
CA VAL A 362 -27.98 -35.90 8.53
C VAL A 362 -28.78 -37.18 8.38
N TYR A 363 -28.13 -38.33 8.49
CA TYR A 363 -28.83 -39.60 8.40
C TYR A 363 -29.81 -39.80 9.55
N SER A 364 -29.44 -39.38 10.76
CA SER A 364 -30.36 -39.43 11.88
C SER A 364 -31.55 -38.51 11.70
N MET A 365 -31.35 -37.34 11.08
CA MET A 365 -32.49 -36.56 10.65
C MET A 365 -33.37 -37.35 9.69
N MET A 366 -32.76 -38.03 8.72
CA MET A 366 -33.54 -38.76 7.73
C MET A 366 -34.30 -39.93 8.34
N SER A 367 -33.64 -40.68 9.22
CA SER A 367 -34.21 -41.92 9.71
C SER A 367 -35.47 -41.67 10.53
N TRP A 368 -36.31 -42.69 10.60
CA TRP A 368 -37.55 -42.57 11.35
C TRP A 368 -37.67 -43.68 12.38
N PRO A 369 -38.36 -43.40 13.50
CA PRO A 369 -38.59 -44.35 14.59
C PRO A 369 -40.05 -44.76 14.68
N ASP A 370 -40.60 -45.25 13.57
CA ASP A 370 -42.00 -45.68 13.55
C ASP A 370 -42.10 -47.20 13.45
N ASP A 371 -43.27 -47.68 13.01
CA ASP A 371 -43.51 -49.10 12.87
C ASP A 371 -44.39 -49.40 11.67
N VAL A 372 -43.79 -49.47 10.48
CA VAL A 372 -42.34 -49.27 10.34
C VAL A 372 -42.04 -47.89 9.77
N PRO A 373 -42.65 -47.56 8.62
CA PRO A 373 -42.46 -46.26 7.97
C PRO A 373 -43.58 -45.29 8.29
N PRO A 374 -43.35 -43.99 8.08
CA PRO A 374 -44.35 -42.95 8.33
C PRO A 374 -45.16 -42.66 7.06
N GLU A 375 -45.83 -41.52 7.00
CA GLU A 375 -46.60 -41.20 5.81
C GLU A 375 -45.79 -40.35 4.84
N GLY A 376 -45.91 -40.67 3.56
CA GLY A 376 -45.28 -39.85 2.54
C GLY A 376 -43.77 -39.91 2.57
N TRP A 377 -43.21 -41.05 2.95
CA TRP A 377 -41.76 -41.21 2.89
C TRP A 377 -41.26 -41.25 1.45
N ASN A 378 -42.07 -41.77 0.54
CA ASN A 378 -41.67 -41.94 -0.85
C ASN A 378 -42.05 -40.75 -1.73
N ARG A 379 -42.36 -39.60 -1.12
CA ARG A 379 -42.67 -38.39 -1.88
C ARG A 379 -41.74 -37.24 -1.54
N THR A 380 -40.87 -37.40 -0.55
CA THR A 380 -40.00 -36.34 -0.08
C THR A 380 -38.67 -36.40 -0.83
N ARG A 381 -38.18 -35.25 -1.26
CA ARG A 381 -36.93 -35.14 -1.99
C ARG A 381 -35.90 -34.47 -1.11
N HIS A 382 -34.73 -35.09 -0.97
CA HIS A 382 -33.71 -34.63 -0.04
C HIS A 382 -32.53 -34.04 -0.78
N VAL A 383 -32.07 -32.89 -0.30
CA VAL A 383 -30.96 -32.15 -0.86
C VAL A 383 -29.95 -31.92 0.25
N ILE A 384 -28.69 -32.23 0.00
CA ILE A 384 -27.62 -32.09 0.98
C ILE A 384 -26.57 -31.18 0.41
N ILE A 385 -26.47 -29.96 0.93
CA ILE A 385 -25.52 -28.97 0.45
C ILE A 385 -24.40 -28.91 1.47
N LEU A 386 -23.23 -29.41 1.09
CA LEU A 386 -22.07 -29.50 1.98
C LEU A 386 -21.01 -28.52 1.51
N MET A 387 -20.57 -27.65 2.40
CA MET A 387 -19.52 -26.68 2.11
C MET A 387 -18.33 -27.01 2.97
N THR A 388 -17.20 -27.31 2.34
CA THR A 388 -15.97 -27.62 3.05
C THR A 388 -14.79 -26.94 2.38
N ASP A 389 -13.68 -26.89 3.10
CA ASP A 389 -12.42 -26.40 2.57
C ASP A 389 -11.26 -27.30 2.90
N GLY A 390 -11.48 -28.33 3.71
CA GLY A 390 -10.49 -29.34 4.03
C GLY A 390 -10.89 -30.66 3.42
N LEU A 391 -11.53 -31.49 4.23
CA LEU A 391 -12.04 -32.79 3.82
C LEU A 391 -10.93 -33.76 3.48
N HIS A 392 -10.03 -33.95 4.44
CA HIS A 392 -9.23 -35.15 4.52
C HIS A 392 -10.00 -36.08 5.45
N ASN A 393 -10.64 -37.10 4.87
CA ASN A 393 -11.72 -37.83 5.54
C ASN A 393 -11.15 -38.73 6.61
N MET A 394 -10.87 -38.12 7.77
CA MET A 394 -10.51 -38.84 8.97
C MET A 394 -11.76 -39.05 9.84
N GLY A 395 -11.61 -39.88 10.87
CA GLY A 395 -12.76 -40.29 11.66
C GLY A 395 -13.61 -41.36 11.03
N GLY A 396 -13.21 -41.85 9.86
CA GLY A 396 -13.95 -42.87 9.15
C GLY A 396 -14.12 -42.53 7.69
N ASP A 397 -14.72 -43.47 6.96
CA ASP A 397 -14.96 -43.30 5.53
C ASP A 397 -16.41 -42.89 5.32
N PRO A 398 -16.69 -41.62 4.99
CA PRO A 398 -18.08 -41.15 4.97
C PRO A 398 -18.88 -41.58 3.76
N ILE A 399 -18.31 -42.35 2.83
CA ILE A 399 -19.09 -42.83 1.71
C ILE A 399 -20.16 -43.80 2.18
N THR A 400 -19.81 -44.66 3.12
CA THR A 400 -20.73 -45.63 3.68
C THR A 400 -22.00 -44.95 4.19
N VAL A 401 -21.87 -43.70 4.67
CA VAL A 401 -23.03 -42.98 5.16
C VAL A 401 -23.96 -42.63 4.00
N ILE A 402 -23.38 -42.21 2.88
CA ILE A 402 -24.20 -41.89 1.72
C ILE A 402 -24.89 -43.13 1.20
N ASP A 403 -24.21 -44.27 1.25
CA ASP A 403 -24.85 -45.50 0.81
C ASP A 403 -25.93 -45.97 1.77
N GLU A 404 -25.73 -45.80 3.07
CA GLU A 404 -26.80 -46.06 4.03
C GLU A 404 -28.00 -45.17 3.77
N ILE A 405 -27.75 -43.90 3.45
CA ILE A 405 -28.83 -42.98 3.13
C ILE A 405 -29.60 -43.46 1.92
N ARG A 406 -28.88 -43.77 0.84
CA ARG A 406 -29.54 -44.26 -0.37
C ARG A 406 -30.31 -45.54 -0.11
N ASP A 407 -29.83 -46.37 0.82
CA ASP A 407 -30.56 -47.54 1.25
C ASP A 407 -31.88 -47.12 1.88
N LEU A 408 -31.82 -46.20 2.83
CA LEU A 408 -33.01 -45.77 3.55
C LEU A 408 -34.04 -45.12 2.65
N LEU A 409 -33.61 -44.41 1.61
CA LEU A 409 -34.53 -43.74 0.70
C LEU A 409 -35.07 -44.68 -0.36
N TYR A 410 -34.66 -45.95 -0.35
CA TYR A 410 -35.03 -46.91 -1.38
C TYR A 410 -34.60 -46.40 -2.75
N ILE A 411 -33.33 -46.06 -2.88
CA ILE A 411 -32.77 -45.51 -4.11
C ILE A 411 -31.76 -46.50 -4.67
N GLY A 412 -31.96 -46.88 -5.93
CA GLY A 412 -31.11 -47.87 -6.55
C GLY A 412 -31.41 -49.27 -6.05
N LYS A 413 -32.69 -49.56 -5.88
CA LYS A 413 -33.11 -50.88 -5.42
C LYS A 413 -34.23 -51.41 -6.31
N ASP A 414 -34.26 -50.95 -7.56
CA ASP A 414 -35.33 -51.30 -8.46
C ASP A 414 -34.91 -50.90 -9.87
N ARG A 415 -35.72 -51.27 -10.83
CA ARG A 415 -35.43 -51.05 -12.23
C ARG A 415 -36.41 -50.09 -12.89
N LYS A 416 -37.69 -50.13 -12.52
CA LYS A 416 -38.66 -49.14 -12.96
C LYS A 416 -38.87 -48.04 -11.92
N ASN A 417 -38.23 -48.15 -10.75
CA ASN A 417 -38.28 -47.13 -9.72
C ASN A 417 -36.89 -46.94 -9.13
N PRO A 418 -35.98 -46.33 -9.89
CA PRO A 418 -34.65 -46.06 -9.33
C PRO A 418 -34.65 -44.96 -8.31
N ARG A 419 -35.57 -44.01 -8.41
CA ARG A 419 -35.77 -42.96 -7.42
C ARG A 419 -34.56 -42.05 -7.26
N GLU A 420 -33.75 -41.91 -8.31
CA GLU A 420 -32.58 -41.05 -8.20
C GLU A 420 -32.96 -39.58 -8.12
N ASP A 421 -34.21 -39.23 -8.45
CA ASP A 421 -34.65 -37.85 -8.35
C ASP A 421 -34.76 -37.38 -6.91
N TYR A 422 -34.80 -38.31 -5.97
CA TYR A 422 -35.13 -37.98 -4.58
C TYR A 422 -33.92 -37.80 -3.70
N LEU A 423 -32.72 -37.71 -4.28
CA LEU A 423 -31.52 -37.45 -3.48
C LEU A 423 -30.54 -36.66 -4.33
N ASP A 424 -30.25 -35.44 -3.89
CA ASP A 424 -29.23 -34.61 -4.50
C ASP A 424 -28.18 -34.30 -3.43
N VAL A 425 -26.90 -34.45 -3.79
CA VAL A 425 -25.80 -34.08 -2.90
C VAL A 425 -24.91 -33.12 -3.66
N TYR A 426 -24.75 -31.91 -3.14
CA TYR A 426 -23.92 -30.86 -3.71
C TYR A 426 -22.77 -30.60 -2.79
N VAL A 427 -21.57 -30.43 -3.34
CA VAL A 427 -20.37 -30.15 -2.55
C VAL A 427 -19.70 -28.91 -3.10
N PHE A 428 -19.39 -27.98 -2.22
CA PHE A 428 -18.64 -26.77 -2.52
C PHE A 428 -17.32 -26.84 -1.77
N GLY A 429 -16.23 -27.04 -2.49
CA GLY A 429 -14.91 -27.05 -1.92
C GLY A 429 -14.28 -25.68 -2.07
N VAL A 430 -13.55 -25.27 -1.03
CA VAL A 430 -12.93 -23.95 -0.98
C VAL A 430 -11.44 -24.13 -0.76
N GLY A 431 -10.64 -23.43 -1.54
CA GLY A 431 -9.21 -23.43 -1.33
C GLY A 431 -8.51 -24.50 -2.12
N PRO A 432 -7.19 -24.48 -2.10
CA PRO A 432 -6.42 -25.49 -2.82
C PRO A 432 -6.26 -26.79 -2.06
N LEU A 433 -6.48 -26.74 -0.75
CA LEU A 433 -6.26 -27.90 0.11
C LEU A 433 -7.44 -28.85 0.12
N VAL A 434 -8.43 -28.64 -0.73
CA VAL A 434 -9.58 -29.54 -0.75
C VAL A 434 -9.24 -30.77 -1.57
N ASN A 435 -9.76 -31.91 -1.15
CA ASN A 435 -9.47 -33.18 -1.82
C ASN A 435 -10.46 -33.34 -2.97
N GLN A 436 -9.95 -33.15 -4.20
CA GLN A 436 -10.80 -33.19 -5.37
C GLN A 436 -11.51 -34.53 -5.53
N VAL A 437 -10.98 -35.59 -4.92
CA VAL A 437 -11.56 -36.92 -5.08
C VAL A 437 -12.62 -37.18 -4.04
N ASN A 438 -12.37 -36.77 -2.79
CA ASN A 438 -13.32 -37.03 -1.73
C ASN A 438 -14.60 -36.25 -1.94
N ILE A 439 -14.50 -35.01 -2.42
CA ILE A 439 -15.69 -34.21 -2.65
C ILE A 439 -16.48 -34.77 -3.81
N ASN A 440 -15.79 -35.29 -4.83
CA ASN A 440 -16.50 -35.87 -5.96
C ASN A 440 -17.15 -37.19 -5.63
N ALA A 441 -16.58 -37.94 -4.67
CA ALA A 441 -17.20 -39.20 -4.29
C ALA A 441 -18.48 -38.98 -3.53
N LEU A 442 -18.54 -37.90 -2.75
CA LEU A 442 -19.75 -37.59 -1.98
C LEU A 442 -20.85 -37.07 -2.90
N ALA A 443 -20.53 -36.08 -3.72
CA ALA A 443 -21.50 -35.45 -4.60
C ALA A 443 -22.20 -36.47 -5.48
N SER A 444 -23.33 -36.07 -6.06
CA SER A 444 -24.08 -36.96 -6.92
C SER A 444 -23.63 -36.81 -8.36
N LYS A 445 -24.07 -37.77 -9.19
CA LYS A 445 -23.73 -37.80 -10.60
C LYS A 445 -25.03 -37.96 -11.37
N LYS A 446 -25.48 -36.90 -12.02
CA LYS A 446 -26.69 -36.91 -12.80
C LYS A 446 -26.38 -36.45 -14.22
N ASP A 447 -27.07 -37.03 -15.19
CA ASP A 447 -26.85 -36.67 -16.59
C ASP A 447 -27.21 -35.21 -16.82
N ASN A 448 -26.29 -34.48 -17.46
CA ASN A 448 -26.48 -33.08 -17.82
C ASN A 448 -26.51 -32.18 -16.60
N GLU A 449 -26.01 -32.67 -15.47
CA GLU A 449 -26.00 -31.91 -14.23
C GLU A 449 -24.61 -31.94 -13.61
N GLN A 450 -24.26 -30.86 -12.92
CA GLN A 450 -23.02 -30.79 -12.16
C GLN A 450 -23.33 -30.61 -10.69
N HIS A 451 -22.62 -31.35 -9.84
CA HIS A 451 -22.85 -31.28 -8.40
C HIS A 451 -21.61 -31.01 -7.58
N VAL A 452 -20.42 -30.98 -8.17
CA VAL A 452 -19.20 -30.69 -7.42
C VAL A 452 -18.65 -29.37 -7.91
N PHE A 453 -18.17 -28.56 -6.98
CA PHE A 453 -17.60 -27.28 -7.35
C PHE A 453 -16.38 -27.02 -6.48
N LYS A 454 -15.39 -26.33 -7.05
CA LYS A 454 -14.20 -25.92 -6.31
C LYS A 454 -13.94 -24.46 -6.61
N VAL A 455 -13.99 -23.63 -5.57
CA VAL A 455 -13.79 -22.20 -5.69
C VAL A 455 -12.60 -21.81 -4.83
N LYS A 456 -12.11 -20.59 -5.04
CA LYS A 456 -10.78 -20.26 -4.58
C LYS A 456 -10.75 -19.59 -3.22
N ASP A 457 -11.74 -18.76 -2.90
CA ASP A 457 -11.87 -18.14 -1.60
C ASP A 457 -13.25 -18.41 -1.03
N MET A 458 -13.47 -17.94 0.19
CA MET A 458 -14.83 -17.79 0.68
C MET A 458 -15.50 -16.58 0.05
N GLU A 459 -14.72 -15.60 -0.40
CA GLU A 459 -15.27 -14.47 -1.12
C GLU A 459 -15.95 -14.91 -2.40
N ASN A 460 -15.33 -15.83 -3.13
CA ASN A 460 -15.95 -16.35 -4.35
C ASN A 460 -17.19 -17.17 -4.03
N LEU A 461 -17.19 -17.89 -2.91
CA LEU A 461 -18.40 -18.62 -2.54
C LEU A 461 -19.53 -17.66 -2.17
N GLU A 462 -19.19 -16.51 -1.61
CA GLU A 462 -20.20 -15.48 -1.38
C GLU A 462 -20.74 -14.96 -2.71
N ASP A 463 -19.84 -14.63 -3.63
CA ASP A 463 -20.23 -14.10 -4.93
C ASP A 463 -21.08 -15.08 -5.71
N VAL A 464 -20.91 -16.39 -5.48
CA VAL A 464 -21.77 -17.38 -6.11
C VAL A 464 -23.23 -17.10 -5.81
N PHE A 465 -23.57 -16.99 -4.53
CA PHE A 465 -24.96 -16.81 -4.14
C PHE A 465 -25.43 -15.38 -4.32
N TYR A 466 -24.53 -14.40 -4.30
CA TYR A 466 -24.89 -13.06 -4.75
C TYR A 466 -25.37 -13.10 -6.19
N GLN A 467 -24.61 -13.77 -7.05
CA GLN A 467 -24.99 -13.91 -8.45
C GLN A 467 -26.30 -14.66 -8.59
N MET A 468 -26.50 -15.71 -7.79
CA MET A 468 -27.75 -16.45 -7.83
C MET A 468 -28.94 -15.59 -7.43
N ILE A 469 -28.78 -14.76 -6.40
CA ILE A 469 -29.85 -13.83 -6.01
C ILE A 469 -30.11 -12.78 -7.08
N ASP A 470 -29.05 -12.27 -7.71
CA ASP A 470 -29.21 -11.25 -8.72
C ASP A 470 -29.86 -11.75 -10.00
N GLU A 471 -30.15 -13.05 -10.10
CA GLU A 471 -30.54 -13.66 -11.37
C GLU A 471 -31.76 -13.03 -12.01
N SER A 472 -32.84 -12.89 -11.25
CA SER A 472 -34.13 -12.51 -11.82
C SER A 472 -34.61 -11.17 -11.25
N GLN A 473 -33.68 -10.21 -11.17
CA GLN A 473 -34.06 -8.87 -10.75
C GLN A 473 -34.69 -8.10 -11.90
N SER A 474 -33.91 -7.83 -12.93
CA SER A 474 -34.38 -7.09 -14.09
C SER A 474 -33.29 -7.05 -15.14
N LEU A 475 -33.63 -6.43 -16.26
CA LEU A 475 -32.65 -6.07 -17.27
C LEU A 475 -32.04 -4.71 -17.03
N SER A 476 -32.59 -3.95 -16.09
CA SER A 476 -32.05 -2.63 -15.76
C SER A 476 -31.11 -2.68 -14.57
N LEU A 477 -30.86 -3.86 -14.01
CA LEU A 477 -29.85 -4.02 -12.99
C LEU A 477 -28.48 -3.75 -13.60
N CYS A 478 -27.79 -2.72 -13.11
CA CYS A 478 -26.53 -2.33 -13.71
C CYS A 478 -25.45 -3.39 -13.44
N GLY A 479 -24.53 -3.50 -14.38
CA GLY A 479 -23.37 -4.36 -14.20
C GLY A 479 -23.69 -5.82 -13.99
N MET A 480 -24.81 -6.29 -14.54
CA MET A 480 -25.24 -7.67 -14.34
C MET A 480 -24.95 -8.46 -15.61
N VAL A 481 -24.26 -9.57 -15.45
CA VAL A 481 -24.03 -10.52 -16.52
C VAL A 481 -24.31 -11.91 -15.98
N TRP A 482 -25.25 -12.61 -16.58
CA TRP A 482 -25.46 -14.01 -16.32
C TRP A 482 -24.73 -14.80 -17.40
N GLU A 483 -23.68 -15.51 -17.00
CA GLU A 483 -22.91 -16.32 -17.93
C GLU A 483 -23.73 -17.55 -18.27
N HIS A 484 -24.08 -17.69 -19.53
CA HIS A 484 -25.02 -18.69 -20.00
C HIS A 484 -24.28 -19.91 -20.56
N ARG A 485 -25.03 -20.85 -21.12
CA ARG A 485 -24.50 -22.03 -21.77
C ARG A 485 -24.14 -21.80 -23.23
N LYS A 486 -24.79 -20.84 -23.89
CA LYS A 486 -24.71 -20.65 -25.32
C LYS A 486 -24.47 -19.18 -25.67
N GLY A 487 -23.51 -18.56 -24.99
CA GLY A 487 -23.33 -17.11 -25.09
C GLY A 487 -22.20 -16.70 -26.01
N THR A 488 -22.42 -15.59 -26.72
CA THR A 488 -21.45 -15.02 -27.64
C THR A 488 -20.65 -13.93 -26.90
N ASP A 489 -19.91 -13.11 -27.65
CA ASP A 489 -19.04 -12.11 -27.05
C ASP A 489 -19.83 -11.03 -26.33
N TYR A 490 -20.71 -10.35 -27.03
CA TYR A 490 -21.43 -9.24 -26.43
C TYR A 490 -22.47 -9.69 -25.40
N HIS A 491 -22.67 -10.99 -25.23
CA HIS A 491 -23.45 -11.46 -24.09
C HIS A 491 -22.72 -11.16 -22.79
N LYS A 492 -21.40 -11.14 -22.82
CA LYS A 492 -20.60 -11.04 -21.61
C LYS A 492 -20.06 -9.64 -21.35
N GLN A 493 -20.28 -8.70 -22.26
CA GLN A 493 -19.91 -7.30 -22.07
C GLN A 493 -20.96 -6.41 -22.71
N PRO A 494 -22.18 -6.40 -22.15
CA PRO A 494 -23.27 -5.68 -22.81
C PRO A 494 -23.13 -4.17 -22.78
N TRP A 495 -22.32 -3.63 -21.87
CA TRP A 495 -22.16 -2.19 -21.76
C TRP A 495 -21.28 -1.62 -22.85
N GLN A 496 -20.63 -2.45 -23.64
CA GLN A 496 -19.60 -1.97 -24.55
C GLN A 496 -20.23 -1.20 -25.71
N ALA A 497 -19.50 -0.17 -26.18
CA ALA A 497 -19.97 0.68 -27.25
C ALA A 497 -18.74 1.10 -28.07
N LYS A 498 -18.74 0.76 -29.35
CA LYS A 498 -17.62 1.10 -30.22
C LYS A 498 -17.86 2.44 -30.90
N ILE A 499 -16.91 3.36 -30.75
CA ILE A 499 -16.94 4.64 -31.42
C ILE A 499 -15.94 4.59 -32.57
N SER A 500 -16.37 5.00 -33.74
CA SER A 500 -15.48 5.10 -34.89
C SER A 500 -15.54 6.52 -35.41
N VAL A 501 -14.38 7.09 -35.63
CA VAL A 501 -14.31 8.43 -36.10
C VAL A 501 -13.34 8.38 -37.22
N ILE A 502 -13.77 8.84 -38.37
CA ILE A 502 -12.99 8.82 -39.56
C ILE A 502 -12.47 10.17 -39.97
N ARG A 503 -11.15 10.31 -40.05
CA ARG A 503 -10.51 11.54 -40.44
C ARG A 503 -9.05 11.30 -40.74
N PRO A 504 -8.69 11.15 -42.00
CA PRO A 504 -7.27 10.97 -42.35
C PRO A 504 -6.31 12.15 -42.29
N SER A 505 -6.07 12.49 -41.03
CA SER A 505 -5.14 13.48 -40.53
C SER A 505 -4.32 12.76 -39.44
N LYS A 506 -4.95 11.78 -38.77
CA LYS A 506 -4.34 10.95 -37.74
C LYS A 506 -4.64 9.47 -38.04
N GLY A 507 -6.15 9.45 -38.19
CA GLY A 507 -6.46 8.08 -38.59
C GLY A 507 -7.75 7.51 -38.02
N HIS A 508 -8.15 6.25 -38.67
CA HIS A 508 -9.41 5.72 -38.15
C HIS A 508 -9.33 5.49 -36.65
N GLU A 509 -9.77 6.48 -35.88
CA GLU A 509 -9.73 6.40 -34.42
C GLU A 509 -10.77 5.42 -33.89
N SER A 510 -10.31 4.22 -33.52
CA SER A 510 -11.20 3.20 -32.99
C SER A 510 -11.33 3.35 -31.48
N CYS A 511 -12.40 4.01 -31.04
CA CYS A 511 -12.63 4.24 -29.61
C CYS A 511 -13.79 3.40 -29.09
N MET A 512 -13.66 2.93 -27.85
CA MET A 512 -14.70 2.13 -27.21
C MET A 512 -15.59 3.05 -26.38
N GLY A 513 -16.42 2.46 -25.52
CA GLY A 513 -17.30 3.26 -24.69
C GLY A 513 -18.05 2.37 -23.72
N ALA A 514 -18.85 3.02 -22.88
CA ALA A 514 -19.66 2.35 -21.88
C ALA A 514 -21.05 2.95 -21.85
N VAL A 515 -22.06 2.09 -21.92
CA VAL A 515 -23.45 2.51 -21.83
C VAL A 515 -23.80 2.72 -20.36
N VAL A 516 -23.80 3.97 -19.92
CA VAL A 516 -24.12 4.26 -18.52
C VAL A 516 -25.60 4.51 -18.31
N SER A 517 -26.37 4.68 -19.37
CA SER A 517 -27.82 4.85 -19.27
C SER A 517 -28.45 4.63 -20.63
N GLU A 518 -29.74 4.88 -20.73
CA GLU A 518 -30.46 4.58 -21.96
C GLU A 518 -30.21 5.62 -23.05
N TYR A 519 -29.81 6.83 -22.69
CA TYR A 519 -29.55 7.87 -23.66
C TYR A 519 -28.08 8.26 -23.76
N PHE A 520 -27.25 7.85 -22.82
CA PHE A 520 -25.88 8.32 -22.72
C PHE A 520 -24.89 7.19 -22.90
N VAL A 521 -23.70 7.55 -23.37
CA VAL A 521 -22.57 6.62 -23.50
C VAL A 521 -21.30 7.34 -23.08
N LEU A 522 -20.54 6.74 -22.16
CA LEU A 522 -19.35 7.38 -21.62
C LEU A 522 -18.11 6.94 -22.38
N THR A 523 -17.26 7.91 -22.72
CA THR A 523 -16.04 7.63 -23.47
C THR A 523 -14.96 8.64 -23.12
N ALA A 524 -13.92 8.73 -23.93
CA ALA A 524 -12.79 9.62 -23.68
C ALA A 524 -12.82 10.76 -24.69
N ALA A 525 -12.47 11.96 -24.23
CA ALA A 525 -12.69 13.15 -25.04
C ALA A 525 -11.72 13.23 -26.21
N HIS A 526 -10.51 12.69 -26.06
CA HIS A 526 -9.54 12.81 -27.14
C HIS A 526 -9.98 12.08 -28.38
N CYS A 527 -10.97 11.21 -28.27
CA CYS A 527 -11.49 10.53 -29.44
C CYS A 527 -12.04 11.54 -30.44
N PHE A 528 -12.64 12.61 -29.92
CA PHE A 528 -13.25 13.63 -30.77
C PHE A 528 -12.44 14.91 -30.78
N THR A 529 -12.72 15.74 -31.78
CA THR A 529 -12.37 17.14 -31.82
C THR A 529 -13.61 17.91 -32.26
N VAL A 530 -13.45 19.19 -32.58
CA VAL A 530 -14.55 19.96 -33.16
C VAL A 530 -14.50 19.95 -34.68
N ASP A 531 -13.37 19.57 -35.27
CA ASP A 531 -13.31 19.36 -36.71
C ASP A 531 -14.11 18.12 -37.10
N ASP A 532 -13.99 17.06 -36.29
CA ASP A 532 -14.79 15.86 -36.46
C ASP A 532 -16.27 16.22 -36.41
N LYS A 533 -16.96 16.09 -37.53
CA LYS A 533 -18.32 16.56 -37.62
C LYS A 533 -19.26 15.38 -37.34
N GLU A 534 -20.51 15.70 -36.99
CA GLU A 534 -21.39 14.65 -36.47
C GLU A 534 -21.69 13.56 -37.49
N HIS A 535 -21.33 13.74 -38.76
CA HIS A 535 -21.54 12.70 -39.74
C HIS A 535 -20.28 11.86 -39.91
N SER A 536 -19.38 11.93 -38.94
CA SER A 536 -18.19 11.08 -38.94
C SER A 536 -18.04 10.24 -37.69
N ILE A 537 -18.84 10.50 -36.65
CA ILE A 537 -18.78 9.74 -35.41
C ILE A 537 -19.89 8.70 -35.47
N LYS A 538 -19.53 7.42 -35.39
CA LYS A 538 -20.49 6.34 -35.47
C LYS A 538 -20.34 5.44 -34.25
N VAL A 539 -21.41 5.31 -33.48
CA VAL A 539 -21.42 4.54 -32.24
C VAL A 539 -22.26 3.28 -32.46
N SER A 540 -21.73 2.15 -32.04
CA SER A 540 -22.41 0.87 -32.16
C SER A 540 -22.45 0.14 -30.84
N VAL A 541 -23.61 -0.41 -30.51
CA VAL A 541 -23.83 -1.13 -29.26
C VAL A 541 -24.37 -2.51 -29.58
N GLY A 542 -24.27 -3.41 -28.60
CA GLY A 542 -24.75 -4.77 -28.77
C GLY A 542 -24.05 -5.50 -29.89
N GLY A 543 -22.94 -4.95 -30.35
CA GLY A 543 -22.17 -5.54 -31.43
C GLY A 543 -23.00 -5.75 -32.68
N GLU A 544 -23.79 -4.74 -33.03
CA GLU A 544 -24.64 -4.80 -34.21
C GLU A 544 -23.99 -4.10 -35.40
N LYS A 545 -24.74 -4.02 -36.50
CA LYS A 545 -24.24 -3.37 -37.71
C LYS A 545 -24.76 -1.95 -37.83
N ARG A 546 -25.82 -1.65 -37.09
CA ARG A 546 -26.42 -0.32 -37.11
C ARG A 546 -25.64 0.64 -36.23
N ASP A 547 -25.40 1.83 -36.76
CA ASP A 547 -24.80 2.93 -36.01
C ASP A 547 -25.90 3.81 -35.45
N LEU A 548 -25.60 4.47 -34.34
CA LEU A 548 -26.60 5.21 -33.60
C LEU A 548 -26.55 6.69 -33.98
N GLU A 549 -27.49 7.44 -33.42
CA GLU A 549 -27.71 8.85 -33.76
C GLU A 549 -27.40 9.69 -32.55
N ILE A 550 -26.58 10.72 -32.73
CA ILE A 550 -26.03 11.51 -31.63
C ILE A 550 -26.75 12.85 -31.56
N GLU A 551 -27.15 13.23 -30.36
CA GLU A 551 -27.64 14.59 -30.12
C GLU A 551 -26.50 15.56 -29.92
N VAL A 552 -25.73 15.38 -28.85
CA VAL A 552 -24.59 16.22 -28.53
C VAL A 552 -23.52 15.36 -27.87
N VAL A 553 -22.27 15.71 -28.07
CA VAL A 553 -21.16 15.09 -27.36
C VAL A 553 -20.59 16.13 -26.42
N LEU A 554 -20.73 15.88 -25.12
CA LEU A 554 -20.34 16.82 -24.08
C LEU A 554 -18.96 16.45 -23.56
N PHE A 555 -18.01 17.37 -23.68
CA PHE A 555 -16.68 17.18 -23.12
C PHE A 555 -16.60 17.86 -21.77
N HIS A 556 -15.79 17.30 -20.90
CA HIS A 556 -15.61 17.88 -19.58
C HIS A 556 -15.20 19.34 -19.71
N PRO A 557 -15.77 20.24 -18.91
CA PRO A 557 -15.46 21.67 -19.07
C PRO A 557 -14.01 22.01 -18.78
N ASN A 558 -13.27 21.13 -18.11
CA ASN A 558 -11.88 21.36 -17.78
C ASN A 558 -10.93 20.58 -18.68
N TYR A 559 -11.38 20.16 -19.85
CA TYR A 559 -10.57 19.39 -20.76
C TYR A 559 -9.90 20.30 -21.78
N ASN A 560 -8.61 20.03 -22.02
CA ASN A 560 -7.87 20.70 -23.08
C ASN A 560 -6.63 19.89 -23.42
N ILE A 561 -6.58 19.31 -24.62
CA ILE A 561 -5.39 18.58 -25.02
C ILE A 561 -4.31 19.52 -25.54
N ASN A 562 -4.65 20.77 -25.81
CA ASN A 562 -3.66 21.75 -26.22
C ASN A 562 -3.04 22.38 -25.00
N GLY A 563 -3.11 21.67 -23.89
CA GLY A 563 -2.34 21.98 -22.70
C GLY A 563 -2.41 23.40 -22.21
N LYS A 564 -1.33 23.96 -21.67
CA LYS A 564 0.04 23.39 -21.57
C LYS A 564 0.67 22.99 -22.90
N LYS A 565 0.56 23.86 -23.90
CA LYS A 565 1.23 23.64 -25.17
C LYS A 565 2.49 24.47 -25.30
N GLU A 566 2.38 25.78 -25.09
CA GLU A 566 3.56 26.63 -25.08
C GLU A 566 4.37 26.49 -23.79
N ALA A 567 4.05 25.49 -22.97
CA ALA A 567 4.90 25.11 -21.86
C ALA A 567 5.77 23.90 -22.17
N GLY A 568 5.67 23.37 -23.38
CA GLY A 568 6.51 22.26 -23.79
C GLY A 568 5.91 20.88 -23.62
N ILE A 569 4.59 20.75 -23.63
CA ILE A 569 3.93 19.45 -23.52
C ILE A 569 2.94 19.30 -24.67
N PRO A 570 3.07 18.28 -25.49
CA PRO A 570 2.17 18.14 -26.63
C PRO A 570 0.72 17.93 -26.24
N GLU A 571 0.45 16.89 -25.45
CA GLU A 571 -0.90 16.51 -25.08
C GLU A 571 -1.06 16.53 -23.58
N PHE A 572 -2.15 17.17 -23.12
CA PHE A 572 -2.50 17.25 -21.71
C PHE A 572 -3.86 16.56 -21.57
N TYR A 573 -3.85 15.34 -21.06
CA TYR A 573 -5.04 14.50 -20.99
C TYR A 573 -5.82 14.67 -19.70
N ASP A 574 -5.72 15.80 -19.03
CA ASP A 574 -6.45 15.99 -17.79
C ASP A 574 -7.93 16.17 -18.08
N TYR A 575 -8.77 15.49 -17.30
CA TYR A 575 -10.21 15.51 -17.46
C TYR A 575 -10.61 15.06 -18.86
N ASP A 576 -10.11 13.89 -19.24
CA ASP A 576 -10.33 13.32 -20.56
C ASP A 576 -11.50 12.36 -20.51
N VAL A 577 -12.69 12.93 -20.39
CA VAL A 577 -13.93 12.17 -20.41
C VAL A 577 -14.94 12.91 -21.28
N ALA A 578 -15.78 12.15 -21.97
CA ALA A 578 -16.83 12.71 -22.80
C ALA A 578 -18.09 11.86 -22.63
N LEU A 579 -19.23 12.50 -22.87
CA LEU A 579 -20.53 11.85 -22.81
C LEU A 579 -21.25 12.06 -24.12
N ILE A 580 -21.65 10.96 -24.74
CA ILE A 580 -22.40 11.00 -25.99
C ILE A 580 -23.87 10.87 -25.62
N LYS A 581 -24.68 11.86 -26.01
CA LYS A 581 -26.12 11.81 -25.80
C LYS A 581 -26.76 11.24 -27.06
N LEU A 582 -27.32 10.05 -26.95
CA LEU A 582 -27.99 9.46 -28.08
C LEU A 582 -29.34 10.12 -28.31
N LYS A 583 -29.71 10.27 -29.58
CA LYS A 583 -30.98 10.90 -29.91
C LYS A 583 -32.13 9.98 -29.55
N ASN A 584 -32.08 8.74 -30.04
CA ASN A 584 -33.11 7.78 -29.67
C ASN A 584 -32.82 7.19 -28.30
N LYS A 585 -33.70 6.30 -27.87
CA LYS A 585 -33.50 5.56 -26.63
C LYS A 585 -32.85 4.22 -26.93
N LEU A 586 -32.21 3.64 -25.92
CA LEU A 586 -31.62 2.33 -26.04
C LEU A 586 -32.56 1.26 -25.48
N LYS A 587 -32.61 0.14 -26.17
CA LYS A 587 -33.51 -0.96 -25.83
C LYS A 587 -32.72 -2.00 -25.06
N TYR A 588 -32.74 -1.89 -23.73
CA TYR A 588 -32.04 -2.84 -22.89
C TYR A 588 -32.48 -4.26 -23.20
N GLY A 589 -31.51 -5.14 -23.38
CA GLY A 589 -31.82 -6.53 -23.66
C GLY A 589 -30.74 -7.47 -23.18
N GLN A 590 -30.69 -8.66 -23.75
CA GLN A 590 -29.63 -9.61 -23.45
C GLN A 590 -28.30 -9.21 -24.07
N THR A 591 -28.28 -8.14 -24.86
CA THR A 591 -27.05 -7.64 -25.48
C THR A 591 -26.78 -6.18 -25.20
N ILE A 592 -27.75 -5.41 -24.75
CA ILE A 592 -27.55 -4.03 -24.36
C ILE A 592 -28.01 -3.91 -22.92
N ARG A 593 -27.11 -3.50 -22.04
CA ARG A 593 -27.38 -3.36 -20.62
C ARG A 593 -26.43 -2.31 -20.08
N PRO A 594 -26.80 -1.61 -19.02
CA PRO A 594 -25.95 -0.54 -18.50
C PRO A 594 -24.87 -1.07 -17.58
N ILE A 595 -23.93 -0.20 -17.27
CA ILE A 595 -22.85 -0.51 -16.35
C ILE A 595 -23.00 0.38 -15.13
N CYS A 596 -22.57 -0.11 -13.98
CA CYS A 596 -22.71 0.65 -12.75
C CYS A 596 -21.67 1.77 -12.71
N LEU A 597 -22.08 2.90 -12.15
CA LEU A 597 -21.24 4.06 -11.98
C LEU A 597 -20.95 4.29 -10.50
N PRO A 598 -19.88 5.01 -10.18
CA PRO A 598 -19.55 5.24 -8.78
C PRO A 598 -20.47 6.26 -8.13
N CYS A 599 -20.68 6.07 -6.84
CA CYS A 599 -21.46 6.98 -5.99
C CYS A 599 -22.87 7.15 -6.51
N THR A 600 -23.47 6.06 -6.98
CA THR A 600 -24.89 5.94 -7.20
C THR A 600 -25.44 4.84 -6.30
N GLU A 601 -26.71 4.96 -5.91
CA GLU A 601 -27.27 3.92 -5.06
C GLU A 601 -27.35 2.58 -5.76
N GLY A 602 -27.28 2.55 -7.09
CA GLY A 602 -27.19 1.28 -7.77
C GLY A 602 -25.92 0.52 -7.42
N THR A 603 -24.81 1.24 -7.32
CA THR A 603 -23.55 0.61 -6.92
C THR A 603 -23.56 0.27 -5.44
N THR A 604 -24.24 1.07 -4.62
CA THR A 604 -24.38 0.72 -3.21
C THR A 604 -25.17 -0.57 -3.05
N ARG A 605 -26.20 -0.75 -3.88
CA ARG A 605 -26.97 -2.00 -3.83
C ARG A 605 -26.20 -3.14 -4.48
N ALA A 606 -25.28 -2.83 -5.39
CA ALA A 606 -24.45 -3.86 -5.99
C ALA A 606 -23.37 -4.32 -5.02
N LEU A 607 -22.76 -3.39 -4.30
CA LEU A 607 -21.75 -3.72 -3.31
C LEU A 607 -22.33 -4.27 -2.02
N ARG A 608 -23.64 -4.50 -1.98
CA ARG A 608 -24.33 -5.06 -0.82
C ARG A 608 -24.05 -4.24 0.45
N LEU A 609 -24.43 -2.98 0.41
CA LEU A 609 -24.18 -2.03 1.47
C LEU A 609 -25.49 -1.39 1.90
N PRO A 610 -25.54 -0.86 3.12
CA PRO A 610 -26.74 -0.19 3.59
C PRO A 610 -27.00 1.08 2.81
N PRO A 611 -28.26 1.54 2.73
CA PRO A 611 -28.57 2.70 1.90
C PRO A 611 -27.96 3.99 2.41
N THR A 612 -27.49 3.98 3.66
CA THR A 612 -26.83 5.13 4.25
C THR A 612 -25.32 4.96 4.11
N THR A 613 -24.86 5.00 2.87
CA THR A 613 -23.45 4.76 2.55
C THR A 613 -22.94 5.96 1.77
N THR A 614 -21.89 6.60 2.27
CA THR A 614 -21.34 7.78 1.61
C THR A 614 -20.46 7.37 0.45
N CYS A 615 -20.37 8.25 -0.55
CA CYS A 615 -19.54 8.06 -1.72
C CYS A 615 -18.09 7.77 -1.33
N GLN A 616 -17.67 8.24 -0.16
CA GLN A 616 -16.31 7.97 0.31
C GLN A 616 -16.14 6.51 0.68
N GLN A 617 -17.18 5.90 1.24
CA GLN A 617 -17.12 4.48 1.52
C GLN A 617 -17.13 3.64 0.25
N GLN A 618 -17.92 4.04 -0.74
CA GLN A 618 -17.81 3.42 -2.06
C GLN A 618 -16.40 3.53 -2.59
N LYS A 619 -15.73 4.66 -2.34
CA LYS A 619 -14.35 4.80 -2.78
C LYS A 619 -13.44 3.81 -2.06
N GLU A 620 -13.52 3.78 -0.74
CA GLU A 620 -12.64 2.92 0.04
C GLU A 620 -12.93 1.43 -0.14
N GLU A 621 -14.06 1.06 -0.73
CA GLU A 621 -14.28 -0.33 -1.11
C GLU A 621 -13.94 -0.62 -2.56
N LEU A 622 -14.18 0.33 -3.46
CA LEU A 622 -13.82 0.13 -4.86
C LEU A 622 -12.36 0.44 -5.10
N LEU A 623 -11.86 1.54 -4.53
CA LEU A 623 -10.49 1.99 -4.73
C LEU A 623 -9.80 2.22 -3.40
N PRO A 624 -9.37 1.16 -2.72
CA PRO A 624 -8.54 1.35 -1.54
C PRO A 624 -7.09 1.59 -1.89
N ALA A 625 -6.24 1.82 -0.89
CA ALA A 625 -4.81 2.03 -1.12
C ALA A 625 -4.11 0.69 -1.26
N GLN A 626 -4.31 0.04 -2.40
CA GLN A 626 -3.83 -1.31 -2.63
C GLN A 626 -3.51 -1.51 -4.10
N ASP A 627 -3.51 -2.77 -4.52
CA ASP A 627 -3.23 -3.16 -5.89
C ASP A 627 -4.51 -3.73 -6.51
N ILE A 628 -5.59 -2.96 -6.40
CA ILE A 628 -6.94 -3.34 -6.83
C ILE A 628 -6.96 -4.04 -8.18
N LYS A 629 -7.63 -5.18 -8.22
CA LYS A 629 -7.72 -6.00 -9.42
C LYS A 629 -8.88 -5.51 -10.28
N ALA A 630 -8.57 -4.76 -11.33
CA ALA A 630 -9.53 -4.24 -12.25
C ALA A 630 -9.55 -5.09 -13.52
N LEU A 631 -10.26 -4.63 -14.55
CA LEU A 631 -10.22 -5.28 -15.85
C LEU A 631 -10.72 -4.35 -16.94
N PHE A 632 -10.55 -4.75 -18.19
CA PHE A 632 -11.09 -4.02 -19.33
C PHE A 632 -11.30 -5.00 -20.47
N VAL A 633 -11.83 -4.50 -21.57
CA VAL A 633 -12.21 -5.33 -22.72
C VAL A 633 -11.43 -4.84 -23.93
N SER A 634 -11.00 -5.78 -24.77
CA SER A 634 -10.10 -5.45 -25.87
C SER A 634 -10.65 -5.92 -27.21
N GLU A 635 -10.38 -5.13 -28.25
CA GLU A 635 -10.65 -5.56 -29.62
C GLU A 635 -9.55 -6.50 -30.07
N GLU A 636 -9.92 -7.71 -30.46
CA GLU A 636 -8.92 -8.65 -30.98
C GLU A 636 -9.54 -9.42 -32.14
N GLU A 637 -9.41 -8.91 -33.36
CA GLU A 637 -9.96 -9.53 -34.56
C GLU A 637 -11.46 -9.77 -34.39
N LYS A 638 -12.17 -8.70 -34.04
CA LYS A 638 -13.60 -8.69 -33.72
C LYS A 638 -13.96 -9.63 -32.58
N LYS A 639 -12.98 -10.11 -31.84
CA LYS A 639 -13.17 -10.81 -30.59
C LYS A 639 -13.19 -9.81 -29.43
N LEU A 640 -14.07 -10.07 -28.47
CA LEU A 640 -14.18 -9.24 -27.26
C LEU A 640 -13.66 -10.07 -26.09
N THR A 641 -12.39 -9.87 -25.76
CA THR A 641 -11.77 -10.59 -24.67
C THR A 641 -11.54 -9.66 -23.48
N ARG A 642 -11.66 -10.22 -22.28
CA ARG A 642 -11.47 -9.49 -21.04
C ARG A 642 -10.01 -9.59 -20.63
N LYS A 643 -9.29 -8.48 -20.72
CA LYS A 643 -7.94 -8.42 -20.18
C LYS A 643 -8.01 -7.92 -18.74
N GLU A 644 -7.26 -8.57 -17.86
CA GLU A 644 -7.38 -8.34 -16.43
C GLU A 644 -6.11 -7.68 -15.91
N VAL A 645 -6.24 -6.50 -15.33
CA VAL A 645 -5.10 -5.71 -14.90
C VAL A 645 -5.20 -5.39 -13.42
N TYR A 646 -4.23 -4.66 -12.89
CA TYR A 646 -4.18 -4.28 -11.49
C TYR A 646 -3.88 -2.80 -11.40
N ILE A 647 -4.59 -2.09 -10.53
CA ILE A 647 -4.43 -0.65 -10.39
C ILE A 647 -3.45 -0.40 -9.25
N LYS A 648 -2.30 0.18 -9.57
CA LYS A 648 -1.27 0.44 -8.58
C LYS A 648 -1.66 1.69 -7.82
N ASN A 649 -2.36 1.51 -6.70
CA ASN A 649 -2.83 2.63 -5.90
C ASN A 649 -2.30 2.61 -4.47
N GLY A 650 -1.50 1.63 -4.10
CA GLY A 650 -0.95 1.59 -2.77
C GLY A 650 0.42 2.23 -2.70
N ASP A 651 1.44 1.40 -2.51
CA ASP A 651 2.81 1.90 -2.46
C ASP A 651 3.49 1.92 -3.81
N LYS A 652 2.90 1.32 -4.83
CA LYS A 652 3.49 1.32 -6.16
C LYS A 652 2.97 2.45 -7.04
N LYS A 653 2.17 3.34 -6.48
CA LYS A 653 1.52 4.39 -7.29
C LYS A 653 2.55 5.34 -7.87
N GLY A 654 3.48 5.83 -7.04
CA GLY A 654 4.50 6.72 -7.54
C GLY A 654 5.43 6.04 -8.53
N SER A 655 5.73 4.76 -8.31
CA SER A 655 6.53 4.01 -9.26
C SER A 655 5.84 3.89 -10.60
N CYS A 656 4.50 3.86 -10.59
CA CYS A 656 3.75 3.81 -11.84
C CYS A 656 3.79 5.17 -12.54
N GLU A 657 3.46 6.22 -11.80
CA GLU A 657 3.46 7.56 -12.38
C GLU A 657 4.84 7.97 -12.85
N ARG A 658 5.87 7.35 -12.27
CA ARG A 658 7.25 7.65 -12.63
C ARG A 658 7.61 7.10 -14.00
N ASP A 659 6.76 6.24 -14.53
CA ASP A 659 6.99 5.65 -15.85
C ASP A 659 6.18 6.35 -16.93
N ALA A 660 6.00 7.65 -16.77
CA ALA A 660 5.26 8.45 -17.74
C ALA A 660 6.19 9.26 -18.62
N GLN A 661 7.40 9.33 -18.11
CA GLN A 661 8.49 10.03 -18.69
C GLN A 661 8.64 9.50 -20.04
N TYR A 662 8.77 8.20 -20.18
CA TYR A 662 8.98 7.70 -21.52
C TYR A 662 7.95 7.99 -22.60
N ALA A 663 6.69 8.23 -22.26
CA ALA A 663 5.68 8.54 -23.23
C ALA A 663 6.03 9.76 -24.03
N PRO A 664 5.61 9.79 -25.28
CA PRO A 664 5.94 10.79 -26.31
C PRO A 664 5.82 12.21 -25.78
N GLY A 665 6.84 13.01 -26.05
CA GLY A 665 6.83 14.40 -25.64
C GLY A 665 6.95 14.62 -24.15
N TYR A 666 7.28 13.58 -23.39
CA TYR A 666 7.36 13.69 -21.94
C TYR A 666 8.76 13.43 -21.39
N ASP A 667 9.77 13.26 -22.23
CA ASP A 667 11.08 12.85 -21.75
C ASP A 667 11.87 14.00 -21.15
N LYS A 668 11.38 15.23 -21.21
CA LYS A 668 12.08 16.38 -20.64
C LYS A 668 11.19 17.18 -19.71
N VAL A 669 10.06 16.64 -19.27
CA VAL A 669 9.19 17.36 -18.34
C VAL A 669 9.79 17.24 -16.95
N LYS A 670 10.03 18.39 -16.32
CA LYS A 670 10.66 18.42 -15.01
C LYS A 670 9.80 17.74 -13.97
N ASP A 671 8.55 18.17 -13.85
CA ASP A 671 7.62 17.63 -12.87
C ASP A 671 6.66 16.68 -13.56
N ILE A 672 6.67 15.42 -13.14
CA ILE A 672 5.85 14.39 -13.79
C ILE A 672 4.41 14.50 -13.31
N SER A 673 4.18 15.25 -12.25
CA SER A 673 2.84 15.51 -11.74
C SER A 673 2.15 16.64 -12.48
N GLU A 674 2.77 17.15 -13.54
CA GLU A 674 2.14 18.10 -14.43
C GLU A 674 1.46 17.43 -15.61
N VAL A 675 1.64 16.12 -15.77
CA VAL A 675 1.02 15.37 -16.86
C VAL A 675 0.22 14.22 -16.28
N VAL A 676 0.58 13.79 -15.08
CA VAL A 676 -0.12 12.71 -14.38
C VAL A 676 -0.74 13.32 -13.14
N THR A 677 -2.02 13.63 -13.23
CA THR A 677 -2.74 14.47 -12.27
C THR A 677 -3.59 13.60 -11.34
N PRO A 678 -4.12 14.15 -10.24
CA PRO A 678 -4.89 13.33 -9.29
C PRO A 678 -6.11 12.66 -9.87
N ARG A 679 -6.43 12.94 -11.14
CA ARG A 679 -7.55 12.30 -11.81
C ARG A 679 -7.08 11.14 -12.67
N PHE A 680 -6.05 10.43 -12.24
CA PHE A 680 -5.50 9.32 -13.01
C PHE A 680 -5.24 8.13 -12.09
N LEU A 681 -5.62 6.96 -12.58
CA LEU A 681 -5.21 5.69 -12.04
C LEU A 681 -4.26 5.02 -13.01
N CYS A 682 -3.32 4.25 -12.47
CA CYS A 682 -2.25 3.68 -13.27
C CYS A 682 -2.31 2.16 -13.19
N THR A 683 -2.25 1.51 -14.34
CA THR A 683 -2.08 0.06 -14.41
C THR A 683 -0.92 -0.25 -15.32
N GLY A 684 -0.58 -1.53 -15.40
CA GLY A 684 0.49 -1.99 -16.26
C GLY A 684 1.76 -2.30 -15.48
N GLY A 685 2.75 -2.77 -16.21
CA GLY A 685 4.02 -3.09 -15.61
C GLY A 685 4.22 -4.57 -15.39
N VAL A 686 5.21 -4.93 -14.59
CA VAL A 686 5.58 -6.32 -14.35
C VAL A 686 5.61 -6.58 -12.86
N SER A 687 4.92 -5.76 -12.09
CA SER A 687 4.88 -5.92 -10.65
C SER A 687 3.54 -5.44 -10.11
N PRO A 688 2.85 -6.24 -9.30
CA PRO A 688 3.29 -7.54 -8.83
C PRO A 688 3.04 -8.66 -9.82
N TYR A 689 2.41 -8.33 -10.95
CA TYR A 689 2.11 -9.31 -11.97
C TYR A 689 2.33 -8.69 -13.34
N ALA A 690 2.45 -9.56 -14.35
CA ALA A 690 2.64 -9.12 -15.72
C ALA A 690 1.30 -8.68 -16.28
N ASP A 691 1.02 -7.38 -16.17
CA ASP A 691 -0.24 -6.85 -16.64
C ASP A 691 -0.28 -6.85 -18.17
N PRO A 692 -1.46 -7.04 -18.76
CA PRO A 692 -1.64 -6.78 -20.18
C PRO A 692 -1.90 -5.31 -20.44
N ASN A 693 -1.36 -4.82 -21.54
CA ASN A 693 -1.48 -3.41 -21.86
C ASN A 693 -2.72 -3.17 -22.72
N THR A 694 -3.00 -1.91 -22.98
CA THR A 694 -4.16 -1.50 -23.75
C THR A 694 -3.79 -1.32 -25.21
N CYS A 695 -4.79 -1.40 -26.06
CA CYS A 695 -4.59 -1.22 -27.48
C CYS A 695 -5.00 0.19 -27.90
N ARG A 696 -4.63 0.54 -29.13
CA ARG A 696 -5.01 1.84 -29.67
C ARG A 696 -6.52 1.99 -29.76
N GLY A 697 -7.24 0.91 -30.04
CA GLY A 697 -8.68 0.94 -30.11
C GLY A 697 -9.38 0.69 -28.80
N ASP A 698 -8.65 0.25 -27.78
CA ASP A 698 -9.22 0.09 -26.46
C ASP A 698 -9.36 1.39 -25.71
N SER A 699 -9.01 2.51 -26.32
CA SER A 699 -9.11 3.80 -25.67
C SER A 699 -10.56 4.21 -25.49
N GLY A 700 -10.85 4.82 -24.36
CA GLY A 700 -12.20 5.26 -24.04
C GLY A 700 -13.04 4.23 -23.33
N GLY A 701 -12.67 2.97 -23.38
CA GLY A 701 -13.42 1.91 -22.78
C GLY A 701 -13.41 1.98 -21.27
N PRO A 702 -14.36 1.30 -20.63
CA PRO A 702 -14.42 1.34 -19.17
C PRO A 702 -13.31 0.53 -18.53
N LEU A 703 -12.82 1.05 -17.41
CA LEU A 703 -11.92 0.33 -16.52
C LEU A 703 -12.78 -0.20 -15.38
N ILE A 704 -13.03 -1.50 -15.37
CA ILE A 704 -14.07 -2.10 -14.56
C ILE A 704 -13.45 -2.81 -13.36
N VAL A 705 -14.13 -2.70 -12.23
CA VAL A 705 -13.85 -3.47 -11.02
C VAL A 705 -14.98 -4.47 -10.85
N HIS A 706 -14.61 -5.73 -10.66
CA HIS A 706 -15.56 -6.83 -10.60
C HIS A 706 -15.69 -7.24 -9.15
N LYS A 707 -16.79 -6.85 -8.51
CA LYS A 707 -16.98 -7.10 -7.09
C LYS A 707 -18.42 -7.50 -6.83
N ARG A 708 -18.57 -8.42 -5.88
CA ARG A 708 -19.83 -9.06 -5.52
C ARG A 708 -20.63 -9.42 -6.76
N SER A 709 -19.97 -10.02 -7.75
CA SER A 709 -20.57 -10.51 -8.98
C SER A 709 -21.20 -9.43 -9.82
N ARG A 710 -20.81 -8.17 -9.63
CA ARG A 710 -21.27 -7.07 -10.45
C ARG A 710 -20.07 -6.27 -10.94
N PHE A 711 -20.28 -5.55 -12.03
CA PHE A 711 -19.22 -4.82 -12.72
C PHE A 711 -19.44 -3.32 -12.55
N ILE A 712 -18.53 -2.67 -11.83
CA ILE A 712 -18.61 -1.24 -11.57
C ILE A 712 -17.51 -0.54 -12.36
N GLN A 713 -17.87 0.52 -13.08
CA GLN A 713 -16.86 1.27 -13.82
C GLN A 713 -16.22 2.29 -12.91
N VAL A 714 -14.89 2.28 -12.84
CA VAL A 714 -14.16 3.23 -12.01
C VAL A 714 -13.23 4.12 -12.80
N GLY A 715 -13.03 3.85 -14.09
CA GLY A 715 -12.12 4.65 -14.88
C GLY A 715 -12.47 4.64 -16.35
N VAL A 716 -11.90 5.61 -17.07
CA VAL A 716 -11.99 5.70 -18.52
C VAL A 716 -10.58 5.63 -19.07
N ILE A 717 -10.33 4.69 -19.99
CA ILE A 717 -8.99 4.53 -20.53
C ILE A 717 -8.62 5.78 -21.31
N SER A 718 -7.47 6.37 -20.97
CA SER A 718 -7.10 7.66 -21.56
C SER A 718 -5.87 7.60 -22.45
N TRP A 719 -4.74 7.14 -21.92
CA TRP A 719 -3.51 7.12 -22.71
C TRP A 719 -2.57 6.06 -22.16
N GLY A 720 -1.50 5.84 -22.90
CA GLY A 720 -0.50 4.87 -22.52
C GLY A 720 0.89 5.37 -22.83
N VAL A 721 1.86 4.83 -22.09
CA VAL A 721 3.25 5.25 -22.24
C VAL A 721 3.78 4.83 -23.61
N VAL A 722 3.61 3.55 -23.94
CA VAL A 722 4.12 3.01 -25.19
C VAL A 722 3.02 2.20 -25.87
N ASP A 723 2.84 2.41 -27.17
CA ASP A 723 1.87 1.64 -27.94
C ASP A 723 2.51 0.37 -28.48
N VAL A 724 2.10 -0.76 -27.91
CA VAL A 724 2.71 -2.06 -28.22
C VAL A 724 1.60 -3.08 -28.46
N CYS A 725 0.45 -2.61 -28.95
CA CYS A 725 -0.83 -3.26 -28.67
C CYS A 725 -0.88 -4.74 -29.09
N LYS A 726 -0.57 -5.05 -30.34
CA LYS A 726 -0.76 -6.40 -30.88
C LYS A 726 0.48 -7.27 -30.65
N ASN A 727 0.71 -7.66 -29.38
CA ASN A 727 1.98 -8.28 -29.04
C ASN A 727 1.90 -9.50 -28.14
N LYS A 732 6.41 -10.93 -27.51
CA LYS A 732 5.71 -10.18 -26.48
C LYS A 732 6.70 -9.65 -25.46
N GLN A 733 7.97 -9.65 -25.82
CA GLN A 733 8.92 -8.88 -25.07
C GLN A 733 8.39 -7.47 -25.10
N VAL A 734 7.91 -7.01 -23.95
CA VAL A 734 7.34 -5.69 -23.82
C VAL A 734 8.01 -5.07 -22.63
N PRO A 735 8.27 -3.77 -22.66
CA PRO A 735 8.98 -3.07 -21.59
C PRO A 735 8.20 -3.05 -20.29
N ALA A 736 8.93 -2.81 -19.20
CA ALA A 736 8.36 -2.75 -17.87
C ALA A 736 7.91 -1.36 -17.47
N HIS A 737 8.25 -0.35 -18.27
CA HIS A 737 7.69 0.98 -18.14
C HIS A 737 6.42 1.15 -18.95
N ALA A 738 5.92 0.08 -19.53
CA ALA A 738 4.71 0.10 -20.34
C ALA A 738 3.53 0.16 -19.38
N ARG A 739 3.10 1.37 -19.06
CA ARG A 739 1.95 1.60 -18.19
C ARG A 739 0.82 2.22 -18.99
N ASP A 740 -0.35 2.23 -18.37
CA ASP A 740 -1.54 2.84 -18.94
C ASP A 740 -2.21 3.67 -17.87
N PHE A 741 -2.75 4.82 -18.26
CA PHE A 741 -3.41 5.72 -17.33
C PHE A 741 -4.87 5.87 -17.71
N HIS A 742 -5.70 5.99 -16.69
CA HIS A 742 -7.15 6.04 -16.85
C HIS A 742 -7.69 7.18 -16.01
N ILE A 743 -8.74 7.83 -16.49
CA ILE A 743 -9.35 8.89 -15.72
C ILE A 743 -10.18 8.30 -14.60
N ASN A 744 -9.91 8.72 -13.37
CA ASN A 744 -10.66 8.26 -12.21
C ASN A 744 -12.04 8.90 -12.23
N LEU A 745 -13.08 8.09 -12.25
CA LEU A 745 -14.43 8.62 -12.31
C LEU A 745 -14.90 9.19 -10.99
N PHE A 746 -14.15 8.97 -9.91
CA PHE A 746 -14.46 9.62 -8.65
C PHE A 746 -14.01 11.09 -8.65
N GLN A 747 -13.12 11.44 -9.56
CA GLN A 747 -12.58 12.79 -9.56
C GLN A 747 -13.39 13.71 -10.47
N VAL A 748 -14.22 13.15 -11.34
CA VAL A 748 -15.00 13.93 -12.29
C VAL A 748 -16.48 13.76 -11.96
N LEU A 749 -16.77 13.54 -10.68
CA LEU A 749 -18.12 13.21 -10.24
C LEU A 749 -19.11 14.38 -10.34
N PRO A 750 -18.73 15.61 -9.98
CA PRO A 750 -19.69 16.72 -10.13
C PRO A 750 -20.19 16.88 -11.55
N TRP A 751 -19.29 16.74 -12.53
CA TRP A 751 -19.71 16.84 -13.93
C TRP A 751 -20.68 15.73 -14.28
N LEU A 752 -20.36 14.49 -13.90
CA LEU A 752 -21.24 13.36 -14.19
C LEU A 752 -22.60 13.55 -13.56
N LYS A 753 -22.64 13.98 -12.30
CA LYS A 753 -23.90 14.20 -11.61
C LYS A 753 -24.72 15.29 -12.27
N GLU A 754 -24.07 16.39 -12.66
CA GLU A 754 -24.77 17.47 -13.33
C GLU A 754 -25.34 17.01 -14.67
N LYS A 755 -24.60 16.21 -15.41
CA LYS A 755 -25.01 15.87 -16.76
C LYS A 755 -25.97 14.69 -16.83
N LEU A 756 -26.00 13.83 -15.83
CA LEU A 756 -26.88 12.66 -15.83
C LEU A 756 -27.98 12.76 -14.78
N GLN A 757 -28.31 13.97 -14.33
CA GLN A 757 -29.27 14.18 -13.26
C GLN A 757 -30.65 13.61 -13.57
N ASP A 758 -30.94 13.48 -14.85
CA ASP A 758 -32.27 13.05 -15.29
C ASP A 758 -32.20 11.69 -15.99
N GLU A 759 -31.42 10.76 -15.43
CA GLU A 759 -31.33 9.42 -15.98
C GLU A 759 -31.66 8.33 -14.97
N ASP A 760 -32.22 8.68 -13.82
CA ASP A 760 -32.70 7.72 -12.83
C ASP A 760 -31.56 6.91 -12.24
N LEU A 761 -30.36 7.46 -12.20
CA LEU A 761 -29.23 6.76 -11.61
C LEU A 761 -29.16 6.91 -10.10
N GLY A 762 -29.99 7.77 -9.51
CA GLY A 762 -30.04 7.92 -8.07
C GLY A 762 -28.70 8.26 -7.46
N PHE A 763 -28.03 9.26 -8.03
CA PHE A 763 -26.70 9.62 -7.58
C PHE A 763 -26.71 9.96 -6.10
N LEU A 764 -25.63 9.60 -5.42
CA LEU A 764 -25.49 9.86 -3.99
C LEU A 764 -25.13 11.31 -3.76
N GLN C 34 16.93 12.54 -22.04
CA GLN C 34 17.27 11.52 -23.02
C GLN C 34 16.65 10.17 -22.67
N GLY C 35 17.24 9.10 -23.17
CA GLY C 35 16.73 7.77 -22.90
C GLY C 35 16.87 7.38 -21.44
N SER C 36 16.13 6.35 -21.07
CA SER C 36 16.11 5.88 -19.70
C SER C 36 16.72 4.48 -19.61
N CYS C 37 16.83 3.99 -18.37
CA CYS C 37 17.51 2.75 -18.08
C CYS C 37 16.53 1.78 -17.44
N SER C 38 16.83 0.49 -17.55
CA SER C 38 15.98 -0.54 -16.95
C SER C 38 16.34 -0.71 -15.48
N LEU C 39 15.33 -0.81 -14.64
CA LEU C 39 15.52 -0.85 -13.19
C LEU C 39 15.66 -2.27 -12.65
N GLU C 40 16.17 -3.19 -13.46
CA GLU C 40 16.33 -4.58 -13.03
C GLU C 40 17.67 -4.72 -12.32
N GLY C 41 17.63 -4.94 -11.02
CA GLY C 41 18.83 -5.10 -10.22
C GLY C 41 19.31 -3.85 -9.54
N VAL C 42 18.56 -2.75 -9.59
CA VAL C 42 19.02 -1.53 -8.96
C VAL C 42 18.71 -1.52 -7.47
N GLU C 43 17.76 -2.33 -7.03
CA GLU C 43 17.40 -2.33 -5.61
C GLU C 43 18.63 -2.64 -4.76
N ILE C 44 18.60 -2.13 -3.54
CA ILE C 44 19.72 -2.18 -2.62
C ILE C 44 19.34 -3.04 -1.44
N LYS C 45 20.25 -3.89 -0.99
CA LYS C 45 19.98 -4.76 0.15
C LYS C 45 19.61 -3.91 1.37
N GLY C 46 18.35 -4.00 1.79
CA GLY C 46 17.91 -3.29 2.96
C GLY C 46 17.78 -1.79 2.79
N GLY C 47 17.36 -1.33 1.62
CA GLY C 47 17.17 0.08 1.40
C GLY C 47 16.21 0.32 0.28
N SER C 48 16.09 1.59 -0.11
CA SER C 48 15.21 1.99 -1.19
C SER C 48 15.96 2.99 -2.06
N PHE C 49 15.33 3.40 -3.13
CA PHE C 49 15.94 4.37 -4.04
C PHE C 49 14.88 5.28 -4.60
N ARG C 50 15.32 6.44 -5.09
CA ARG C 50 14.41 7.40 -5.68
C ARG C 50 15.08 8.02 -6.90
N LEU C 51 14.35 8.10 -8.00
CA LEU C 51 14.88 8.60 -9.26
C LEU C 51 14.74 10.11 -9.35
N LEU C 52 15.85 10.81 -9.59
CA LEU C 52 15.83 12.24 -9.77
C LEU C 52 16.11 12.59 -11.23
N GLN C 53 15.82 13.83 -11.59
CA GLN C 53 16.04 14.32 -12.96
C GLN C 53 15.47 13.40 -14.04
N GLU C 54 14.27 13.29 -14.02
CA GLU C 54 13.56 12.46 -14.99
C GLU C 54 14.05 11.00 -15.13
N GLY C 55 14.63 10.46 -14.16
CA GLY C 55 15.09 9.09 -14.22
C GLY C 55 16.50 8.89 -14.70
N GLN C 56 17.23 9.95 -15.02
CA GLN C 56 18.61 9.82 -15.44
C GLN C 56 19.56 9.71 -14.26
N ALA C 57 19.05 9.80 -13.04
CA ALA C 57 19.85 9.65 -11.83
C ALA C 57 19.02 8.95 -10.78
N LEU C 58 19.70 8.40 -9.78
CA LEU C 58 18.99 7.75 -8.70
C LEU C 58 19.80 7.85 -7.42
N GLU C 59 19.13 8.09 -6.31
CA GLU C 59 19.73 8.10 -4.99
C GLU C 59 19.31 6.86 -4.21
N TYR C 60 20.24 6.34 -3.43
CA TYR C 60 20.00 5.24 -2.51
C TYR C 60 19.77 5.78 -1.11
N VAL C 61 18.73 5.31 -0.45
CA VAL C 61 18.38 5.73 0.90
C VAL C 61 18.32 4.48 1.79
N CYS C 62 19.12 4.47 2.84
CA CYS C 62 19.20 3.38 3.77
C CYS C 62 18.58 3.80 5.11
N PRO C 63 18.19 2.85 5.94
CA PRO C 63 17.67 3.20 7.27
C PRO C 63 18.66 3.99 8.11
N SER C 64 18.20 4.49 9.25
CA SER C 64 19.05 5.29 10.11
C SER C 64 20.23 4.47 10.60
N GLY C 65 21.34 5.15 10.85
CA GLY C 65 22.57 4.50 11.27
C GLY C 65 23.27 3.72 10.18
N PHE C 66 22.66 3.58 9.02
CA PHE C 66 23.24 2.86 7.90
C PHE C 66 23.52 3.80 6.75
N TYR C 67 24.32 3.33 5.81
CA TYR C 67 24.63 4.06 4.60
C TYR C 67 24.72 3.10 3.43
N PRO C 68 24.43 3.58 2.23
CA PRO C 68 24.55 2.73 1.06
C PRO C 68 25.99 2.53 0.64
N TYR C 69 26.38 1.28 0.49
CA TYR C 69 27.66 0.73 0.06
C TYR C 69 27.51 0.10 -1.32
N PRO C 70 28.39 0.41 -2.27
CA PRO C 70 29.57 1.27 -2.09
C PRO C 70 29.33 2.74 -2.37
N VAL C 71 28.28 3.07 -3.13
CA VAL C 71 28.01 4.44 -3.53
C VAL C 71 26.55 4.76 -3.27
N GLN C 72 26.26 6.06 -3.17
CA GLN C 72 24.93 6.53 -2.85
C GLN C 72 24.10 6.84 -4.09
N THR C 73 24.74 7.24 -5.18
CA THR C 73 24.02 7.69 -6.36
C THR C 73 24.52 6.97 -7.60
N ARG C 74 23.62 6.82 -8.58
CA ARG C 74 23.94 6.20 -9.85
C ARG C 74 23.32 7.01 -10.98
N THR C 75 23.95 6.93 -12.15
CA THR C 75 23.52 7.66 -13.33
C THR C 75 23.15 6.68 -14.44
N CYS C 76 22.27 7.12 -15.33
CA CYS C 76 21.78 6.30 -16.43
C CYS C 76 22.75 6.44 -17.60
N ARG C 77 23.44 5.34 -17.91
CA ARG C 77 24.38 5.31 -19.02
C ARG C 77 23.66 5.47 -20.36
N SER C 78 24.44 5.78 -21.39
CA SER C 78 23.90 5.78 -22.75
C SER C 78 23.81 4.38 -23.32
N THR C 79 24.13 3.36 -22.52
CA THR C 79 24.15 1.98 -22.98
C THR C 79 23.07 1.16 -22.30
N GLY C 80 21.97 1.80 -21.94
CA GLY C 80 20.89 1.08 -21.29
C GLY C 80 21.15 0.77 -19.84
N SER C 81 22.35 0.25 -19.54
CA SER C 81 22.66 -0.17 -18.19
C SER C 81 22.80 1.03 -17.26
N TRP C 82 22.85 0.76 -15.96
CA TRP C 82 23.09 1.78 -14.97
C TRP C 82 24.57 1.84 -14.61
N SER C 83 24.96 2.91 -13.94
CA SER C 83 26.33 3.06 -13.47
C SER C 83 26.75 1.85 -12.65
N THR C 84 28.02 1.47 -12.77
CA THR C 84 28.49 0.32 -12.03
C THR C 84 28.86 0.72 -10.61
N LEU C 85 28.98 -0.29 -9.76
CA LEU C 85 29.28 -0.10 -8.36
C LEU C 85 30.72 -0.54 -8.11
N LYS C 86 31.60 0.43 -7.88
CA LYS C 86 32.98 0.16 -7.52
C LYS C 86 33.24 0.68 -6.12
N THR C 87 34.30 0.16 -5.50
CA THR C 87 34.60 0.51 -4.11
C THR C 87 35.83 1.41 -4.04
N LYS C 91 37.10 -3.00 -8.89
CA LYS C 91 36.49 -3.55 -7.69
C LYS C 91 34.97 -3.60 -7.83
N THR C 92 34.51 -3.97 -9.01
CA THR C 92 33.09 -3.93 -9.34
C THR C 92 32.29 -4.87 -8.44
N VAL C 93 31.15 -4.38 -7.96
CA VAL C 93 30.31 -5.11 -7.03
C VAL C 93 29.04 -5.53 -7.76
N ARG C 94 28.52 -6.71 -7.39
CA ARG C 94 27.30 -7.23 -7.98
C ARG C 94 26.15 -6.25 -7.79
N LYS C 95 25.80 -6.00 -6.53
CA LYS C 95 24.58 -5.32 -6.15
C LYS C 95 24.84 -4.47 -4.93
N ALA C 96 24.03 -3.43 -4.75
CA ALA C 96 24.26 -2.48 -3.67
C ALA C 96 23.82 -3.07 -2.34
N GLU C 97 24.28 -2.47 -1.25
CA GLU C 97 23.92 -2.93 0.09
C GLU C 97 23.81 -1.74 1.01
N CYS C 98 23.19 -1.96 2.17
CA CYS C 98 23.19 -1.00 3.26
C CYS C 98 24.07 -1.55 4.38
N ARG C 99 25.03 -0.75 4.82
CA ARG C 99 25.97 -1.19 5.84
C ARG C 99 26.09 -0.13 6.93
N ALA C 100 26.51 -0.57 8.11
CA ALA C 100 26.51 0.30 9.28
C ALA C 100 27.50 1.44 9.11
N ILE C 101 27.19 2.56 9.77
CA ILE C 101 27.97 3.78 9.66
C ILE C 101 29.05 3.80 10.72
N HIS C 102 30.23 4.27 10.34
CA HIS C 102 31.36 4.39 11.25
C HIS C 102 31.71 5.86 11.41
N CYS C 103 32.13 6.23 12.61
CA CYS C 103 32.59 7.57 12.94
C CYS C 103 34.12 7.64 12.84
N PRO C 104 34.66 8.71 12.29
CA PRO C 104 36.09 8.73 11.96
C PRO C 104 36.98 8.75 13.19
N ARG C 105 38.24 8.41 12.97
CA ARG C 105 39.24 8.49 14.01
C ARG C 105 39.84 9.90 14.04
N PRO C 106 40.10 10.42 15.23
CA PRO C 106 40.88 11.65 15.31
C PRO C 106 42.26 11.48 14.70
N HIS C 107 42.54 12.20 13.60
CA HIS C 107 43.83 12.08 12.96
C HIS C 107 44.96 12.52 13.89
N ASP C 108 44.71 13.49 14.75
CA ASP C 108 45.64 13.83 15.82
C ASP C 108 44.92 14.75 16.79
N PHE C 109 45.48 14.86 18.00
CA PHE C 109 44.89 15.66 19.07
C PHE C 109 46.03 16.32 19.82
N GLU C 110 46.27 17.60 19.55
CA GLU C 110 47.42 18.30 20.11
C GLU C 110 47.28 18.46 21.62
N ASN C 111 48.41 18.34 22.32
CA ASN C 111 48.52 18.66 23.73
C ASN C 111 47.65 17.78 24.61
N GLY C 112 47.43 16.54 24.22
CA GLY C 112 46.65 15.64 25.05
C GLY C 112 46.38 14.33 24.33
N GLU C 113 45.59 13.50 24.99
CA GLU C 113 45.24 12.19 24.48
C GLU C 113 43.74 11.97 24.55
N TYR C 114 43.28 10.95 23.84
CA TYR C 114 41.88 10.55 23.82
C TYR C 114 41.80 9.03 23.90
N TRP C 115 40.72 8.53 24.47
CA TRP C 115 40.54 7.09 24.45
C TRP C 115 39.10 6.68 24.73
N PRO C 116 38.70 5.44 24.38
CA PRO C 116 39.44 4.38 23.71
C PRO C 116 39.95 4.72 22.32
N ARG C 117 41.18 4.30 22.01
CA ARG C 117 41.76 4.54 20.70
C ARG C 117 41.45 3.36 19.78
N SER C 118 41.07 3.67 18.56
CA SER C 118 40.68 2.66 17.58
C SER C 118 40.72 3.29 16.21
N PRO C 119 40.77 2.49 15.16
CA PRO C 119 40.79 3.07 13.80
C PRO C 119 39.45 3.65 13.39
N TYR C 120 38.37 2.98 13.77
CA TYR C 120 37.02 3.48 13.53
C TYR C 120 36.16 3.14 14.74
N TYR C 121 35.04 3.83 14.85
CA TYR C 121 34.14 3.66 15.99
C TYR C 121 32.73 3.37 15.49
N ASN C 122 32.09 2.37 16.09
CA ASN C 122 30.71 2.09 15.80
C ASN C 122 29.81 3.20 16.35
N VAL C 123 28.52 3.10 16.04
CA VAL C 123 27.57 4.07 16.55
C VAL C 123 27.39 3.87 18.05
N SER C 124 27.17 4.97 18.77
CA SER C 124 26.93 4.96 20.21
C SER C 124 28.17 4.43 20.95
N ASP C 125 29.31 4.96 20.58
CA ASP C 125 30.60 4.60 21.17
C ASP C 125 31.25 5.90 21.63
N GLU C 126 31.20 6.16 22.93
CA GLU C 126 31.75 7.42 23.43
C GLU C 126 33.26 7.35 23.46
N ILE C 127 33.88 8.53 23.45
CA ILE C 127 35.32 8.68 23.65
C ILE C 127 35.53 9.89 24.55
N SER C 128 36.52 9.77 25.43
CA SER C 128 36.85 10.81 26.39
C SER C 128 38.21 11.40 26.06
N PHE C 129 38.41 12.64 26.51
CA PHE C 129 39.58 13.43 26.19
C PHE C 129 40.24 13.92 27.46
N HIS C 130 41.57 13.86 27.49
CA HIS C 130 42.34 14.41 28.59
C HIS C 130 43.47 15.25 28.01
N CYS C 131 43.83 16.30 28.72
CA CYS C 131 44.85 17.22 28.25
C CYS C 131 46.17 16.98 28.97
N TYR C 132 47.27 17.40 28.34
CA TYR C 132 48.60 17.12 28.83
C TYR C 132 48.93 17.96 30.05
N ASP C 133 50.19 17.91 30.47
CA ASP C 133 50.65 18.57 31.69
C ASP C 133 50.40 20.08 31.63
N GLY C 134 49.48 20.55 32.47
CA GLY C 134 49.26 21.97 32.63
C GLY C 134 48.39 22.63 31.59
N TYR C 135 47.70 21.86 30.75
CA TYR C 135 46.85 22.45 29.73
C TYR C 135 45.41 22.52 30.22
N THR C 136 44.59 23.28 29.51
CA THR C 136 43.21 23.55 29.88
C THR C 136 42.28 23.07 28.79
N LEU C 137 41.27 22.30 29.18
CA LEU C 137 40.35 21.68 28.24
C LEU C 137 39.12 22.55 28.02
N ARG C 138 38.75 22.73 26.75
CA ARG C 138 37.50 23.33 26.36
C ARG C 138 36.80 22.41 25.37
N GLY C 139 35.49 22.59 25.22
CA GLY C 139 34.71 21.71 24.39
C GLY C 139 34.24 20.49 25.14
N SER C 140 33.47 19.67 24.45
CA SER C 140 32.91 18.47 25.04
C SER C 140 33.99 17.40 25.10
N ALA C 141 34.21 16.86 26.29
CA ALA C 141 35.26 15.87 26.53
C ALA C 141 34.72 14.46 26.67
N ASN C 142 33.45 14.23 26.35
CA ASN C 142 32.86 12.91 26.43
C ASN C 142 32.00 12.68 25.18
N ARG C 143 32.62 12.87 24.01
CA ARG C 143 31.85 12.85 22.77
C ARG C 143 31.36 11.45 22.47
N THR C 144 30.45 11.34 21.51
CA THR C 144 29.76 10.08 21.24
C THR C 144 29.39 10.01 19.77
N CYS C 145 29.59 8.85 19.15
CA CYS C 145 29.27 8.65 17.74
C CYS C 145 27.76 8.61 17.57
N GLN C 146 27.20 9.68 17.01
CA GLN C 146 25.77 9.74 16.80
C GLN C 146 25.34 8.77 15.70
N VAL C 147 24.05 8.78 15.41
CA VAL C 147 23.47 7.83 14.48
C VAL C 147 23.63 8.37 13.07
N ASN C 148 24.30 9.51 12.94
CA ASN C 148 24.42 10.19 11.66
C ASN C 148 25.87 10.30 11.23
N GLY C 149 26.71 9.41 11.75
CA GLY C 149 28.12 9.40 11.37
C GLY C 149 28.88 10.60 11.88
N ARG C 150 28.29 11.34 12.81
CA ARG C 150 28.90 12.50 13.41
C ARG C 150 29.06 12.27 14.89
N TRP C 151 30.01 13.00 15.49
CA TRP C 151 30.25 12.90 16.91
C TRP C 151 29.35 13.87 17.66
N SER C 152 28.81 13.42 18.78
CA SER C 152 28.00 14.28 19.61
C SER C 152 28.89 15.34 20.27
N GLY C 153 28.26 16.42 20.71
CA GLY C 153 29.02 17.44 21.38
C GLY C 153 29.76 18.31 20.39
N GLN C 154 30.80 18.98 20.89
CA GLN C 154 31.65 19.79 20.03
C GLN C 154 33.12 19.55 20.33
N THR C 155 33.95 20.18 19.51
CA THR C 155 35.36 19.82 19.41
C THR C 155 36.12 20.11 20.69
N ALA C 156 36.79 19.09 21.21
CA ALA C 156 37.63 19.23 22.38
C ALA C 156 38.96 19.87 21.99
N ILE C 157 39.43 20.80 22.82
CA ILE C 157 40.63 21.58 22.54
C ILE C 157 41.41 21.72 23.83
N CYS C 158 42.72 21.50 23.77
CA CYS C 158 43.60 21.73 24.89
C CYS C 158 44.44 22.97 24.60
N ASP C 159 44.32 23.97 25.47
CA ASP C 159 44.96 25.26 25.25
C ASP C 159 45.51 25.76 26.57
N ASN C 160 46.58 26.56 26.50
CA ASN C 160 47.19 27.14 27.69
C ASN C 160 47.10 28.66 27.71
N GLY C 161 47.45 29.31 26.60
CA GLY C 161 47.47 30.75 26.53
C GLY C 161 48.77 31.27 25.95
N ALA C 162 49.57 30.35 25.43
CA ALA C 162 50.91 30.66 24.93
C ALA C 162 50.85 31.18 23.50
N GLY C 163 49.69 31.66 23.08
CA GLY C 163 49.54 32.25 21.77
C GLY C 163 48.66 33.47 21.84
N TYR C 164 48.78 34.33 20.84
CA TYR C 164 47.95 35.51 20.76
C TYR C 164 46.49 35.10 20.64
N CYS C 165 46.16 34.40 19.56
CA CYS C 165 44.85 33.80 19.43
C CYS C 165 44.75 32.52 20.25
N SER C 166 43.58 31.90 20.24
CA SER C 166 43.36 30.66 20.96
C SER C 166 43.76 29.46 20.10
N ASN C 167 43.80 28.30 20.72
CA ASN C 167 44.10 27.07 20.00
C ASN C 167 42.91 26.70 19.14
N PRO C 168 43.02 26.79 17.82
CA PRO C 168 41.86 26.54 16.96
C PRO C 168 41.35 25.13 17.01
N GLY C 169 42.18 24.16 17.38
CA GLY C 169 41.73 22.80 17.57
C GLY C 169 41.62 22.03 16.27
N ILE C 170 41.44 20.72 16.43
CA ILE C 170 41.39 19.79 15.33
C ILE C 170 40.04 19.09 15.35
N PRO C 171 39.11 19.52 14.50
CA PRO C 171 37.83 18.82 14.38
C PRO C 171 38.05 17.39 13.93
N ILE C 172 37.38 16.46 14.59
CA ILE C 172 37.58 15.03 14.36
C ILE C 172 37.39 14.70 12.88
N GLY C 173 38.39 14.05 12.29
CA GLY C 173 38.36 13.69 10.89
C GLY C 173 39.15 14.61 9.99
N THR C 174 39.68 15.71 10.52
CA THR C 174 40.42 16.69 9.76
C THR C 174 41.91 16.57 10.08
N ARG C 175 42.70 17.49 9.55
CA ARG C 175 44.14 17.48 9.80
C ARG C 175 44.64 18.90 9.71
N LYS C 176 45.16 19.43 10.81
CA LYS C 176 45.64 20.80 10.85
C LYS C 176 47.13 20.87 10.57
N VAL C 177 47.51 21.77 9.69
CA VAL C 177 48.90 21.98 9.30
C VAL C 177 49.30 23.37 9.77
N GLY C 178 50.21 23.43 10.73
CA GLY C 178 50.53 24.65 11.42
C GLY C 178 50.14 24.58 12.87
N SER C 179 51.05 25.01 13.75
CA SER C 179 50.81 24.91 15.18
C SER C 179 51.28 26.16 15.90
N GLN C 180 51.59 27.21 15.15
CA GLN C 180 52.04 28.47 15.72
C GLN C 180 50.86 29.44 15.71
N TYR C 181 50.54 29.98 16.88
CA TYR C 181 49.34 30.78 17.08
C TYR C 181 49.67 32.24 17.34
N ARG C 182 50.69 32.76 16.69
CA ARG C 182 50.99 34.18 16.78
C ARG C 182 50.16 34.95 15.77
N LEU C 183 50.18 36.27 15.89
CA LEU C 183 49.42 37.13 14.99
C LEU C 183 49.82 36.87 13.55
N GLU C 184 48.82 36.87 12.67
CA GLU C 184 48.90 36.69 11.23
C GLU C 184 49.36 35.29 10.84
N ASP C 185 49.62 34.40 11.79
CA ASP C 185 50.09 33.06 11.47
C ASP C 185 48.87 32.21 11.13
N SER C 186 49.02 31.35 10.13
CA SER C 186 47.87 30.64 9.55
C SER C 186 47.80 29.20 10.04
N VAL C 187 46.64 28.59 9.83
CA VAL C 187 46.48 27.14 9.98
C VAL C 187 45.54 26.65 8.88
N THR C 188 45.82 25.46 8.35
CA THR C 188 45.04 24.92 7.25
C THR C 188 44.54 23.53 7.63
N TYR C 189 43.35 23.19 7.13
CA TYR C 189 42.69 21.94 7.46
C TYR C 189 42.46 21.12 6.20
N HIS C 190 42.65 19.81 6.32
CA HIS C 190 42.52 18.88 5.20
C HIS C 190 41.59 17.74 5.60
N CYS C 191 40.85 17.24 4.62
CA CYS C 191 39.93 16.14 4.83
C CYS C 191 40.49 14.86 4.24
N SER C 192 40.07 13.73 4.81
CA SER C 192 40.49 12.42 4.33
C SER C 192 39.99 12.18 2.90
N ARG C 193 40.45 11.11 2.28
CA ARG C 193 40.05 10.85 0.90
C ARG C 193 38.60 10.40 0.83
N GLY C 194 37.87 10.95 -0.12
CA GLY C 194 36.47 10.63 -0.29
C GLY C 194 35.53 11.53 0.47
N LEU C 195 36.05 12.54 1.16
CA LEU C 195 35.25 13.41 1.98
C LEU C 195 35.37 14.85 1.50
N THR C 196 34.36 15.64 1.82
CA THR C 196 34.25 17.01 1.34
C THR C 196 34.31 17.94 2.54
N LEU C 197 35.11 19.00 2.42
CA LEU C 197 35.35 19.92 3.53
C LEU C 197 34.29 21.00 3.53
N ARG C 198 33.49 21.04 4.60
CA ARG C 198 32.57 22.15 4.81
C ARG C 198 33.16 23.12 5.81
N GLY C 199 33.28 24.37 5.41
CA GLY C 199 33.86 25.38 6.28
C GLY C 199 35.14 25.94 5.70
N SER C 200 36.04 26.37 6.57
CA SER C 200 37.29 26.97 6.15
C SER C 200 38.42 25.96 6.13
N GLN C 201 39.27 26.07 5.12
CA GLN C 201 40.51 25.32 5.07
C GLN C 201 41.72 26.21 5.32
N ARG C 202 41.51 27.44 5.75
CA ARG C 202 42.62 28.32 6.10
C ARG C 202 42.07 29.38 7.05
N ARG C 203 42.58 29.39 8.27
CA ARG C 203 42.17 30.34 9.30
C ARG C 203 43.39 31.12 9.73
N THR C 204 43.28 32.45 9.70
CA THR C 204 44.36 33.34 10.08
C THR C 204 44.01 34.02 11.39
N CYS C 205 45.00 34.12 12.29
CA CYS C 205 44.79 34.77 13.58
C CYS C 205 44.67 36.27 13.35
N GLN C 206 43.44 36.77 13.38
CA GLN C 206 43.18 38.17 13.12
C GLN C 206 43.54 39.03 14.33
N GLU C 207 43.77 40.32 14.06
CA GLU C 207 43.89 41.31 15.12
C GLU C 207 42.68 41.17 16.03
N GLY C 208 42.89 41.11 17.34
CA GLY C 208 41.86 40.51 18.16
C GLY C 208 42.41 39.36 18.98
N GLY C 209 42.12 38.14 18.54
CA GLY C 209 42.32 36.96 19.34
C GLY C 209 41.32 35.88 18.99
N SER C 210 40.39 36.22 18.11
CA SER C 210 39.48 35.24 17.51
C SER C 210 40.01 34.87 16.14
N TRP C 211 39.82 33.61 15.76
CA TRP C 211 40.29 33.15 14.47
C TRP C 211 39.35 33.61 13.36
N SER C 212 39.87 33.62 12.14
CA SER C 212 39.05 33.92 10.97
C SER C 212 38.38 32.63 10.49
N GLY C 213 37.53 32.77 9.48
CA GLY C 213 36.83 31.63 8.91
C GLY C 213 36.01 30.91 9.96
N THR C 214 35.59 29.69 9.61
CA THR C 214 34.77 28.88 10.50
C THR C 214 35.36 27.48 10.60
N GLU C 215 35.12 26.84 11.74
CA GLU C 215 35.61 25.50 12.02
C GLU C 215 35.14 24.53 10.94
N PRO C 216 36.05 23.81 10.31
CA PRO C 216 35.65 22.93 9.22
C PRO C 216 35.24 21.55 9.71
N SER C 217 34.40 20.90 8.92
CA SER C 217 34.02 19.52 9.11
C SER C 217 34.10 18.81 7.76
N CYS C 218 34.30 17.50 7.80
CA CYS C 218 34.35 16.69 6.61
C CYS C 218 33.01 16.00 6.41
N GLN C 219 32.52 16.02 5.18
CA GLN C 219 31.16 15.61 4.85
C GLN C 219 31.22 14.42 3.90
N ASP C 220 30.66 13.30 4.33
CA ASP C 220 30.48 12.18 3.41
C ASP C 220 29.21 12.43 2.59
N SER C 221 29.04 11.62 1.55
CA SER C 221 27.99 11.91 0.56
C SER C 221 26.60 11.83 1.19
N PHE C 222 26.30 10.72 1.86
CA PHE C 222 24.97 10.50 2.41
C PHE C 222 24.68 11.38 3.61
N MET C 223 25.65 12.14 4.10
CA MET C 223 25.47 12.89 5.32
C MET C 223 24.49 14.03 5.11
N TYR C 224 23.38 13.99 5.84
CA TYR C 224 22.36 15.03 5.80
C TYR C 224 22.23 15.66 7.18
N ASP C 225 21.85 16.93 7.20
CA ASP C 225 21.58 17.64 8.43
C ASP C 225 20.12 17.50 8.81
N THR C 226 19.86 17.38 10.07
CA THR C 226 18.47 17.23 10.47
C THR C 226 17.82 18.59 10.64
N PRO C 227 16.53 18.69 10.33
CA PRO C 227 15.83 19.97 10.45
C PRO C 227 16.02 20.66 11.80
N GLN C 228 16.16 19.88 12.85
CA GLN C 228 16.43 20.42 14.18
C GLN C 228 17.77 21.15 14.19
N GLU C 229 18.81 20.48 13.73
CA GLU C 229 20.14 21.08 13.71
C GLU C 229 20.16 22.33 12.83
N VAL C 230 19.54 22.25 11.66
CA VAL C 230 19.54 23.38 10.73
C VAL C 230 18.82 24.56 11.37
N ALA C 231 17.65 24.31 11.95
CA ALA C 231 16.89 25.37 12.60
C ALA C 231 17.71 26.06 13.69
N GLU C 232 18.31 25.26 14.58
CA GLU C 232 19.05 25.85 15.68
C GLU C 232 20.27 26.62 15.18
N ALA C 233 21.03 26.02 14.26
CA ALA C 233 22.28 26.62 13.83
C ALA C 233 22.05 27.81 12.91
N PHE C 234 20.83 27.94 12.37
CA PHE C 234 20.49 29.11 11.58
C PHE C 234 20.00 30.23 12.49
N LEU C 235 19.08 29.91 13.39
CA LEU C 235 18.59 30.90 14.35
C LEU C 235 19.75 31.49 15.10
N SER C 236 20.48 30.68 15.86
CA SER C 236 21.76 31.15 16.35
C SER C 236 22.61 31.48 15.14
N SER C 237 23.38 32.56 15.22
CA SER C 237 24.18 33.11 14.12
C SER C 237 23.36 33.87 13.10
N LEU C 238 22.03 33.82 13.21
CA LEU C 238 21.26 34.94 12.67
C LEU C 238 21.01 35.97 13.75
N THR C 239 20.98 35.53 15.00
CA THR C 239 20.65 36.33 16.16
C THR C 239 21.76 36.20 17.20
N GLU C 240 21.72 37.09 18.19
CA GLU C 240 22.55 36.96 19.38
C GLU C 240 21.64 36.88 20.61
N THR C 241 22.13 36.20 21.63
CA THR C 241 21.32 35.83 22.79
C THR C 241 21.51 36.85 23.90
N ILE C 242 20.39 37.41 24.38
CA ILE C 242 20.40 38.40 25.43
C ILE C 242 20.91 37.79 26.74
N LYS C 258 16.23 34.36 25.55
CA LYS C 258 15.74 34.73 24.24
C LYS C 258 16.83 35.35 23.40
N ARG C 259 16.59 35.48 22.10
CA ARG C 259 17.56 36.00 21.15
C ARG C 259 17.16 37.39 20.69
N LYS C 260 18.00 37.98 19.84
CA LYS C 260 17.75 39.29 19.28
C LYS C 260 18.62 39.48 18.05
N ILE C 261 18.14 40.29 17.12
CA ILE C 261 18.89 40.65 15.91
C ILE C 261 19.56 42.00 16.15
N VAL C 262 20.86 42.05 15.95
CA VAL C 262 21.66 43.21 16.34
C VAL C 262 21.88 44.08 15.11
N LEU C 263 21.00 45.06 14.93
CA LEU C 263 21.19 46.09 13.93
C LEU C 263 22.04 47.20 14.49
N ASP C 264 22.11 48.34 13.81
CA ASP C 264 22.95 49.43 14.26
C ASP C 264 22.12 50.64 14.67
N PRO C 265 22.71 51.65 15.31
CA PRO C 265 22.00 52.91 15.49
C PRO C 265 21.66 53.51 14.13
N SER C 266 20.38 53.81 13.94
CA SER C 266 19.83 54.15 12.63
C SER C 266 20.21 53.06 11.62
N GLY C 267 20.13 51.83 12.09
CA GLY C 267 20.53 50.67 11.33
C GLY C 267 19.38 50.03 10.57
N SER C 268 19.70 49.41 9.45
CA SER C 268 18.71 48.73 8.62
C SER C 268 19.23 47.35 8.24
N MET C 269 18.31 46.48 7.85
CA MET C 269 18.65 45.14 7.38
C MET C 269 17.99 44.92 6.02
N ASN C 270 18.76 44.41 5.07
CA ASN C 270 18.26 44.02 3.75
C ASN C 270 18.39 42.51 3.63
N ILE C 271 17.29 41.82 3.41
CA ILE C 271 17.29 40.38 3.26
C ILE C 271 16.89 40.02 1.84
N TYR C 272 17.60 39.07 1.24
CA TYR C 272 17.41 38.69 -0.15
C TYR C 272 17.16 37.20 -0.21
N LEU C 273 15.99 36.79 -0.67
CA LEU C 273 15.63 35.38 -0.78
C LEU C 273 15.79 34.94 -2.23
N VAL C 274 16.78 34.10 -2.48
CA VAL C 274 17.09 33.60 -3.82
C VAL C 274 16.70 32.13 -3.89
N LEU C 275 15.98 31.76 -4.95
CA LEU C 275 15.45 30.40 -5.07
C LEU C 275 15.79 29.81 -6.43
N ASP C 276 16.48 28.68 -6.42
CA ASP C 276 16.73 27.92 -7.65
C ASP C 276 15.50 27.11 -8.02
N GLY C 277 14.61 27.70 -8.80
CA GLY C 277 13.37 27.04 -9.15
C GLY C 277 13.40 26.29 -10.45
N SER C 278 14.56 25.72 -10.78
CA SER C 278 14.73 24.93 -12.00
C SER C 278 14.60 23.44 -11.74
N ASP C 279 14.32 23.05 -10.51
CA ASP C 279 14.19 21.67 -10.12
C ASP C 279 13.23 21.55 -8.94
N SER C 280 13.38 20.51 -8.13
CA SER C 280 12.47 20.18 -7.05
C SER C 280 12.06 21.36 -6.18
N ILE C 281 12.80 22.46 -6.20
CA ILE C 281 12.40 23.63 -5.41
C ILE C 281 11.19 24.31 -6.03
N GLY C 282 11.25 24.58 -7.33
CA GLY C 282 10.19 25.29 -7.99
C GLY C 282 9.06 24.40 -8.47
N ALA C 283 8.87 23.27 -7.79
CA ALA C 283 7.81 22.35 -8.13
C ALA C 283 6.52 22.73 -7.40
N SER C 284 5.39 22.42 -8.03
CA SER C 284 4.08 22.74 -7.49
C SER C 284 3.95 24.24 -7.24
N ASN C 285 4.50 25.04 -8.16
CA ASN C 285 4.48 26.49 -8.07
C ASN C 285 5.10 26.97 -6.77
N PHE C 286 6.27 26.42 -6.45
CA PHE C 286 7.04 26.82 -5.27
C PHE C 286 6.21 26.67 -3.99
N THR C 287 5.38 25.63 -3.95
CA THR C 287 4.44 25.50 -2.85
C THR C 287 5.15 25.33 -1.51
N GLY C 288 6.16 24.47 -1.45
CA GLY C 288 6.90 24.27 -0.23
C GLY C 288 7.78 25.44 0.14
N ALA C 289 8.52 25.93 -0.84
CA ALA C 289 9.35 27.11 -0.62
C ALA C 289 8.53 28.34 -0.28
N LYS C 290 7.24 28.34 -0.58
CA LYS C 290 6.39 29.44 -0.14
C LYS C 290 6.15 29.38 1.35
N LYS C 291 5.77 28.22 1.87
CA LYS C 291 5.59 28.05 3.30
C LYS C 291 6.87 28.38 4.05
N CYS C 292 7.99 27.85 3.57
CA CYS C 292 9.29 28.09 4.19
C CYS C 292 9.52 29.59 4.36
N LEU C 293 9.35 30.33 3.27
CA LEU C 293 9.68 31.75 3.32
C LEU C 293 8.64 32.56 4.08
N VAL C 294 7.38 32.15 4.06
CA VAL C 294 6.38 32.81 4.89
C VAL C 294 6.75 32.71 6.35
N ASN C 295 7.09 31.50 6.80
CA ASN C 295 7.49 31.33 8.19
C ASN C 295 8.79 32.03 8.51
N LEU C 296 9.71 32.13 7.54
CA LEU C 296 10.93 32.88 7.77
C LEU C 296 10.65 34.36 7.95
N ILE C 297 9.83 34.95 7.06
CA ILE C 297 9.47 36.36 7.19
C ILE C 297 8.78 36.61 8.53
N GLU C 298 7.86 35.73 8.91
CA GLU C 298 7.17 35.88 10.18
C GLU C 298 8.16 35.85 11.34
N LYS C 299 8.98 34.80 11.42
CA LYS C 299 9.91 34.66 12.53
C LYS C 299 10.88 35.82 12.61
N VAL C 300 11.31 36.36 11.46
CA VAL C 300 12.23 37.50 11.51
C VAL C 300 11.51 38.77 11.91
N ALA C 301 10.24 38.90 11.55
CA ALA C 301 9.47 40.06 12.00
C ALA C 301 9.22 40.01 13.50
N SER C 302 9.17 38.80 14.08
CA SER C 302 8.90 38.68 15.51
C SER C 302 9.98 39.35 16.35
N TYR C 303 11.16 39.59 15.80
CA TYR C 303 12.24 40.15 16.58
C TYR C 303 12.24 41.67 16.61
N GLY C 304 11.14 42.30 16.23
CA GLY C 304 11.04 43.75 16.34
C GLY C 304 11.84 44.51 15.32
N VAL C 305 12.08 43.94 14.14
CA VAL C 305 12.82 44.61 13.09
C VAL C 305 11.96 44.69 11.86
N LYS C 306 12.15 45.75 11.08
CA LYS C 306 11.46 45.96 9.82
C LYS C 306 12.50 46.02 8.72
N PRO C 307 12.82 44.89 8.11
CA PRO C 307 13.86 44.86 7.08
C PRO C 307 13.29 45.02 5.67
N ARG C 308 14.13 45.51 4.79
CA ARG C 308 13.79 45.60 3.38
C ARG C 308 14.01 44.23 2.74
N TYR C 309 12.98 43.69 2.11
CA TYR C 309 13.05 42.36 1.53
C TYR C 309 13.24 42.43 0.03
N GLY C 310 13.92 41.42 -0.50
CA GLY C 310 14.00 41.21 -1.93
C GLY C 310 13.78 39.75 -2.21
N LEU C 311 13.15 39.49 -3.35
CA LEU C 311 12.73 38.14 -3.68
C LEU C 311 13.10 37.85 -5.12
N VAL C 312 13.82 36.75 -5.35
CA VAL C 312 14.32 36.40 -6.67
C VAL C 312 14.15 34.91 -6.86
N THR C 313 13.53 34.51 -7.96
CA THR C 313 13.58 33.13 -8.41
C THR C 313 14.48 33.06 -9.62
N TYR C 314 14.97 31.86 -9.94
CA TYR C 314 15.78 31.74 -11.13
C TYR C 314 15.78 30.30 -11.61
N ALA C 315 15.39 30.10 -12.87
CA ALA C 315 15.68 28.85 -13.56
C ALA C 315 16.93 29.02 -14.41
N THR C 316 16.86 29.89 -15.40
CA THR C 316 17.95 30.19 -16.33
C THR C 316 18.22 31.64 -16.41
N TYR C 317 17.18 32.34 -15.99
CA TYR C 317 17.15 33.79 -15.92
C TYR C 317 16.67 34.15 -14.52
N PRO C 318 17.14 35.26 -13.95
CA PRO C 318 16.60 35.72 -12.68
C PRO C 318 15.30 36.48 -12.89
N LYS C 319 14.24 36.04 -12.22
CA LYS C 319 12.98 36.76 -12.17
C LYS C 319 12.89 37.46 -10.82
N ILE C 320 12.63 38.76 -10.87
CA ILE C 320 12.67 39.64 -9.71
C ILE C 320 11.24 40.03 -9.37
N TRP C 321 10.77 39.61 -8.20
CA TRP C 321 9.41 39.91 -7.78
C TRP C 321 9.36 41.13 -6.88
N VAL C 322 10.13 41.10 -5.79
CA VAL C 322 10.19 42.20 -4.84
C VAL C 322 11.59 42.78 -4.88
N LYS C 323 11.67 44.09 -5.01
CA LYS C 323 12.92 44.83 -5.01
C LYS C 323 13.00 45.71 -3.76
N VAL C 324 14.20 45.83 -3.22
CA VAL C 324 14.35 46.51 -1.93
C VAL C 324 14.05 48.00 -2.05
N SER C 325 13.99 48.53 -3.27
CA SER C 325 13.68 49.94 -3.44
C SER C 325 12.19 50.25 -3.40
N GLU C 326 11.33 49.26 -3.64
CA GLU C 326 9.90 49.47 -3.49
C GLU C 326 9.59 49.82 -2.05
N ALA C 327 8.76 50.85 -1.85
CA ALA C 327 8.46 51.33 -0.52
C ALA C 327 7.74 50.30 0.34
N ASP C 328 7.14 49.29 -0.27
CA ASP C 328 6.47 48.23 0.46
C ASP C 328 7.37 47.03 0.72
N SER C 329 8.68 47.18 0.52
CA SER C 329 9.63 46.11 0.73
C SER C 329 9.92 45.86 2.20
N SER C 330 9.55 46.79 3.08
CA SER C 330 9.64 46.56 4.51
C SER C 330 8.30 46.15 5.10
N ASN C 331 7.22 46.27 4.35
CA ASN C 331 5.90 45.81 4.77
C ASN C 331 5.89 44.30 4.66
N ALA C 332 6.17 43.63 5.78
CA ALA C 332 6.32 42.19 5.80
C ALA C 332 5.16 41.45 5.15
N ASP C 333 3.93 41.87 5.39
CA ASP C 333 2.82 41.15 4.79
C ASP C 333 2.61 41.49 3.33
N TRP C 334 3.01 42.67 2.87
CA TRP C 334 3.06 42.90 1.43
C TRP C 334 4.02 41.92 0.76
N VAL C 335 5.19 41.73 1.37
CA VAL C 335 6.17 40.78 0.85
C VAL C 335 5.59 39.37 0.87
N THR C 336 4.87 39.01 1.94
CA THR C 336 4.27 37.69 2.00
C THR C 336 3.20 37.50 0.92
N LYS C 337 2.39 38.53 0.71
CA LYS C 337 1.35 38.47 -0.30
C LYS C 337 1.95 38.32 -1.69
N GLN C 338 3.06 39.03 -1.96
CA GLN C 338 3.72 38.93 -3.25
C GLN C 338 4.46 37.61 -3.39
N LEU C 339 4.92 37.04 -2.28
CA LEU C 339 5.61 35.76 -2.34
C LEU C 339 4.64 34.64 -2.65
N ASN C 340 3.46 34.67 -2.05
CA ASN C 340 2.47 33.63 -2.33
C ASN C 340 1.93 33.77 -3.75
N GLU C 341 2.52 34.67 -4.53
CA GLU C 341 2.02 35.01 -5.86
C GLU C 341 3.04 34.68 -6.95
N ILE C 342 4.02 33.82 -6.66
CA ILE C 342 5.07 33.51 -7.62
C ILE C 342 4.69 32.26 -8.37
N ASN C 343 5.21 32.14 -9.59
CA ASN C 343 4.76 31.11 -10.52
C ASN C 343 5.92 30.64 -11.40
N TYR C 344 5.81 29.39 -11.84
CA TYR C 344 6.75 28.80 -12.80
C TYR C 344 6.03 28.70 -14.14
N GLU C 345 6.60 29.30 -15.19
CA GLU C 345 7.88 29.99 -15.13
C GLU C 345 7.72 31.47 -15.46
N GLY C 352 18.08 25.35 -17.99
CA GLY C 352 19.36 25.16 -17.33
C GLY C 352 19.62 26.19 -16.26
N THR C 353 20.08 25.72 -15.10
CA THR C 353 20.26 26.58 -13.94
C THR C 353 21.46 27.52 -14.08
N ASN C 354 21.23 28.82 -13.92
CA ASN C 354 22.29 29.82 -13.98
C ASN C 354 22.20 30.69 -12.73
N THR C 355 23.20 30.56 -11.86
CA THR C 355 23.19 31.23 -10.57
C THR C 355 23.83 32.60 -10.60
N LYS C 356 24.91 32.76 -11.38
CA LYS C 356 25.57 34.05 -11.49
C LYS C 356 24.60 35.17 -11.80
N LYS C 357 23.60 34.93 -12.65
CA LYS C 357 22.63 35.97 -12.95
C LYS C 357 21.81 36.33 -11.73
N ALA C 358 21.45 35.35 -10.90
CA ALA C 358 20.69 35.64 -9.71
C ALA C 358 21.51 36.47 -8.72
N LEU C 359 22.75 36.06 -8.50
CA LEU C 359 23.61 36.83 -7.61
C LEU C 359 23.91 38.22 -8.17
N GLN C 360 23.94 38.38 -9.48
CA GLN C 360 24.12 39.70 -10.05
C GLN C 360 22.86 40.55 -9.96
N ALA C 361 21.69 39.93 -9.96
CA ALA C 361 20.47 40.67 -9.67
C ALA C 361 20.47 41.17 -8.22
N VAL C 362 20.94 40.32 -7.30
CA VAL C 362 21.12 40.77 -5.93
C VAL C 362 22.12 41.91 -5.85
N TYR C 363 23.21 41.82 -6.63
CA TYR C 363 24.19 42.90 -6.65
C TYR C 363 23.62 44.19 -7.22
N SER C 364 22.78 44.10 -8.24
CA SER C 364 22.12 45.28 -8.77
C SER C 364 21.16 45.89 -7.76
N MET C 365 20.48 45.07 -6.96
CA MET C 365 19.76 45.61 -5.82
C MET C 365 20.70 46.36 -4.89
N MET C 366 21.86 45.78 -4.59
CA MET C 366 22.79 46.41 -3.65
C MET C 366 23.34 47.71 -4.20
N SER C 367 23.70 47.72 -5.48
CA SER C 367 24.26 48.89 -6.12
C SER C 367 23.30 50.09 -6.05
N TRP C 368 23.87 51.28 -5.88
CA TRP C 368 23.09 52.50 -5.80
C TRP C 368 23.48 53.50 -6.88
N PRO C 369 22.51 53.95 -7.68
CA PRO C 369 22.74 54.91 -8.77
C PRO C 369 22.70 56.34 -8.26
N ASP C 370 23.73 56.76 -7.54
CA ASP C 370 23.81 58.12 -7.02
C ASP C 370 25.10 58.80 -7.43
N ASP C 371 25.49 59.82 -6.67
CA ASP C 371 26.71 60.57 -6.95
C ASP C 371 27.30 61.19 -5.68
N VAL C 372 28.10 60.40 -4.96
CA VAL C 372 28.39 59.03 -5.37
C VAL C 372 27.59 58.03 -4.55
N PRO C 373 27.84 57.98 -3.23
CA PRO C 373 27.15 57.07 -2.32
C PRO C 373 25.95 57.74 -1.66
N PRO C 374 24.98 56.93 -1.20
CA PRO C 374 23.77 57.43 -0.54
C PRO C 374 23.98 57.58 0.96
N GLU C 375 22.91 57.83 1.71
CA GLU C 375 23.01 57.98 3.15
C GLU C 375 22.89 56.64 3.85
N GLY C 376 23.74 56.44 4.85
CA GLY C 376 23.64 55.24 5.67
C GLY C 376 23.99 53.98 4.94
N TRP C 377 24.93 54.06 3.99
CA TRP C 377 25.40 52.86 3.32
C TRP C 377 26.18 51.97 4.26
N ASN C 378 26.90 52.57 5.22
CA ASN C 378 27.76 51.83 6.12
C ASN C 378 27.06 51.42 7.41
N ARG C 379 25.74 51.44 7.43
CA ARG C 379 24.97 50.99 8.59
C ARG C 379 24.02 49.85 8.26
N THR C 380 23.88 49.50 6.99
CA THR C 380 22.94 48.48 6.57
C THR C 380 23.61 47.12 6.55
N ARG C 381 22.91 46.11 7.05
CA ARG C 381 23.42 44.75 7.12
C ARG C 381 22.66 43.89 6.13
N HIS C 382 23.38 43.17 5.28
CA HIS C 382 22.78 42.42 4.19
C HIS C 382 22.85 40.92 4.46
N VAL C 383 21.73 40.24 4.21
CA VAL C 383 21.59 38.80 4.42
C VAL C 383 21.09 38.22 3.11
N ILE C 384 21.75 37.17 2.64
CA ILE C 384 21.39 36.52 1.38
C ILE C 384 21.10 35.06 1.66
N ILE C 385 19.83 34.69 1.60
CA ILE C 385 19.38 33.33 1.86
C ILE C 385 19.11 32.67 0.54
N LEU C 386 19.96 31.73 0.14
CA LEU C 386 19.87 31.06 -1.14
C LEU C 386 19.47 29.61 -0.93
N MET C 387 18.39 29.19 -1.58
CA MET C 387 17.92 27.82 -1.50
C MET C 387 18.06 27.19 -2.88
N THR C 388 18.85 26.12 -2.96
CA THR C 388 19.05 25.42 -4.22
C THR C 388 19.02 23.92 -3.99
N ASP C 389 18.87 23.18 -5.09
CA ASP C 389 18.97 21.74 -5.06
C ASP C 389 19.84 21.19 -6.18
N GLY C 390 20.30 22.04 -7.08
CA GLY C 390 21.23 21.68 -8.12
C GLY C 390 22.56 22.33 -7.87
N LEU C 391 22.78 23.47 -8.51
CA LEU C 391 23.98 24.29 -8.36
C LEU C 391 25.21 23.58 -8.91
N HIS C 392 25.11 23.20 -10.18
CA HIS C 392 26.28 23.01 -11.02
C HIS C 392 26.49 24.34 -11.74
N ASN C 393 27.50 25.09 -11.30
CA ASN C 393 27.59 26.52 -11.59
C ASN C 393 27.99 26.72 -13.04
N MET C 394 27.00 26.62 -13.91
CA MET C 394 27.14 27.00 -15.31
C MET C 394 26.66 28.43 -15.52
N GLY C 395 26.93 28.96 -16.71
CA GLY C 395 26.67 30.36 -16.96
C GLY C 395 27.71 31.30 -16.40
N GLY C 396 28.75 30.78 -15.78
CA GLY C 396 29.81 31.58 -15.19
C GLY C 396 30.15 31.11 -13.79
N ASP C 397 31.17 31.76 -13.23
CA ASP C 397 31.63 31.42 -11.89
C ASP C 397 31.07 32.44 -10.91
N PRO C 398 30.07 32.09 -10.09
CA PRO C 398 29.37 33.10 -9.28
C PRO C 398 30.14 33.56 -8.06
N ILE C 399 31.35 33.06 -7.81
CA ILE C 399 32.12 33.55 -6.67
C ILE C 399 32.51 35.00 -6.88
N THR C 400 32.90 35.34 -8.11
CA THR C 400 33.27 36.70 -8.47
C THR C 400 32.19 37.68 -8.08
N VAL C 401 30.93 37.25 -8.13
CA VAL C 401 29.83 38.13 -7.76
C VAL C 401 29.87 38.42 -6.26
N ILE C 402 30.14 37.38 -5.46
CA ILE C 402 30.22 37.58 -4.02
C ILE C 402 31.38 38.50 -3.68
N ASP C 403 32.49 38.36 -4.42
CA ASP C 403 33.62 39.24 -4.16
C ASP C 403 33.35 40.68 -4.60
N GLU C 404 32.64 40.87 -5.72
CA GLU C 404 32.20 42.21 -6.11
C GLU C 404 31.31 42.81 -5.04
N ILE C 405 30.41 42.00 -4.48
CA ILE C 405 29.53 42.47 -3.42
C ILE C 405 30.35 42.91 -2.22
N ARG C 406 31.26 42.07 -1.75
CA ARG C 406 32.10 42.43 -0.62
C ARG C 406 32.92 43.67 -0.90
N ASP C 407 33.31 43.87 -2.15
CA ASP C 407 33.96 45.11 -2.57
C ASP C 407 33.05 46.29 -2.34
N LEU C 408 31.81 46.19 -2.85
CA LEU C 408 30.86 47.29 -2.75
C LEU C 408 30.49 47.63 -1.32
N LEU C 409 30.45 46.65 -0.43
CA LEU C 409 30.11 46.89 0.95
C LEU C 409 31.29 47.36 1.78
N TYR C 410 32.47 47.51 1.15
CA TYR C 410 33.69 47.86 1.87
C TYR C 410 33.98 46.85 2.97
N ILE C 411 34.01 45.56 2.60
CA ILE C 411 34.22 44.47 3.53
C ILE C 411 35.54 43.81 3.21
N GLY C 412 36.41 43.71 4.22
CA GLY C 412 37.73 43.15 4.01
C GLY C 412 38.64 44.11 3.28
N LYS C 413 38.55 45.39 3.63
CA LYS C 413 39.39 46.41 3.02
C LYS C 413 40.01 47.29 4.09
N ASP C 414 40.18 46.73 5.28
CA ASP C 414 40.68 47.49 6.41
C ASP C 414 41.06 46.51 7.50
N ARG C 415 41.67 47.04 8.55
CA ARG C 415 42.18 46.25 9.65
C ARG C 415 41.45 46.50 10.96
N LYS C 416 41.05 47.75 11.23
CA LYS C 416 40.19 48.05 12.35
C LYS C 416 38.71 48.15 11.95
N ASN C 417 38.41 48.03 10.66
CA ASN C 417 37.03 48.02 10.17
C ASN C 417 36.89 46.93 9.11
N PRO C 418 36.91 45.67 9.51
CA PRO C 418 36.72 44.59 8.53
C PRO C 418 35.28 44.50 8.05
N ARG C 419 34.32 44.90 8.88
CA ARG C 419 32.91 44.99 8.49
C ARG C 419 32.32 43.65 8.09
N GLU C 420 32.84 42.55 8.64
CA GLU C 420 32.30 41.25 8.29
C GLU C 420 30.92 41.04 8.89
N ASP C 421 30.50 41.87 9.85
CA ASP C 421 29.18 41.75 10.42
C ASP C 421 28.09 42.14 9.44
N TYR C 422 28.44 42.84 8.37
CA TYR C 422 27.45 43.45 7.49
C TYR C 422 27.15 42.62 6.26
N LEU C 423 27.59 41.36 6.21
CA LEU C 423 27.24 40.49 5.09
C LEU C 423 27.17 39.06 5.60
N ASP C 424 25.98 38.47 5.51
CA ASP C 424 25.75 37.07 5.81
C ASP C 424 25.21 36.41 4.56
N VAL C 425 25.77 35.25 4.20
CA VAL C 425 25.28 34.45 3.10
C VAL C 425 25.00 33.05 3.62
N TYR C 426 23.74 32.62 3.50
CA TYR C 426 23.28 31.32 3.95
C TYR C 426 22.87 30.52 2.73
N VAL C 427 23.23 29.25 2.70
CA VAL C 427 22.89 28.36 1.59
C VAL C 427 22.21 27.11 2.15
N PHE C 428 21.06 26.79 1.58
CA PHE C 428 20.32 25.57 1.88
C PHE C 428 20.31 24.71 0.63
N GLY C 429 21.05 23.61 0.66
CA GLY C 429 21.07 22.65 -0.43
C GLY C 429 20.09 21.54 -0.15
N VAL C 430 19.42 21.08 -1.20
CA VAL C 430 18.39 20.06 -1.10
C VAL C 430 18.75 18.92 -2.03
N GLY C 431 18.68 17.70 -1.52
CA GLY C 431 18.88 16.54 -2.34
C GLY C 431 20.32 16.09 -2.37
N PRO C 432 20.57 14.95 -2.99
CA PRO C 432 21.94 14.44 -3.08
C PRO C 432 22.74 15.07 -4.21
N LEU C 433 22.05 15.65 -5.17
CA LEU C 433 22.69 16.19 -6.36
C LEU C 433 23.26 17.58 -6.16
N VAL C 434 23.27 18.08 -4.92
CA VAL C 434 23.81 19.41 -4.67
C VAL C 434 25.31 19.32 -4.54
N ASN C 435 26.00 20.35 -5.03
CA ASN C 435 27.45 20.38 -5.03
C ASN C 435 27.92 20.91 -3.68
N GLN C 436 28.43 20.00 -2.84
CA GLN C 436 28.82 20.36 -1.49
C GLN C 436 29.90 21.43 -1.47
N VAL C 437 30.64 21.59 -2.56
CA VAL C 437 31.75 22.54 -2.61
C VAL C 437 31.26 23.91 -3.06
N ASN C 438 30.39 23.93 -4.07
CA ASN C 438 29.91 25.21 -4.59
C ASN C 438 29.08 25.94 -3.56
N ILE C 439 28.26 25.20 -2.81
CA ILE C 439 27.41 25.86 -1.82
C ILE C 439 28.26 26.38 -0.67
N ASN C 440 29.32 25.66 -0.33
CA ASN C 440 30.19 26.11 0.74
C ASN C 440 31.05 27.29 0.33
N ALA C 441 31.37 27.41 -0.96
CA ALA C 441 32.16 28.54 -1.41
C ALA C 441 31.34 29.83 -1.38
N LEU C 442 30.04 29.72 -1.63
CA LEU C 442 29.16 30.88 -1.61
C LEU C 442 28.90 31.33 -0.17
N ALA C 443 28.50 30.40 0.68
CA ALA C 443 28.16 30.71 2.06
C ALA C 443 29.29 31.41 2.77
N SER C 444 28.98 32.04 3.90
CA SER C 444 29.99 32.76 4.67
C SER C 444 30.62 31.84 5.69
N LYS C 445 31.73 32.32 6.26
CA LYS C 445 32.48 31.58 7.26
C LYS C 445 32.70 32.50 8.44
N LYS C 446 31.98 32.26 9.53
CA LYS C 446 32.10 33.07 10.73
C LYS C 446 32.42 32.15 11.91
N ASP C 447 33.22 32.65 12.84
CA ASP C 447 33.61 31.87 14.00
C ASP C 447 32.37 31.54 14.84
N ASN C 448 32.23 30.26 15.19
CA ASN C 448 31.17 29.76 16.03
C ASN C 448 29.82 29.82 15.34
N GLU C 449 29.82 29.97 14.02
CA GLU C 449 28.59 30.06 13.25
C GLU C 449 28.62 29.08 12.08
N GLN C 450 27.45 28.59 11.70
CA GLN C 450 27.31 27.74 10.53
C GLN C 450 26.40 28.41 9.51
N HIS C 451 26.80 28.37 8.24
CA HIS C 451 26.03 29.01 7.19
C HIS C 451 25.68 28.11 6.02
N VAL C 452 26.17 26.89 5.96
CA VAL C 452 25.84 25.97 4.88
C VAL C 452 25.05 24.82 5.47
N PHE C 453 24.02 24.40 4.75
CA PHE C 453 23.21 23.28 5.21
C PHE C 453 22.83 22.43 4.02
N LYS C 454 22.72 21.12 4.26
CA LYS C 454 22.28 20.18 3.24
C LYS C 454 21.21 19.29 3.84
N VAL C 455 20.01 19.36 3.29
CA VAL C 455 18.87 18.58 3.77
C VAL C 455 18.39 17.69 2.63
N LYS C 456 17.53 16.73 2.98
CA LYS C 456 17.32 15.60 2.09
C LYS C 456 16.11 15.77 1.17
N ASP C 457 15.05 16.40 1.65
CA ASP C 457 13.89 16.69 0.83
C ASP C 457 13.56 18.17 0.91
N MET C 458 12.55 18.58 0.16
CA MET C 458 11.91 19.86 0.43
C MET C 458 11.02 19.78 1.66
N GLU C 459 10.54 18.57 1.99
CA GLU C 459 9.78 18.38 3.22
C GLU C 459 10.61 18.71 4.44
N ASN C 460 11.87 18.28 4.45
CA ASN C 460 12.75 18.63 5.56
C ASN C 460 13.05 20.11 5.61
N LEU C 461 13.15 20.77 4.46
CA LEU C 461 13.35 22.20 4.45
C LEU C 461 12.13 22.92 4.99
N GLU C 462 10.93 22.38 4.75
CA GLU C 462 9.74 22.92 5.37
C GLU C 462 9.79 22.76 6.88
N ASP C 463 10.12 21.55 7.33
CA ASP C 463 10.17 21.26 8.76
C ASP C 463 11.20 22.12 9.48
N VAL C 464 12.26 22.55 8.78
CA VAL C 464 13.22 23.46 9.37
C VAL C 464 12.54 24.71 9.88
N PHE C 465 11.78 25.38 9.02
CA PHE C 465 11.15 26.64 9.39
C PHE C 465 9.89 26.43 10.23
N TYR C 466 9.23 25.28 10.11
CA TYR C 466 8.21 24.93 11.09
C TYR C 466 8.80 24.88 12.49
N GLN C 467 9.95 24.21 12.63
CA GLN C 467 10.63 24.13 13.91
C GLN C 467 11.07 25.51 14.39
N MET C 468 11.56 26.34 13.48
CA MET C 468 11.95 27.70 13.83
C MET C 468 10.78 28.52 14.34
N ILE C 469 9.61 28.41 13.70
CA ILE C 469 8.42 29.10 14.16
C ILE C 469 7.96 28.56 15.51
N ASP C 470 8.02 27.25 15.71
CA ASP C 470 7.57 26.65 16.96
C ASP C 470 8.46 27.00 18.14
N GLU C 471 9.56 27.71 17.93
CA GLU C 471 10.59 27.86 18.95
C GLU C 471 10.08 28.46 20.25
N SER C 472 9.39 29.59 20.17
CA SER C 472 9.04 30.36 21.36
C SER C 472 7.53 30.45 21.54
N GLN C 473 6.87 29.31 21.37
CA GLN C 473 5.43 29.26 21.64
C GLN C 473 5.16 29.12 23.12
N SER C 474 5.58 28.01 23.72
CA SER C 474 5.37 27.75 25.12
C SER C 474 6.05 26.45 25.51
N LEU C 475 5.95 26.13 26.80
CA LEU C 475 6.33 24.82 27.30
C LEU C 475 5.17 23.85 27.26
N SER C 476 3.96 24.32 26.99
CA SER C 476 2.79 23.47 26.90
C SER C 476 2.47 23.07 25.47
N LEU C 477 3.30 23.50 24.50
CA LEU C 477 3.17 23.01 23.14
C LEU C 477 3.51 21.52 23.10
N CYS C 478 2.54 20.70 22.72
CA CYS C 478 2.76 19.26 22.76
C CYS C 478 3.76 18.84 21.70
N GLY C 479 4.50 17.77 22.01
CA GLY C 479 5.38 17.17 21.04
C GLY C 479 6.49 18.07 20.54
N MET C 480 6.91 19.03 21.35
CA MET C 480 7.91 20.01 20.94
C MET C 480 9.24 19.66 21.60
N VAL C 481 10.27 19.54 20.77
CA VAL C 481 11.64 19.36 21.24
C VAL C 481 12.52 20.31 20.47
N TRP C 482 13.20 21.19 21.17
CA TRP C 482 14.25 22.00 20.59
C TRP C 482 15.57 21.31 20.88
N GLU C 483 16.23 20.82 19.84
CA GLU C 483 17.52 20.18 19.98
C GLU C 483 18.57 21.24 20.23
N HIS C 484 19.20 21.18 21.40
CA HIS C 484 20.07 22.23 21.87
C HIS C 484 21.53 21.87 21.60
N ARG C 485 22.44 22.70 22.11
CA ARG C 485 23.88 22.48 22.01
C ARG C 485 24.42 21.60 23.12
N LYS C 486 23.76 21.57 24.28
CA LYS C 486 24.28 20.97 25.49
C LYS C 486 23.23 20.08 26.14
N GLY C 487 22.57 19.23 25.35
CA GLY C 487 21.41 18.49 25.81
C GLY C 487 21.72 17.05 26.19
N THR C 488 21.04 16.59 27.24
CA THR C 488 21.17 15.22 27.74
C THR C 488 20.08 14.35 27.13
N ASP C 489 19.87 13.15 27.68
CA ASP C 489 18.92 12.22 27.10
C ASP C 489 17.48 12.71 27.22
N TYR C 490 17.03 12.98 28.44
CA TYR C 490 15.64 13.37 28.64
C TYR C 490 15.34 14.78 28.12
N HIS C 491 16.34 15.51 27.65
CA HIS C 491 16.06 16.73 26.91
C HIS C 491 15.35 16.42 25.60
N LYS C 492 15.63 15.25 25.02
CA LYS C 492 15.15 14.94 23.68
C LYS C 492 13.95 14.01 23.68
N GLN C 493 13.50 13.53 24.85
CA GLN C 493 12.28 12.74 24.98
C GLN C 493 11.59 13.09 26.28
N PRO C 494 11.06 14.32 26.39
CA PRO C 494 10.52 14.77 27.67
C PRO C 494 9.23 14.07 28.07
N TRP C 495 8.52 13.47 27.13
CA TRP C 495 7.26 12.80 27.44
C TRP C 495 7.45 11.47 28.12
N GLN C 496 8.68 10.96 28.20
CA GLN C 496 8.90 9.60 28.64
C GLN C 496 8.63 9.46 30.13
N ALA C 497 8.12 8.29 30.51
CA ALA C 497 7.78 8.00 31.91
C ALA C 497 8.05 6.52 32.14
N LYS C 498 8.94 6.23 33.10
CA LYS C 498 9.28 4.85 33.40
C LYS C 498 8.39 4.32 34.51
N ILE C 499 7.74 3.20 34.25
CA ILE C 499 6.94 2.49 35.24
C ILE C 499 7.71 1.28 35.71
N SER C 500 7.81 1.10 37.02
CA SER C 500 8.44 -0.07 37.59
C SER C 500 7.44 -0.74 38.51
N VAL C 501 7.31 -2.03 38.35
CA VAL C 501 6.38 -2.76 39.13
C VAL C 501 7.15 -3.94 39.58
N ILE C 502 7.19 -4.12 40.89
CA ILE C 502 7.92 -5.19 41.50
C ILE C 502 7.06 -6.28 42.05
N ARG C 503 7.25 -7.50 41.55
CA ARG C 503 6.50 -8.66 41.99
C ARG C 503 7.15 -9.92 41.48
N PRO C 504 7.94 -10.60 42.31
CA PRO C 504 8.55 -11.85 41.87
C PRO C 504 7.72 -13.13 41.78
N SER C 505 6.89 -13.05 40.74
CA SER C 505 6.00 -14.07 40.23
C SER C 505 6.30 -14.15 38.71
N LYS C 506 6.70 -13.00 38.13
CA LYS C 506 7.07 -12.86 36.73
C LYS C 506 8.42 -12.13 36.62
N GLY C 507 8.45 -11.03 37.43
CA GLY C 507 9.69 -10.27 37.44
C GLY C 507 9.52 -8.75 37.39
N HIS C 508 10.75 -8.08 37.69
CA HIS C 508 10.71 -6.62 37.68
C HIS C 508 10.22 -6.11 36.32
N GLU C 509 8.92 -5.86 36.23
CA GLU C 509 8.32 -5.38 34.99
C GLU C 509 8.70 -3.93 34.70
N SER C 510 9.65 -3.74 33.79
CA SER C 510 10.11 -2.41 33.41
C SER C 510 9.25 -1.86 32.28
N CYS C 511 8.25 -1.05 32.62
CA CYS C 511 7.36 -0.47 31.64
C CYS C 511 7.59 1.02 31.46
N MET C 512 7.45 1.50 30.23
CA MET C 512 7.62 2.92 29.92
C MET C 512 6.26 3.61 29.95
N GLY C 513 6.20 4.83 29.43
CA GLY C 513 4.95 5.55 29.40
C GLY C 513 5.11 6.86 28.67
N ALA C 514 3.98 7.57 28.56
CA ALA C 514 3.94 8.86 27.87
C ALA C 514 3.10 9.84 28.69
N VAL C 515 3.67 11.02 28.93
CA VAL C 515 2.97 12.08 29.64
C VAL C 515 2.04 12.79 28.66
N VAL C 516 0.75 12.44 28.70
CA VAL C 516 -0.20 13.07 27.79
C VAL C 516 -0.84 14.32 28.38
N SER C 517 -0.65 14.57 29.67
CA SER C 517 -1.15 15.77 30.30
C SER C 517 -0.46 15.96 31.64
N GLU C 518 -0.90 16.95 32.40
CA GLU C 518 -0.23 17.28 33.65
C GLU C 518 -0.57 16.32 34.77
N TYR C 519 -1.69 15.61 34.67
CA TYR C 519 -2.09 14.67 35.71
C TYR C 519 -2.07 13.22 35.24
N PHE C 520 -1.97 12.97 33.95
CA PHE C 520 -2.14 11.64 33.39
C PHE C 520 -0.86 11.16 32.71
N VAL C 521 -0.71 9.84 32.67
CA VAL C 521 0.39 9.18 31.97
C VAL C 521 -0.17 7.94 31.25
N LEU C 522 0.10 7.83 29.96
CA LEU C 522 -0.45 6.73 29.17
C LEU C 522 0.53 5.58 29.08
N THR C 523 0.03 4.36 29.29
CA THR C 523 0.88 3.18 29.26
C THR C 523 0.07 1.97 28.79
N ALA C 524 0.59 0.77 29.02
CA ALA C 524 -0.05 -0.46 28.58
C ALA C 524 -0.56 -1.20 29.80
N ALA C 525 -1.74 -1.82 29.66
CA ALA C 525 -2.44 -2.37 30.82
C ALA C 525 -1.78 -3.60 31.36
N HIS C 526 -1.12 -4.39 30.51
CA HIS C 526 -0.52 -5.64 30.99
C HIS C 526 0.59 -5.38 31.97
N CYS C 527 1.08 -4.16 32.05
CA CYS C 527 2.10 -3.82 33.04
C CYS C 527 1.57 -4.07 34.44
N PHE C 528 0.28 -3.80 34.65
CA PHE C 528 -0.34 -3.93 35.96
C PHE C 528 -1.26 -5.14 36.01
N THR C 529 -1.57 -5.55 37.24
CA THR C 529 -2.69 -6.40 37.58
C THR C 529 -3.42 -5.77 38.76
N VAL C 530 -4.34 -6.51 39.37
CA VAL C 530 -4.96 -6.05 40.61
C VAL C 530 -4.25 -6.59 41.84
N ASP C 531 -3.42 -7.61 41.67
CA ASP C 531 -2.55 -8.05 42.77
C ASP C 531 -1.47 -7.01 43.04
N ASP C 532 -0.90 -6.43 41.98
CA ASP C 532 0.04 -5.33 42.10
C ASP C 532 -0.61 -4.18 42.85
N LYS C 533 -0.13 -3.90 44.04
CA LYS C 533 -0.77 -2.94 44.90
C LYS C 533 -0.09 -1.58 44.72
N GLU C 534 -0.79 -0.52 45.10
CA GLU C 534 -0.31 0.82 44.75
C GLU C 534 1.05 1.16 45.36
N HIS C 535 1.54 0.36 46.30
CA HIS C 535 2.86 0.63 46.87
C HIS C 535 3.92 -0.20 46.16
N SER C 536 3.61 -0.68 44.97
CA SER C 536 4.58 -1.38 44.14
C SER C 536 4.75 -0.77 42.76
N ILE C 537 3.89 0.16 42.35
CA ILE C 537 3.99 0.81 41.06
C ILE C 537 4.67 2.16 41.27
N LYS C 538 5.82 2.35 40.63
CA LYS C 538 6.58 3.59 40.78
C LYS C 538 6.82 4.20 39.41
N VAL C 539 6.37 5.43 39.22
CA VAL C 539 6.45 6.14 37.95
C VAL C 539 7.46 7.27 38.10
N SER C 540 8.36 7.40 37.14
CA SER C 540 9.37 8.44 37.14
C SER C 540 9.38 9.18 35.82
N VAL C 541 9.43 10.51 35.90
CA VAL C 541 9.43 11.34 34.71
C VAL C 541 10.54 12.39 34.75
N GLY C 542 11.06 12.74 33.57
CA GLY C 542 12.12 13.72 33.46
C GLY C 542 13.48 13.16 33.84
N GLY C 543 13.60 11.83 33.81
CA GLY C 543 14.84 11.17 34.15
C GLY C 543 15.33 11.55 35.53
N GLU C 544 14.42 11.53 36.50
CA GLU C 544 14.75 11.88 37.87
C GLU C 544 14.80 10.65 38.75
N LYS C 545 15.04 10.86 40.05
CA LYS C 545 15.11 9.76 41.01
C LYS C 545 13.81 9.62 41.79
N ARG C 546 13.09 10.73 41.94
CA ARG C 546 11.84 10.72 42.67
C ARG C 546 10.76 9.97 41.91
N ASP C 547 10.02 9.13 42.62
CA ASP C 547 8.87 8.43 42.09
C ASP C 547 7.61 9.23 42.42
N LEU C 548 6.60 9.08 41.58
CA LEU C 548 5.41 9.89 41.68
C LEU C 548 4.31 9.16 42.45
N GLU C 549 3.21 9.86 42.67
CA GLU C 549 2.12 9.39 43.51
C GLU C 549 0.89 9.19 42.65
N ILE C 550 0.26 8.03 42.75
CA ILE C 550 -0.80 7.62 41.86
C ILE C 550 -2.15 7.74 42.57
N GLU C 551 -3.12 8.34 41.89
CA GLU C 551 -4.49 8.31 42.36
C GLU C 551 -5.19 7.02 41.99
N VAL C 552 -5.37 6.77 40.70
CA VAL C 552 -6.00 5.56 40.19
C VAL C 552 -5.33 5.21 38.87
N VAL C 553 -5.27 3.91 38.57
CA VAL C 553 -4.84 3.43 37.27
C VAL C 553 -6.05 2.85 36.57
N LEU C 554 -6.46 3.48 35.48
CA LEU C 554 -7.67 3.13 34.76
C LEU C 554 -7.29 2.26 33.56
N PHE C 555 -7.83 1.05 33.53
CA PHE C 555 -7.64 0.16 32.40
C PHE C 555 -8.83 0.27 31.47
N HIS C 556 -8.58 0.06 30.19
CA HIS C 556 -9.66 0.12 29.21
C HIS C 556 -10.77 -0.85 29.61
N PRO C 557 -12.04 -0.44 29.51
CA PRO C 557 -13.12 -1.31 29.97
C PRO C 557 -13.24 -2.59 29.18
N ASN C 558 -12.63 -2.67 28.00
CA ASN C 558 -12.70 -3.86 27.16
C ASN C 558 -11.40 -4.66 27.19
N TYR C 559 -10.61 -4.49 28.24
CA TYR C 559 -9.35 -5.21 28.36
C TYR C 559 -9.52 -6.46 29.19
N ASN C 560 -8.91 -7.54 28.71
CA ASN C 560 -8.84 -8.79 29.47
C ASN C 560 -7.72 -9.65 28.91
N ILE C 561 -6.66 -9.87 29.68
CA ILE C 561 -5.59 -10.75 29.23
C ILE C 561 -5.94 -12.21 29.46
N ASN C 562 -6.96 -12.50 30.26
CA ASN C 562 -7.41 -13.86 30.47
C ASN C 562 -8.39 -14.23 29.38
N GLY C 563 -8.30 -13.53 28.25
CA GLY C 563 -8.95 -13.93 27.02
C GLY C 563 -10.42 -14.26 27.12
N LYS C 564 -10.92 -15.24 26.36
CA LYS C 564 -10.18 -16.16 25.46
C LYS C 564 -9.10 -16.97 26.14
N LYS C 565 -9.41 -17.56 27.29
CA LYS C 565 -8.49 -18.46 27.97
C LYS C 565 -8.88 -19.91 27.76
N GLU C 566 -10.13 -20.26 28.07
CA GLU C 566 -10.63 -21.60 27.79
C GLU C 566 -10.91 -21.81 26.32
N ALA C 567 -10.51 -20.89 25.45
CA ALA C 567 -10.52 -21.10 24.02
C ALA C 567 -9.15 -21.49 23.49
N GLY C 568 -8.14 -21.59 24.35
CA GLY C 568 -6.83 -22.02 23.94
C GLY C 568 -5.84 -20.92 23.62
N ILE C 569 -6.01 -19.74 24.20
CA ILE C 569 -5.07 -18.64 23.98
C ILE C 569 -4.62 -18.10 25.33
N PRO C 570 -3.33 -18.08 25.61
CA PRO C 570 -2.87 -17.62 26.93
C PRO C 570 -3.18 -16.16 27.21
N GLU C 571 -2.71 -15.27 26.34
CA GLU C 571 -2.83 -13.84 26.53
C GLU C 571 -3.59 -13.20 25.37
N PHE C 572 -4.57 -12.37 25.71
CA PHE C 572 -5.37 -11.63 24.74
C PHE C 572 -5.13 -10.16 25.00
N TYR C 573 -4.30 -9.53 24.17
CA TYR C 573 -3.86 -8.16 24.41
C TYR C 573 -4.77 -7.12 23.76
N ASP C 574 -6.04 -7.43 23.53
CA ASP C 574 -6.92 -6.46 22.90
C ASP C 574 -7.26 -5.36 23.88
N TYR C 575 -7.20 -4.12 23.39
CA TYR C 575 -7.46 -2.93 24.20
C TYR C 575 -6.51 -2.87 25.39
N ASP C 576 -5.22 -2.98 25.08
CA ASP C 576 -4.17 -2.99 26.10
C ASP C 576 -3.60 -1.60 26.27
N VAL C 577 -4.39 -0.74 26.91
CA VAL C 577 -3.99 0.61 27.25
C VAL C 577 -4.45 0.90 28.67
N ALA C 578 -3.65 1.70 29.37
CA ALA C 578 -3.96 2.12 30.72
C ALA C 578 -3.59 3.58 30.90
N LEU C 579 -4.26 4.24 31.83
CA LEU C 579 -4.01 5.63 32.16
C LEU C 579 -3.73 5.75 33.64
N ILE C 580 -2.59 6.30 33.99
CA ILE C 580 -2.20 6.54 35.37
C ILE C 580 -2.58 7.97 35.71
N LYS C 581 -3.42 8.15 36.71
CA LYS C 581 -3.77 9.49 37.19
C LYS C 581 -2.84 9.84 38.33
N LEU C 582 -1.98 10.83 38.11
CA LEU C 582 -1.09 11.27 39.16
C LEU C 582 -1.85 12.09 40.19
N LYS C 583 -1.46 11.94 41.45
CA LYS C 583 -2.12 12.69 42.52
C LYS C 583 -1.73 14.15 42.44
N ASN C 584 -0.44 14.43 42.41
CA ASN C 584 0.00 15.80 42.29
C ASN C 584 -0.06 16.22 40.82
N LYS C 585 0.33 17.47 40.58
CA LYS C 585 0.43 17.99 39.23
C LYS C 585 1.87 17.85 38.73
N LEU C 586 2.03 17.85 37.41
CA LEU C 586 3.35 17.81 36.81
C LEU C 586 3.80 19.22 36.44
N LYS C 587 5.08 19.48 36.65
CA LYS C 587 5.69 20.78 36.42
C LYS C 587 6.39 20.76 35.08
N TYR C 588 5.68 21.17 34.04
CA TYR C 588 6.26 21.20 32.70
C TYR C 588 7.53 22.03 32.71
N GLY C 589 8.58 21.48 32.11
CA GLY C 589 9.84 22.19 32.02
C GLY C 589 10.66 21.77 30.82
N GLN C 590 11.96 22.00 30.89
CA GLN C 590 12.86 21.56 29.84
C GLN C 590 13.09 20.05 29.87
N THR C 591 12.53 19.36 30.86
CA THR C 591 12.64 17.91 30.97
C THR C 591 11.32 17.20 31.09
N ILE C 592 10.24 17.89 31.42
CA ILE C 592 8.90 17.31 31.46
C ILE C 592 8.04 18.14 30.52
N ARG C 593 7.48 17.48 29.51
CA ARG C 593 6.64 18.13 28.52
C ARG C 593 5.69 17.08 27.98
N PRO C 594 4.52 17.48 27.50
CA PRO C 594 3.54 16.51 27.03
C PRO C 594 3.80 16.08 25.60
N ILE C 595 3.11 15.03 25.20
CA ILE C 595 3.17 14.52 23.84
C ILE C 595 1.81 14.71 23.20
N CYS C 596 1.81 14.91 21.89
CA CYS C 596 0.55 15.13 21.19
C CYS C 596 -0.22 13.82 21.05
N LEU C 597 -1.53 13.92 21.14
CA LEU C 597 -2.44 12.80 20.99
C LEU C 597 -3.26 12.95 19.72
N PRO C 598 -3.80 11.86 19.20
CA PRO C 598 -4.57 11.94 17.97
C PRO C 598 -5.95 12.54 18.20
N CYS C 599 -6.42 13.23 17.15
CA CYS C 599 -7.76 13.82 17.12
C CYS C 599 -7.97 14.81 18.26
N THR C 600 -6.94 15.59 18.55
CA THR C 600 -7.03 16.79 19.37
C THR C 600 -6.62 17.98 18.50
N GLU C 601 -7.17 19.16 18.80
CA GLU C 601 -6.79 20.33 18.03
C GLU C 601 -5.32 20.67 18.19
N GLY C 602 -4.67 20.19 19.25
CA GLY C 602 -3.24 20.38 19.35
C GLY C 602 -2.49 19.70 18.23
N THR C 603 -2.90 18.49 17.87
CA THR C 603 -2.29 17.78 16.76
C THR C 603 -2.68 18.41 15.42
N THR C 604 -3.89 18.95 15.32
CA THR C 604 -4.26 19.68 14.12
C THR C 604 -3.40 20.91 13.93
N ARG C 605 -3.07 21.59 15.02
CA ARG C 605 -2.18 22.75 14.92
C ARG C 605 -0.73 22.32 14.74
N ALA C 606 -0.39 21.11 15.16
CA ALA C 606 0.95 20.59 14.93
C ALA C 606 1.12 20.16 13.48
N LEU C 607 0.11 19.51 12.92
CA LEU C 607 0.17 19.09 11.53
C LEU C 607 -0.08 20.22 10.55
N ARG C 608 -0.18 21.46 11.04
CA ARG C 608 -0.38 22.65 10.23
C ARG C 608 -1.60 22.50 9.31
N LEU C 609 -2.75 22.33 9.95
CA LEU C 609 -4.01 22.10 9.26
C LEU C 609 -5.04 23.11 9.71
N PRO C 610 -6.07 23.35 8.91
CA PRO C 610 -7.12 24.29 9.30
C PRO C 610 -7.90 23.76 10.48
N PRO C 611 -8.52 24.64 11.27
CA PRO C 611 -9.22 24.20 12.48
C PRO C 611 -10.44 23.34 12.20
N THR C 612 -10.90 23.34 10.96
CA THR C 612 -12.03 22.53 10.54
C THR C 612 -11.49 21.25 9.90
N THR C 613 -10.85 20.43 10.73
CA THR C 613 -10.21 19.19 10.26
C THR C 613 -10.77 18.03 11.08
N THR C 614 -11.34 17.05 10.39
CA THR C 614 -11.93 15.91 11.05
C THR C 614 -10.85 14.92 11.47
N CYS C 615 -11.14 14.18 12.55
CA CYS C 615 -10.26 13.15 13.07
C CYS C 615 -9.88 12.14 11.99
N GLN C 616 -10.74 11.98 10.98
CA GLN C 616 -10.44 11.06 9.88
C GLN C 616 -9.31 11.61 9.02
N GLN C 617 -9.26 12.91 8.83
CA GLN C 617 -8.15 13.51 8.11
C GLN C 617 -6.85 13.43 8.88
N GLN C 618 -6.90 13.62 10.19
CA GLN C 618 -5.74 13.35 11.02
C GLN C 618 -5.28 11.91 10.86
N LYS C 619 -6.23 10.98 10.71
CA LYS C 619 -5.87 9.59 10.48
C LYS C 619 -5.15 9.43 9.15
N GLU C 620 -5.74 9.94 8.08
CA GLU C 620 -5.19 9.78 6.75
C GLU C 620 -3.88 10.53 6.54
N GLU C 621 -3.52 11.45 7.43
CA GLU C 621 -2.20 12.07 7.39
C GLU C 621 -1.20 11.40 8.33
N LEU C 622 -1.66 10.94 9.50
CA LEU C 622 -0.77 10.26 10.43
C LEU C 622 -0.62 8.79 10.05
N LEU C 623 -1.72 8.13 9.71
CA LEU C 623 -1.72 6.71 9.40
C LEU C 623 -2.40 6.46 8.05
N PRO C 624 -1.70 6.72 6.94
CA PRO C 624 -2.23 6.32 5.65
C PRO C 624 -1.96 4.85 5.35
N ALA C 625 -2.45 4.37 4.21
CA ALA C 625 -2.23 2.98 3.82
C ALA C 625 -0.86 2.84 3.17
N GLN C 626 0.18 2.89 3.99
CA GLN C 626 1.55 2.92 3.50
C GLN C 626 2.48 2.26 4.51
N ASP C 627 3.75 2.60 4.44
CA ASP C 627 4.78 2.06 5.31
C ASP C 627 5.28 3.18 6.23
N ILE C 628 4.35 3.85 6.89
CA ILE C 628 4.57 5.01 7.74
C ILE C 628 5.80 4.86 8.63
N LYS C 629 6.67 5.87 8.60
CA LYS C 629 7.91 5.87 9.37
C LYS C 629 7.64 6.40 10.76
N ALA C 630 7.54 5.50 11.73
CA ALA C 630 7.31 5.83 13.11
C ALA C 630 8.63 5.74 13.88
N LEU C 631 8.56 5.85 15.21
CA LEU C 631 9.72 5.64 16.05
C LEU C 631 9.32 5.35 17.48
N PHE C 632 10.28 4.95 18.31
CA PHE C 632 10.06 4.77 19.73
C PHE C 632 11.39 4.95 20.45
N VAL C 633 11.35 4.86 21.76
CA VAL C 633 12.51 5.12 22.61
C VAL C 633 12.81 3.87 23.41
N SER C 634 14.10 3.58 23.61
CA SER C 634 14.51 2.32 24.20
C SER C 634 15.42 2.54 25.41
N GLU C 635 15.27 1.67 26.40
CA GLU C 635 16.22 1.61 27.51
C GLU C 635 17.47 0.88 27.06
N GLU C 636 18.62 1.53 27.15
CA GLU C 636 19.88 0.86 26.83
C GLU C 636 20.95 1.32 27.81
N GLU C 637 21.09 0.60 28.92
CA GLU C 637 22.07 0.94 29.96
C GLU C 637 21.88 2.38 30.44
N LYS C 638 20.65 2.68 30.82
CA LYS C 638 20.18 4.01 31.23
C LYS C 638 20.39 5.07 30.14
N LYS C 639 20.67 4.64 28.91
CA LYS C 639 20.66 5.50 27.75
C LYS C 639 19.26 5.50 27.14
N LEU C 640 18.85 6.67 26.65
CA LEU C 640 17.56 6.85 25.98
C LEU C 640 17.84 7.10 24.52
N THR C 641 17.79 6.04 23.72
CA THR C 641 18.03 6.15 22.29
C THR C 641 16.74 5.98 21.51
N ARG C 642 16.64 6.69 20.39
CA ARG C 642 15.47 6.64 19.52
C ARG C 642 15.69 5.55 18.48
N LYS C 643 14.91 4.48 18.58
CA LYS C 643 14.90 3.47 17.54
C LYS C 643 13.80 3.81 16.55
N GLU C 644 14.11 3.70 15.27
CA GLU C 644 13.22 4.18 14.22
C GLU C 644 12.69 3.01 13.42
N VAL C 645 11.37 2.85 13.39
CA VAL C 645 10.73 1.70 12.76
C VAL C 645 9.76 2.16 11.70
N TYR C 646 9.09 1.20 11.06
CA TYR C 646 8.12 1.47 10.01
C TYR C 646 6.87 0.67 10.28
N ILE C 647 5.71 1.30 10.12
CA ILE C 647 4.44 0.65 10.40
C ILE C 647 3.91 0.09 9.09
N LYS C 648 3.80 -1.23 9.02
CA LYS C 648 3.33 -1.91 7.82
C LYS C 648 1.81 -1.80 7.77
N ASN C 649 1.31 -0.76 7.12
CA ASN C 649 -0.12 -0.53 7.04
C ASN C 649 -0.65 -0.50 5.61
N GLY C 650 0.19 -0.70 4.62
CA GLY C 650 -0.28 -0.72 3.24
C GLY C 650 -0.56 -2.12 2.77
N ASP C 651 0.27 -2.62 1.88
CA ASP C 651 0.12 -3.97 1.37
C ASP C 651 0.86 -5.02 2.17
N LYS C 652 1.73 -4.61 3.09
CA LYS C 652 2.46 -5.56 3.92
C LYS C 652 1.78 -5.84 5.24
N LYS C 653 0.58 -5.30 5.45
CA LYS C 653 -0.07 -5.42 6.76
C LYS C 653 -0.42 -6.86 7.08
N GLY C 654 -1.03 -7.57 6.13
CA GLY C 654 -1.34 -8.97 6.36
C GLY C 654 -0.11 -9.83 6.53
N SER C 655 0.96 -9.52 5.78
CA SER C 655 2.21 -10.23 5.95
C SER C 655 2.79 -10.03 7.34
N CYS C 656 2.54 -8.86 7.94
CA CYS C 656 2.99 -8.61 9.30
C CYS C 656 2.15 -9.39 10.29
N GLU C 657 0.83 -9.27 10.19
CA GLU C 657 -0.05 -9.98 11.11
C GLU C 657 0.10 -11.49 10.99
N ARG C 658 0.58 -11.93 9.84
CA ARG C 658 0.78 -13.37 9.59
C ARG C 658 1.97 -13.91 10.38
N ASP C 659 2.77 -13.02 10.94
CA ASP C 659 3.94 -13.41 11.71
C ASP C 659 3.65 -13.35 13.20
N ALA C 660 2.42 -13.64 13.59
CA ALA C 660 2.02 -13.62 14.99
C ALA C 660 1.93 -15.02 15.56
N GLN C 661 1.90 -15.93 14.60
CA GLN C 661 1.79 -17.33 14.80
C GLN C 661 2.89 -17.70 15.67
N TYR C 662 4.11 -17.36 15.30
CA TYR C 662 5.21 -17.78 16.15
C TYR C 662 5.22 -17.36 17.61
N ALA C 663 4.60 -16.26 17.99
CA ALA C 663 4.57 -15.83 19.35
C ALA C 663 3.95 -16.86 20.25
N PRO C 664 4.42 -16.92 21.48
CA PRO C 664 4.11 -17.93 22.50
C PRO C 664 2.61 -18.20 22.60
N GLY C 665 2.26 -19.48 22.61
CA GLY C 665 0.87 -19.87 22.74
C GLY C 665 0.02 -19.58 21.52
N TYR C 666 0.64 -19.20 20.40
CA TYR C 666 -0.10 -18.84 19.21
C TYR C 666 0.15 -19.77 18.03
N ASP C 667 0.90 -20.85 18.21
CA ASP C 667 1.31 -21.66 17.06
C ASP C 667 0.21 -22.59 16.57
N LYS C 668 -0.92 -22.67 17.27
CA LYS C 668 -2.02 -23.53 16.85
C LYS C 668 -3.34 -22.76 16.76
N VAL C 669 -3.31 -21.43 16.73
CA VAL C 669 -4.54 -20.66 16.61
C VAL C 669 -4.97 -20.67 15.14
N LYS C 670 -6.19 -21.11 14.89
CA LYS C 670 -6.69 -21.25 13.52
C LYS C 670 -6.77 -19.90 12.84
N ASP C 671 -7.44 -18.94 13.46
CA ASP C 671 -7.63 -17.61 12.90
C ASP C 671 -6.70 -16.64 13.60
N ILE C 672 -5.81 -16.02 12.84
CA ILE C 672 -4.80 -15.14 13.41
C ILE C 672 -5.40 -13.78 13.72
N SER C 673 -6.60 -13.52 13.20
CA SER C 673 -7.33 -12.30 13.48
C SER C 673 -8.12 -12.39 14.77
N GLU C 674 -7.93 -13.47 15.53
CA GLU C 674 -8.48 -13.58 16.87
C GLU C 674 -7.50 -13.13 17.93
N VAL C 675 -6.25 -12.83 17.55
CA VAL C 675 -5.24 -12.37 18.49
C VAL C 675 -4.68 -11.03 18.00
N VAL C 676 -4.79 -10.78 16.71
CA VAL C 676 -4.33 -9.54 16.10
C VAL C 676 -5.56 -8.83 15.56
N THR C 677 -6.06 -7.88 16.33
CA THR C 677 -7.36 -7.26 16.13
C THR C 677 -7.23 -5.89 15.48
N PRO C 678 -8.33 -5.29 15.00
CA PRO C 678 -8.22 -4.01 14.30
C PRO C 678 -7.63 -2.87 15.12
N ARG C 679 -7.36 -3.12 16.40
CA ARG C 679 -6.73 -2.14 17.26
C ARG C 679 -5.24 -2.37 17.37
N PHE C 680 -4.61 -2.84 16.31
CA PHE C 680 -3.18 -3.14 16.32
C PHE C 680 -2.53 -2.61 15.07
N LEU C 681 -1.37 -1.98 15.25
CA LEU C 681 -0.43 -1.66 14.20
C LEU C 681 0.79 -2.55 14.35
N CYS C 682 1.40 -2.89 13.22
CA CYS C 682 2.49 -3.84 13.20
C CYS C 682 3.75 -3.19 12.65
N THR C 683 4.86 -3.37 13.37
CA THR C 683 6.17 -2.97 12.88
C THR C 683 7.11 -4.15 12.98
N GLY C 684 8.32 -3.97 12.47
CA GLY C 684 9.33 -5.00 12.54
C GLY C 684 9.51 -5.72 11.22
N GLY C 685 10.47 -6.63 11.21
CA GLY C 685 10.73 -7.40 10.01
C GLY C 685 11.95 -6.93 9.26
N VAL C 686 12.09 -7.39 8.01
CA VAL C 686 13.26 -7.10 7.19
C VAL C 686 12.80 -6.54 5.86
N SER C 687 11.59 -6.00 5.83
CA SER C 687 11.05 -5.43 4.60
C SER C 687 10.11 -4.28 4.92
N PRO C 688 10.28 -3.11 4.32
CA PRO C 688 11.28 -2.84 3.30
C PRO C 688 12.66 -2.52 3.87
N TYR C 689 12.76 -2.47 5.19
CA TYR C 689 14.01 -2.16 5.85
C TYR C 689 14.16 -3.05 7.08
N ALA C 690 15.39 -3.13 7.57
CA ALA C 690 15.69 -3.92 8.76
C ALA C 690 15.28 -3.11 9.99
N ASP C 691 14.06 -3.35 10.45
CA ASP C 691 13.54 -2.62 11.60
C ASP C 691 14.24 -3.08 12.88
N PRO C 692 14.42 -2.18 13.83
CA PRO C 692 14.82 -2.60 15.18
C PRO C 692 13.61 -3.03 15.99
N ASN C 693 13.82 -4.04 16.81
CA ASN C 693 12.73 -4.58 17.60
C ASN C 693 12.66 -3.89 18.96
N THR C 694 11.62 -4.22 19.71
CA THR C 694 11.38 -3.63 21.01
C THR C 694 11.98 -4.50 22.11
N CYS C 695 12.23 -3.88 23.25
CA CYS C 695 12.77 -4.59 24.39
C CYS C 695 11.67 -4.92 25.38
N ARG C 696 12.01 -5.78 26.35
CA ARG C 696 11.06 -6.12 27.39
C ARG C 696 10.65 -4.91 28.21
N GLY C 697 11.56 -3.97 28.41
CA GLY C 697 11.26 -2.76 29.13
C GLY C 697 10.73 -1.63 28.31
N ASP C 698 10.79 -1.76 26.99
CA ASP C 698 10.20 -0.76 26.10
C ASP C 698 8.69 -0.90 25.97
N SER C 699 8.09 -1.83 26.69
CA SER C 699 6.65 -2.05 26.62
C SER C 699 5.92 -0.89 27.27
N GLY C 700 4.80 -0.50 26.67
CA GLY C 700 3.99 0.59 27.17
C GLY C 700 4.37 1.95 26.65
N GLY C 701 5.58 2.09 26.10
CA GLY C 701 6.04 3.36 25.59
C GLY C 701 5.28 3.81 24.37
N PRO C 702 5.39 5.09 24.05
CA PRO C 702 4.66 5.62 22.90
C PRO C 702 5.29 5.19 21.60
N LEU C 703 4.44 4.93 20.61
CA LEU C 703 4.84 4.73 19.23
C LEU C 703 4.59 6.04 18.52
N ILE C 704 5.64 6.75 18.19
CA ILE C 704 5.57 8.15 17.80
C ILE C 704 5.77 8.29 16.30
N VAL C 705 5.01 9.20 15.72
CA VAL C 705 5.17 9.65 14.34
C VAL C 705 5.72 11.07 14.39
N HIS C 706 6.79 11.30 13.65
CA HIS C 706 7.52 12.57 13.67
C HIS C 706 7.17 13.32 12.39
N LYS C 707 6.30 14.32 12.50
CA LYS C 707 5.83 15.05 11.35
C LYS C 707 5.74 16.53 11.65
N ARG C 708 6.07 17.33 10.64
CA ARG C 708 6.19 18.77 10.71
C ARG C 708 6.89 19.20 11.99
N SER C 709 8.01 18.53 12.31
CA SER C 709 8.88 18.84 13.43
C SER C 709 8.20 18.69 14.77
N ARG C 710 7.10 17.93 14.85
CA ARG C 710 6.44 17.63 16.10
C ARG C 710 6.23 16.13 16.22
N PHE C 711 6.07 15.66 17.45
CA PHE C 711 5.99 14.24 17.77
C PHE C 711 4.57 13.92 18.21
N ILE C 712 3.86 13.11 17.42
CA ILE C 712 2.50 12.71 17.71
C ILE C 712 2.48 11.24 18.09
N GLN C 713 1.84 10.90 19.18
CA GLN C 713 1.74 9.50 19.59
C GLN C 713 0.57 8.84 18.88
N VAL C 714 0.84 7.73 18.20
CA VAL C 714 -0.21 7.01 17.49
C VAL C 714 -0.42 5.60 18.01
N GLY C 715 0.44 5.11 18.90
CA GLY C 715 0.31 3.76 19.39
C GLY C 715 0.92 3.58 20.76
N VAL C 716 0.54 2.49 21.41
CA VAL C 716 1.12 2.05 22.67
C VAL C 716 1.73 0.67 22.45
N ILE C 717 3.01 0.53 22.79
CA ILE C 717 3.68 -0.74 22.57
C ILE C 717 3.05 -1.80 23.45
N SER C 718 2.63 -2.91 22.85
CA SER C 718 1.86 -3.91 23.57
C SER C 718 2.58 -5.24 23.72
N TRP C 719 2.98 -5.87 22.62
CA TRP C 719 3.61 -7.17 22.69
C TRP C 719 4.47 -7.40 21.45
N GLY C 720 5.23 -8.49 21.51
CA GLY C 720 6.11 -8.85 20.42
C GLY C 720 6.10 -10.35 20.18
N VAL C 721 6.43 -10.72 18.95
CA VAL C 721 6.43 -12.14 18.58
C VAL C 721 7.54 -12.87 19.32
N VAL C 722 8.76 -12.35 19.26
CA VAL C 722 9.91 -12.99 19.88
C VAL C 722 10.69 -11.94 20.67
N ASP C 723 11.07 -12.29 21.89
CA ASP C 723 11.89 -11.42 22.72
C ASP C 723 13.37 -11.65 22.45
N VAL C 724 13.99 -10.67 21.81
CA VAL C 724 15.37 -10.80 21.36
C VAL C 724 16.14 -9.53 21.72
N CYS C 725 15.72 -8.89 22.81
CA CYS C 725 15.88 -7.44 22.96
C CYS C 725 17.32 -6.96 22.84
N LYS C 726 18.24 -7.52 23.63
CA LYS C 726 19.62 -7.00 23.72
C LYS C 726 20.51 -7.66 22.67
N ASN C 727 20.31 -7.30 21.40
CA ASN C 727 20.97 -8.03 20.33
C ASN C 727 21.59 -7.20 19.21
N LYS C 732 23.47 -10.32 16.15
CA LYS C 732 22.21 -9.68 15.87
C LYS C 732 21.49 -10.41 14.75
N GLN C 733 21.92 -11.62 14.46
CA GLN C 733 21.12 -12.50 13.66
C GLN C 733 19.81 -12.59 14.39
N VAL C 734 18.78 -11.98 13.82
CA VAL C 734 17.46 -11.96 14.40
C VAL C 734 16.52 -12.39 13.31
N PRO C 735 15.46 -13.11 13.65
CA PRO C 735 14.51 -13.64 12.67
C PRO C 735 13.73 -12.55 11.97
N ALA C 736 13.18 -12.93 10.81
CA ALA C 736 12.40 -12.02 9.98
C ALA C 736 10.91 -12.04 10.33
N HIS C 737 10.49 -12.99 11.16
CA HIS C 737 9.16 -12.98 11.74
C HIS C 737 9.12 -12.21 13.05
N ALA C 738 10.21 -11.55 13.41
CA ALA C 738 10.29 -10.78 14.65
C ALA C 738 9.57 -9.46 14.42
N ARG C 739 8.28 -9.46 14.74
CA ARG C 739 7.45 -8.29 14.63
C ARG C 739 7.04 -7.81 16.01
N ASP C 740 6.49 -6.60 16.05
CA ASP C 740 5.98 -5.99 17.27
C ASP C 740 4.63 -5.38 16.96
N PHE C 741 3.70 -5.50 17.92
CA PHE C 741 2.36 -4.97 17.75
C PHE C 741 2.10 -3.89 18.78
N HIS C 742 1.34 -2.89 18.36
CA HIS C 742 1.08 -1.71 19.18
C HIS C 742 -0.40 -1.41 19.11
N ILE C 743 -0.97 -0.90 20.20
CA ILE C 743 -2.37 -0.54 20.21
C ILE C 743 -2.54 0.77 19.46
N ASN C 744 -3.42 0.77 18.46
CA ASN C 744 -3.72 1.98 17.70
C ASN C 744 -4.56 2.91 18.56
N LEU C 745 -4.06 4.13 18.79
CA LEU C 745 -4.77 5.06 19.64
C LEU C 745 -5.99 5.67 18.95
N PHE C 746 -6.13 5.47 17.64
CA PHE C 746 -7.35 5.90 16.96
C PHE C 746 -8.49 4.94 17.23
N GLN C 747 -8.21 3.74 17.69
CA GLN C 747 -9.25 2.76 17.89
C GLN C 747 -9.80 2.80 19.30
N VAL C 748 -9.09 3.44 20.23
CA VAL C 748 -9.49 3.51 21.62
C VAL C 748 -9.81 4.96 21.97
N LEU C 749 -10.26 5.71 20.99
CA LEU C 749 -10.47 7.14 21.14
C LEU C 749 -11.64 7.51 22.04
N PRO C 750 -12.79 6.83 21.98
CA PRO C 750 -13.87 7.18 22.92
C PRO C 750 -13.46 7.07 24.38
N TRP C 751 -12.70 6.04 24.72
CA TRP C 751 -12.23 5.90 26.10
C TRP C 751 -11.31 7.05 26.47
N LEU C 752 -10.36 7.37 25.60
CA LEU C 752 -9.44 8.48 25.87
C LEU C 752 -10.18 9.80 26.04
N LYS C 753 -11.14 10.06 25.17
CA LYS C 753 -11.90 11.30 25.24
C LYS C 753 -12.72 11.36 26.54
N GLU C 754 -13.35 10.25 26.91
CA GLU C 754 -14.12 10.22 28.14
C GLU C 754 -13.23 10.45 29.36
N LYS C 755 -12.03 9.88 29.36
CA LYS C 755 -11.20 9.93 30.56
C LYS C 755 -10.36 11.18 30.67
N LEU C 756 -10.09 11.88 29.57
CA LEU C 756 -9.27 13.08 29.60
C LEU C 756 -10.07 14.34 29.27
N GLN C 757 -11.39 14.30 29.45
CA GLN C 757 -12.27 15.40 29.07
C GLN C 757 -11.93 16.69 29.78
N ASP C 758 -11.28 16.59 30.93
CA ASP C 758 -10.98 17.75 31.76
C ASP C 758 -9.48 17.99 31.85
N GLU C 759 -8.77 17.87 30.73
CA GLU C 759 -7.35 18.11 30.70
C GLU C 759 -6.94 19.15 29.66
N ASP C 760 -7.89 19.88 29.09
CA ASP C 760 -7.63 20.99 28.18
C ASP C 760 -6.95 20.52 26.90
N LEU C 761 -7.19 19.28 26.50
CA LEU C 761 -6.62 18.77 25.26
C LEU C 761 -7.44 19.15 24.04
N GLY C 762 -8.62 19.72 24.21
CA GLY C 762 -9.43 20.17 23.10
C GLY C 762 -9.71 19.09 22.09
N PHE C 763 -10.18 17.94 22.57
CA PHE C 763 -10.41 16.80 21.70
C PHE C 763 -11.39 17.16 20.60
N LEU C 764 -11.17 16.59 19.43
CA LEU C 764 -12.02 16.85 18.27
C LEU C 764 -13.30 16.04 18.39
#